data_8TD5
#
_entry.id   8TD5
#
_cell.length_a   110.472
_cell.length_b   179.977
_cell.length_c   87.816
_cell.angle_alpha   90.00
_cell.angle_beta   106.82
_cell.angle_gamma   90.00
#
_symmetry.space_group_name_H-M   'C 1 2 1'
#
loop_
_entity.id
_entity.type
_entity.pdbx_description
1 polymer 'Pyrroline-5-carboxylate reductase 1, mitochondrial'
2 non-polymer '1,4-DIHYDRONICOTINAMIDE ADENINE DINUCLEOTIDE'
3 non-polymer '(2R)-thiolane-2-carboxylic acid'
4 non-polymer 'SULFATE ION'
5 water water
#
_entity_poly.entity_id   1
_entity_poly.type   'polypeptide(L)'
_entity_poly.pdbx_seq_one_letter_code
;MHHHHHHSSGVDLGTENLYFQSMSVGFIGAGQLAFALAKGFTAAGVLAAHKIMASSPDMDLATVSALRKMGVKLTPHNKE
TVQHSDVLFLAVKPHIIPFILDEIGADIEDRHIVVSCAAGVTISSIEKKLSAFRPAPRVIRCMTNTPVVVREGATVYATG
THAQVEDGRLMEQLLSSVGFCTEVEEDLIDAVTGLSGSGPAYAFTALDALADGGVKMGLPRRLAVRLGAQALLGAAKMLL
HSEQHPGQLKDNVSSPGGATIHALHVLESGGFRSLLINAVEASCIRTRELQSMADQEQVSPAAIKKTILDKVKLDS
;
_entity_poly.pdbx_strand_id   A,B,C,D,E
#
loop_
_chem_comp.id
_chem_comp.type
_chem_comp.name
_chem_comp.formula
NAI non-polymer '1,4-DIHYDRONICOTINAMIDE ADENINE DINUCLEOTIDE' 'C21 H29 N7 O14 P2'
SO4 non-polymer 'SULFATE ION' 'O4 S -2'
UJP non-polymer '(2R)-thiolane-2-carboxylic acid' 'C5 H8 O2 S'
#
# COMPACT_ATOMS: atom_id res chain seq x y z
N GLU A 16 -7.10 -32.34 13.23
CA GLU A 16 -7.82 -33.55 13.63
C GLU A 16 -6.85 -34.72 13.83
N ASN A 17 -6.42 -35.34 12.72
CA ASN A 17 -5.36 -36.34 12.81
C ASN A 17 -4.06 -35.73 13.33
N LEU A 18 -3.77 -34.50 12.91
CA LEU A 18 -2.60 -33.79 13.42
C LEU A 18 -2.72 -33.50 14.91
N TYR A 19 -3.92 -33.12 15.36
CA TYR A 19 -4.15 -32.85 16.78
C TYR A 19 -3.82 -34.09 17.62
N PHE A 20 -4.40 -35.24 17.26
CA PHE A 20 -4.10 -36.49 17.95
C PHE A 20 -2.69 -37.01 17.65
N GLN A 21 -1.96 -36.36 16.73
CA GLN A 21 -0.53 -36.63 16.62
C GLN A 21 0.26 -36.03 17.79
N SER A 22 -0.31 -35.01 18.47
CA SER A 22 0.30 -34.43 19.67
C SER A 22 1.69 -33.89 19.38
N MET A 23 1.78 -33.12 18.30
CA MET A 23 3.06 -32.58 17.85
C MET A 23 3.51 -31.44 18.76
N SER A 24 4.79 -31.46 19.09
CA SER A 24 5.43 -30.33 19.74
C SER A 24 6.05 -29.45 18.67
N VAL A 25 5.75 -28.16 18.71
CA VAL A 25 6.25 -27.20 17.73
C VAL A 25 7.09 -26.15 18.44
N GLY A 26 8.17 -25.75 17.80
CA GLY A 26 9.01 -24.69 18.32
C GLY A 26 9.22 -23.60 17.30
N PHE A 27 9.37 -22.38 17.81
CA PHE A 27 9.74 -21.21 17.01
C PHE A 27 11.02 -20.63 17.58
N ILE A 28 12.06 -20.58 16.76
CA ILE A 28 13.24 -19.78 17.09
C ILE A 28 12.96 -18.39 16.51
N GLY A 29 12.79 -17.40 17.38
CA GLY A 29 12.23 -16.13 17.00
C GLY A 29 10.81 -16.05 17.53
N ALA A 30 10.50 -14.99 18.27
CA ALA A 30 9.16 -14.84 18.83
C ALA A 30 8.57 -13.53 18.36
N GLY A 31 8.58 -13.30 17.04
CA GLY A 31 8.11 -12.05 16.48
C GLY A 31 6.78 -12.14 15.78
N GLN A 32 6.60 -11.32 14.75
CA GLN A 32 5.29 -11.21 14.09
C GLN A 32 4.88 -12.52 13.43
N LEU A 33 5.81 -13.20 12.76
CA LEU A 33 5.44 -14.43 12.07
C LEU A 33 5.15 -15.56 13.05
N ALA A 34 5.99 -15.72 14.09
CA ALA A 34 5.73 -16.73 15.10
C ALA A 34 4.38 -16.50 15.77
N PHE A 35 4.06 -15.24 16.07
CA PHE A 35 2.76 -14.96 16.65
C PHE A 35 1.64 -15.34 15.68
N ALA A 36 1.77 -14.91 14.42
CA ALA A 36 0.71 -15.15 13.45
C ALA A 36 0.50 -16.65 13.23
N LEU A 37 1.59 -17.40 13.07
CA LEU A 37 1.47 -18.85 12.89
C LEU A 37 0.89 -19.52 14.14
N ALA A 38 1.42 -19.19 15.32
CA ALA A 38 0.91 -19.79 16.55
C ALA A 38 -0.57 -19.51 16.72
N LYS A 39 -0.98 -18.25 16.51
CA LYS A 39 -2.37 -17.88 16.58
C LYS A 39 -3.20 -18.71 15.60
N GLY A 40 -2.73 -18.82 14.35
CA GLY A 40 -3.46 -19.60 13.36
C GLY A 40 -3.57 -21.07 13.73
N PHE A 41 -2.44 -21.68 14.10
CA PHE A 41 -2.46 -23.11 14.43
C PHE A 41 -3.40 -23.38 15.60
N THR A 42 -3.41 -22.51 16.61
CA THR A 42 -4.25 -22.77 17.77
C THR A 42 -5.72 -22.52 17.45
N ALA A 43 -6.00 -21.47 16.66
CA ALA A 43 -7.38 -21.23 16.25
C ALA A 43 -7.89 -22.36 15.35
N ALA A 44 -7.01 -22.94 14.53
CA ALA A 44 -7.38 -24.10 13.74
C ALA A 44 -7.63 -25.35 14.58
N GLY A 45 -7.22 -25.36 15.85
CA GLY A 45 -7.30 -26.59 16.63
C GLY A 45 -6.30 -27.65 16.28
N VAL A 46 -5.23 -27.31 15.55
CA VAL A 46 -4.27 -28.36 15.21
C VAL A 46 -3.25 -28.54 16.33
N LEU A 47 -2.96 -27.49 17.09
CA LEU A 47 -1.99 -27.54 18.16
C LEU A 47 -2.59 -26.90 19.40
N ALA A 48 -2.25 -27.45 20.56
CA ALA A 48 -2.45 -26.76 21.82
C ALA A 48 -1.40 -25.67 21.97
N ALA A 49 -1.83 -24.48 22.41
CA ALA A 49 -0.90 -23.37 22.57
C ALA A 49 0.29 -23.76 23.44
N HIS A 50 0.06 -24.54 24.50
CA HIS A 50 1.13 -24.92 25.41
C HIS A 50 2.02 -26.03 24.85
N LYS A 51 1.69 -26.60 23.69
CA LYS A 51 2.62 -27.48 22.99
C LYS A 51 3.52 -26.72 22.02
N ILE A 52 3.40 -25.40 21.99
CA ILE A 52 4.29 -24.53 21.22
C ILE A 52 5.25 -23.87 22.20
N MET A 53 6.52 -23.82 21.83
CA MET A 53 7.53 -23.09 22.59
C MET A 53 8.23 -22.12 21.64
N ALA A 54 8.48 -20.89 22.10
CA ALA A 54 9.12 -19.87 21.29
C ALA A 54 10.25 -19.22 22.08
N SER A 55 11.35 -18.92 21.40
CA SER A 55 12.47 -18.29 22.06
C SER A 55 12.82 -16.98 21.38
N SER A 56 13.33 -16.05 22.19
CA SER A 56 13.85 -14.79 21.72
C SER A 56 14.77 -14.25 22.79
N PRO A 57 15.84 -13.54 22.42
CA PRO A 57 16.64 -12.85 23.44
C PRO A 57 15.90 -11.66 24.04
N ASP A 58 15.00 -11.04 23.29
CA ASP A 58 14.26 -9.86 23.72
C ASP A 58 12.90 -10.32 24.23
N MET A 59 12.80 -10.62 25.52
CA MET A 59 11.56 -11.07 26.13
C MET A 59 10.63 -9.92 26.52
N ASP A 60 10.92 -8.71 26.04
CA ASP A 60 10.10 -7.54 26.32
C ASP A 60 9.36 -7.07 25.08
N LEU A 61 9.27 -7.92 24.06
CA LEU A 61 8.56 -7.55 22.85
C LEU A 61 7.06 -7.71 23.04
N ALA A 62 6.29 -6.94 22.26
CA ALA A 62 4.85 -7.05 22.27
C ALA A 62 4.40 -8.43 21.79
N THR A 63 5.01 -8.93 20.72
CA THR A 63 4.71 -10.27 20.23
C THR A 63 4.95 -11.33 21.28
N VAL A 64 5.98 -11.15 22.13
CA VAL A 64 6.24 -12.11 23.18
C VAL A 64 5.12 -12.08 24.22
N SER A 65 4.64 -10.89 24.57
CA SER A 65 3.54 -10.78 25.54
C SER A 65 2.27 -11.39 24.99
N ALA A 66 2.03 -11.21 23.69
CA ALA A 66 0.88 -11.82 23.05
C ALA A 66 0.99 -13.35 23.03
N LEU A 67 2.18 -13.85 22.69
CA LEU A 67 2.39 -15.30 22.75
C LEU A 67 2.15 -15.83 24.15
N ARG A 68 2.70 -15.13 25.15
CA ARG A 68 2.53 -15.57 26.54
C ARG A 68 1.06 -15.58 26.93
N LYS A 69 0.32 -14.54 26.55
CA LYS A 69 -1.10 -14.49 26.88
C LYS A 69 -1.85 -15.68 26.27
N MET A 70 -1.47 -16.07 25.06
CA MET A 70 -2.05 -17.23 24.38
C MET A 70 -1.82 -18.54 25.10
N GLY A 71 -0.79 -18.62 25.94
CA GLY A 71 -0.41 -19.88 26.53
C GLY A 71 0.77 -20.56 25.88
N VAL A 72 1.45 -19.91 24.94
CA VAL A 72 2.66 -20.46 24.36
C VAL A 72 3.78 -20.41 25.39
N LYS A 73 4.64 -21.43 25.39
CA LYS A 73 5.79 -21.44 26.29
C LYS A 73 6.90 -20.54 25.71
N LEU A 74 7.49 -19.70 26.56
CA LEU A 74 8.51 -18.76 26.15
C LEU A 74 9.80 -19.05 26.91
N THR A 75 10.93 -18.91 26.21
CA THR A 75 12.21 -19.11 26.86
C THR A 75 13.23 -18.22 26.17
N PRO A 76 14.22 -17.69 26.89
CA PRO A 76 15.32 -17.01 26.19
C PRO A 76 16.25 -17.96 25.47
N HIS A 77 16.18 -19.28 25.75
CA HIS A 77 17.20 -20.24 25.36
C HIS A 77 16.76 -21.00 24.12
N ASN A 78 17.45 -20.77 23.01
CA ASN A 78 17.12 -21.44 21.76
C ASN A 78 17.29 -22.96 21.87
N LYS A 79 18.25 -23.42 22.68
CA LYS A 79 18.44 -24.86 22.84
C LYS A 79 17.21 -25.51 23.47
N GLU A 80 16.54 -24.80 24.39
CA GLU A 80 15.32 -25.35 24.99
C GLU A 80 14.21 -25.48 23.95
N THR A 81 14.07 -24.49 23.06
CA THR A 81 13.11 -24.61 21.97
C THR A 81 13.41 -25.83 21.10
N VAL A 82 14.69 -26.03 20.74
CA VAL A 82 15.05 -27.17 19.90
C VAL A 82 14.70 -28.48 20.61
N GLN A 83 15.09 -28.60 21.87
CA GLN A 83 14.87 -29.85 22.60
C GLN A 83 13.39 -30.14 22.76
N HIS A 84 12.57 -29.09 22.93
CA HIS A 84 11.13 -29.24 23.03
C HIS A 84 10.50 -29.74 21.73
N SER A 85 11.05 -29.29 20.60
CA SER A 85 10.35 -29.33 19.33
C SER A 85 10.46 -30.68 18.64
N ASP A 86 9.41 -31.01 17.89
CA ASP A 86 9.45 -32.02 16.84
C ASP A 86 9.57 -31.38 15.47
N VAL A 87 8.73 -30.38 15.21
CA VAL A 87 8.83 -29.49 14.06
C VAL A 87 9.35 -28.16 14.59
N LEU A 88 10.44 -27.67 14.01
CA LEU A 88 11.11 -26.47 14.48
C LEU A 88 11.10 -25.41 13.38
N PHE A 89 10.36 -24.32 13.61
CA PHE A 89 10.29 -23.21 12.68
C PHE A 89 11.40 -22.23 12.97
N LEU A 90 12.14 -21.84 11.93
CA LEU A 90 13.14 -20.77 12.02
C LEU A 90 12.46 -19.47 11.58
N ALA A 91 12.14 -18.62 12.54
CA ALA A 91 11.37 -17.40 12.32
C ALA A 91 12.13 -16.18 12.81
N VAL A 92 13.43 -16.14 12.51
CA VAL A 92 14.27 -14.99 12.79
C VAL A 92 14.59 -14.30 11.47
N LYS A 93 15.13 -13.09 11.57
CA LYS A 93 15.55 -12.34 10.41
C LYS A 93 16.58 -13.12 9.60
N PRO A 94 16.58 -12.96 8.27
CA PRO A 94 17.48 -13.77 7.42
C PRO A 94 18.95 -13.74 7.81
N HIS A 95 19.47 -12.56 8.20
CA HIS A 95 20.87 -12.49 8.54
C HIS A 95 21.19 -13.14 9.88
N ILE A 96 20.19 -13.45 10.69
CA ILE A 96 20.39 -14.16 11.95
C ILE A 96 20.45 -15.68 11.77
N ILE A 97 19.92 -16.20 10.66
CA ILE A 97 19.85 -17.66 10.49
C ILE A 97 21.21 -18.34 10.66
N PRO A 98 22.29 -17.90 9.99
CA PRO A 98 23.56 -18.61 10.20
C PRO A 98 24.08 -18.57 11.63
N PHE A 99 23.82 -17.49 12.38
CA PHE A 99 24.22 -17.50 13.79
C PHE A 99 23.41 -18.56 14.56
N ILE A 100 22.11 -18.62 14.30
CA ILE A 100 21.24 -19.63 14.92
C ILE A 100 21.74 -21.03 14.62
N LEU A 101 22.06 -21.30 13.35
CA LEU A 101 22.45 -22.66 12.98
C LEU A 101 23.78 -23.04 13.63
N ASP A 102 24.72 -22.09 13.75
CA ASP A 102 25.93 -22.37 14.53
C ASP A 102 25.59 -22.71 15.97
N GLU A 103 24.63 -21.98 16.55
CA GLU A 103 24.37 -22.09 17.99
C GLU A 103 23.74 -23.42 18.34
N ILE A 104 22.68 -23.83 17.62
CA ILE A 104 21.93 -25.02 18.01
C ILE A 104 22.11 -26.15 17.02
N GLY A 105 23.03 -26.02 16.06
CA GLY A 105 23.23 -27.07 15.08
C GLY A 105 23.53 -28.41 15.70
N ALA A 106 24.33 -28.42 16.76
CA ALA A 106 24.65 -29.66 17.45
C ALA A 106 23.43 -30.24 18.16
N ASP A 107 22.37 -29.47 18.35
CA ASP A 107 21.18 -29.93 19.05
C ASP A 107 20.10 -30.45 18.11
N ILE A 108 20.25 -30.26 16.81
CA ILE A 108 19.30 -30.83 15.86
C ILE A 108 19.44 -32.34 15.86
N GLU A 109 18.32 -33.05 16.05
CA GLU A 109 18.31 -34.50 16.14
C GLU A 109 17.69 -35.10 14.88
N ASP A 110 17.89 -36.41 14.73
CA ASP A 110 17.36 -37.09 13.56
C ASP A 110 15.83 -36.97 13.48
N ARG A 111 15.14 -36.85 14.62
CA ARG A 111 13.69 -36.75 14.61
C ARG A 111 13.19 -35.37 14.15
N HIS A 112 14.03 -34.35 14.09
CA HIS A 112 13.56 -33.00 13.79
C HIS A 112 13.23 -32.81 12.33
N ILE A 113 12.18 -32.04 12.08
CA ILE A 113 11.95 -31.38 10.80
C ILE A 113 12.22 -29.90 11.01
N VAL A 114 13.21 -29.36 10.32
CA VAL A 114 13.57 -27.97 10.45
C VAL A 114 12.90 -27.20 9.30
N VAL A 115 12.05 -26.24 9.64
CA VAL A 115 11.28 -25.48 8.66
C VAL A 115 11.76 -24.03 8.72
N SER A 116 12.47 -23.59 7.69
CA SER A 116 12.95 -22.22 7.63
C SER A 116 11.87 -21.38 6.98
N CYS A 117 11.44 -20.33 7.69
CA CYS A 117 10.54 -19.33 7.12
C CYS A 117 11.26 -18.10 6.62
N ALA A 118 12.57 -18.03 6.76
CA ALA A 118 13.29 -16.79 6.52
C ALA A 118 13.30 -16.45 5.04
N ALA A 119 12.96 -15.20 4.72
CA ALA A 119 13.05 -14.71 3.35
C ALA A 119 14.43 -14.96 2.77
N GLY A 120 14.47 -15.60 1.60
CA GLY A 120 15.68 -15.69 0.80
C GLY A 120 16.64 -16.81 1.17
N VAL A 121 16.60 -17.33 2.39
CA VAL A 121 17.64 -18.24 2.85
C VAL A 121 17.46 -19.59 2.16
N THR A 122 18.53 -20.09 1.54
CA THR A 122 18.38 -21.28 0.73
C THR A 122 18.45 -22.56 1.57
N ILE A 123 17.75 -23.59 1.11
CA ILE A 123 17.92 -24.92 1.68
C ILE A 123 19.38 -25.32 1.69
N SER A 124 20.10 -25.03 0.60
CA SER A 124 21.50 -25.42 0.54
C SER A 124 22.31 -24.84 1.69
N SER A 125 22.11 -23.54 1.98
CA SER A 125 22.88 -22.90 3.03
C SER A 125 22.59 -23.51 4.39
N ILE A 126 21.33 -23.88 4.62
CA ILE A 126 20.95 -24.49 5.90
C ILE A 126 21.52 -25.88 6.03
N GLU A 127 21.38 -26.68 4.97
CA GLU A 127 21.89 -28.04 5.04
C GLU A 127 23.39 -28.06 5.22
N LYS A 128 24.10 -27.09 4.62
CA LYS A 128 25.56 -27.04 4.77
C LYS A 128 25.95 -26.84 6.23
N LYS A 129 25.28 -25.92 6.92
CA LYS A 129 25.52 -25.74 8.36
C LYS A 129 25.19 -27.00 9.15
N LEU A 130 23.94 -27.49 9.00
CA LEU A 130 23.49 -28.58 9.84
C LEU A 130 24.20 -29.89 9.55
N SER A 131 24.62 -30.12 8.29
CA SER A 131 25.31 -31.36 7.93
C SER A 131 26.65 -31.51 8.64
N ALA A 132 27.25 -30.43 9.12
CA ALA A 132 28.48 -30.57 9.90
C ALA A 132 28.23 -31.32 11.21
N PHE A 133 26.99 -31.41 11.67
CA PHE A 133 26.66 -32.08 12.93
C PHE A 133 26.02 -33.45 12.69
N ARG A 134 24.81 -33.51 12.25
CA ARG A 134 24.27 -34.81 11.86
C ARG A 134 24.25 -34.92 10.35
N PRO A 135 24.32 -36.13 9.77
CA PRO A 135 24.54 -36.22 8.32
C PRO A 135 23.31 -35.98 7.45
N ALA A 136 22.09 -36.13 7.94
CA ALA A 136 20.91 -36.04 7.07
C ALA A 136 19.84 -35.14 7.69
N PRO A 137 20.16 -33.87 7.95
CA PRO A 137 19.14 -32.95 8.49
C PRO A 137 17.95 -32.83 7.55
N ARG A 138 16.75 -32.96 8.13
CA ARG A 138 15.49 -32.86 7.38
C ARG A 138 15.06 -31.40 7.34
N VAL A 139 15.17 -30.77 6.17
CA VAL A 139 14.95 -29.32 6.04
C VAL A 139 13.83 -29.07 5.03
N ILE A 140 12.96 -28.16 5.38
CA ILE A 140 11.90 -27.67 4.50
C ILE A 140 12.00 -26.16 4.53
N ARG A 141 11.91 -25.54 3.36
CA ARG A 141 11.88 -24.09 3.26
C ARG A 141 10.47 -23.65 2.91
N CYS A 142 9.98 -22.62 3.58
CA CYS A 142 8.64 -22.16 3.29
C CYS A 142 8.62 -20.65 3.18
N MET A 143 7.59 -20.16 2.49
CA MET A 143 7.26 -18.75 2.48
C MET A 143 5.77 -18.66 2.72
N THR A 144 5.38 -17.90 3.74
CA THR A 144 3.98 -17.82 4.12
C THR A 144 3.69 -16.32 4.27
N ASN A 145 2.64 -15.96 5.01
CA ASN A 145 2.37 -14.55 5.22
C ASN A 145 1.47 -14.37 6.44
N THR A 146 1.31 -13.12 6.86
CA THR A 146 0.66 -12.87 8.13
C THR A 146 -0.82 -13.28 8.18
N PRO A 147 -1.57 -13.30 7.03
CA PRO A 147 -2.98 -13.75 7.13
C PRO A 147 -3.18 -15.19 7.59
N VAL A 148 -2.12 -15.97 7.85
CA VAL A 148 -2.35 -17.21 8.58
C VAL A 148 -3.04 -16.92 9.91
N VAL A 149 -2.91 -15.70 10.44
CA VAL A 149 -3.50 -15.37 11.74
C VAL A 149 -5.02 -15.47 11.70
N VAL A 150 -5.64 -15.27 10.54
CA VAL A 150 -7.06 -15.51 10.33
C VAL A 150 -7.30 -16.72 9.44
N ARG A 151 -6.34 -17.64 9.39
CA ARG A 151 -6.46 -18.92 8.67
C ARG A 151 -6.77 -18.71 7.18
N GLU A 152 -6.22 -17.63 6.59
CA GLU A 152 -6.29 -17.40 5.17
C GLU A 152 -4.92 -17.10 4.60
N GLY A 153 -3.90 -17.78 5.11
CA GLY A 153 -2.56 -17.57 4.62
C GLY A 153 -2.39 -18.09 3.20
N ALA A 154 -1.27 -17.70 2.60
CA ALA A 154 -0.81 -18.20 1.32
C ALA A 154 0.59 -18.74 1.57
N THR A 155 0.78 -20.06 1.43
CA THR A 155 2.01 -20.69 1.85
C THR A 155 2.52 -21.60 0.73
N VAL A 156 3.81 -21.52 0.43
CA VAL A 156 4.48 -22.49 -0.43
C VAL A 156 5.64 -23.10 0.37
N TYR A 157 6.05 -24.31 0.00
CA TYR A 157 7.19 -24.93 0.65
C TYR A 157 7.95 -25.77 -0.38
N ALA A 158 9.25 -25.95 -0.13
CA ALA A 158 10.08 -26.85 -0.93
C ALA A 158 10.82 -27.77 0.03
N THR A 159 10.92 -29.03 -0.35
CA THR A 159 11.55 -30.03 0.51
C THR A 159 13.03 -30.13 0.24
N GLY A 160 13.80 -30.31 1.30
CA GLY A 160 15.25 -30.38 1.19
C GLY A 160 15.71 -31.78 0.80
N THR A 161 17.04 -31.93 0.78
CA THR A 161 17.67 -33.16 0.31
C THR A 161 17.22 -34.39 1.11
N HIS A 162 17.08 -34.26 2.42
CA HIS A 162 16.83 -35.41 3.27
C HIS A 162 15.42 -35.44 3.83
N ALA A 163 14.55 -34.50 3.45
CA ALA A 163 13.17 -34.54 3.89
C ALA A 163 12.47 -35.75 3.31
N GLN A 164 11.86 -36.56 4.17
CA GLN A 164 11.12 -37.72 3.71
C GLN A 164 9.82 -37.30 3.03
N VAL A 165 9.27 -38.19 2.19
CA VAL A 165 8.02 -37.88 1.51
C VAL A 165 6.93 -37.57 2.53
N GLU A 166 6.95 -38.28 3.66
CA GLU A 166 5.99 -38.01 4.73
C GLU A 166 6.22 -36.63 5.36
N ASP A 167 7.45 -36.11 5.33
CA ASP A 167 7.73 -34.78 5.89
C ASP A 167 7.03 -33.69 5.09
N GLY A 168 7.10 -33.76 3.76
CA GLY A 168 6.38 -32.79 2.94
C GLY A 168 4.87 -32.86 3.14
N ARG A 169 4.33 -34.08 3.22
CA ARG A 169 2.89 -34.24 3.44
C ARG A 169 2.46 -33.71 4.81
N LEU A 170 3.25 -34.00 5.85
CA LEU A 170 2.97 -33.44 7.17
C LEU A 170 2.98 -31.92 7.14
N MET A 171 3.97 -31.36 6.45
CA MET A 171 4.05 -29.90 6.33
C MET A 171 2.86 -29.33 5.60
N GLU A 172 2.46 -29.96 4.50
CA GLU A 172 1.29 -29.46 3.79
C GLU A 172 0.03 -29.55 4.64
N GLN A 173 -0.15 -30.67 5.37
CA GLN A 173 -1.30 -30.78 6.26
C GLN A 173 -1.30 -29.65 7.29
N LEU A 174 -0.16 -29.44 7.93
CA LEU A 174 -0.07 -28.41 8.97
C LEU A 174 -0.34 -27.02 8.40
N LEU A 175 0.34 -26.66 7.31
CA LEU A 175 0.16 -25.30 6.81
C LEU A 175 -1.16 -25.11 6.07
N SER A 176 -1.78 -26.18 5.57
CA SER A 176 -3.11 -26.03 4.98
C SER A 176 -4.17 -25.71 6.03
N SER A 177 -3.87 -25.96 7.30
CA SER A 177 -4.87 -25.65 8.32
C SER A 177 -5.01 -24.15 8.55
N VAL A 178 -4.08 -23.34 8.02
CA VAL A 178 -4.14 -21.90 8.22
C VAL A 178 -4.22 -21.15 6.88
N GLY A 179 -4.55 -21.83 5.79
CA GLY A 179 -4.70 -21.16 4.50
C GLY A 179 -4.32 -22.09 3.36
N PHE A 180 -4.10 -21.48 2.19
CA PHE A 180 -3.64 -22.20 1.02
C PHE A 180 -2.21 -22.68 1.23
N CYS A 181 -1.91 -23.90 0.78
CA CYS A 181 -0.54 -24.38 0.87
C CYS A 181 -0.25 -25.32 -0.30
N THR A 182 0.89 -25.13 -0.95
CA THR A 182 1.25 -26.02 -2.04
C THR A 182 2.77 -26.15 -2.12
N GLU A 183 3.22 -27.33 -2.56
CA GLU A 183 4.63 -27.55 -2.78
C GLU A 183 5.09 -26.86 -4.05
N VAL A 184 6.30 -26.28 -4.01
CA VAL A 184 6.95 -25.69 -5.18
C VAL A 184 8.41 -26.12 -5.23
N GLU A 185 8.99 -25.99 -6.43
CA GLU A 185 10.43 -25.99 -6.55
C GLU A 185 11.01 -24.78 -5.84
N GLU A 186 12.17 -24.98 -5.19
CA GLU A 186 12.72 -23.90 -4.38
C GLU A 186 13.02 -22.65 -5.19
N ASP A 187 13.30 -22.79 -6.49
CA ASP A 187 13.69 -21.60 -7.25
C ASP A 187 12.53 -20.66 -7.53
N LEU A 188 11.31 -21.01 -7.11
CA LEU A 188 10.19 -20.09 -7.20
C LEU A 188 9.96 -19.28 -5.92
N ILE A 189 10.66 -19.59 -4.84
CA ILE A 189 10.21 -19.05 -3.55
C ILE A 189 10.53 -17.56 -3.42
N ASP A 190 11.63 -17.08 -4.00
CA ASP A 190 11.90 -15.64 -3.92
C ASP A 190 10.82 -14.84 -4.64
N ALA A 191 10.34 -15.34 -5.78
CA ALA A 191 9.23 -14.71 -6.49
C ALA A 191 7.93 -14.79 -5.69
N VAL A 192 7.65 -15.93 -5.06
CA VAL A 192 6.49 -16.03 -4.18
C VAL A 192 6.59 -14.97 -3.09
N THR A 193 7.79 -14.80 -2.52
CA THR A 193 8.02 -13.79 -1.49
C THR A 193 7.57 -12.41 -1.94
N GLY A 194 7.94 -12.02 -3.17
CA GLY A 194 7.55 -10.71 -3.67
C GLY A 194 6.07 -10.57 -3.97
N LEU A 195 5.37 -11.69 -4.20
CA LEU A 195 3.94 -11.67 -4.50
C LEU A 195 3.10 -11.84 -3.24
N SER A 196 3.07 -13.05 -2.68
CA SER A 196 2.16 -13.29 -1.56
C SER A 196 2.82 -13.04 -0.19
N GLY A 197 4.15 -13.12 -0.08
CA GLY A 197 4.79 -12.79 1.18
C GLY A 197 4.63 -11.32 1.52
N SER A 198 5.02 -10.44 0.59
CA SER A 198 4.87 -9.00 0.75
C SER A 198 3.46 -8.54 0.43
N GLY A 199 2.69 -9.35 -0.29
CA GLY A 199 1.38 -9.00 -0.78
C GLY A 199 0.45 -8.33 0.21
N PRO A 200 0.33 -8.87 1.43
CA PRO A 200 -0.59 -8.24 2.40
C PRO A 200 -0.26 -6.78 2.65
N ALA A 201 1.02 -6.39 2.62
CA ALA A 201 1.37 -4.98 2.80
C ALA A 201 0.88 -4.12 1.63
N TYR A 202 0.94 -4.63 0.40
CA TYR A 202 0.37 -3.89 -0.72
C TYR A 202 -1.12 -3.69 -0.52
N ALA A 203 -1.80 -4.74 -0.04
CA ALA A 203 -3.24 -4.69 0.18
C ALA A 203 -3.59 -3.69 1.28
N PHE A 204 -2.81 -3.67 2.37
CA PHE A 204 -3.10 -2.72 3.45
C PHE A 204 -2.90 -1.28 2.98
N THR A 205 -1.83 -1.04 2.19
CA THR A 205 -1.65 0.28 1.58
C THR A 205 -2.85 0.63 0.70
N ALA A 206 -3.28 -0.30 -0.13
CA ALA A 206 -4.42 -0.07 -1.02
C ALA A 206 -5.68 0.20 -0.23
N LEU A 207 -5.90 -0.54 0.87
CA LEU A 207 -7.11 -0.37 1.66
C LEU A 207 -7.13 0.98 2.37
N ASP A 208 -5.97 1.41 2.88
CA ASP A 208 -5.82 2.74 3.47
C ASP A 208 -6.19 3.82 2.45
N ALA A 209 -5.67 3.69 1.23
CA ALA A 209 -5.88 4.70 0.19
C ALA A 209 -7.31 4.68 -0.32
N LEU A 210 -7.88 3.48 -0.53
CA LEU A 210 -9.28 3.41 -0.92
C LEU A 210 -10.17 4.06 0.13
N ALA A 211 -9.87 3.84 1.41
CA ALA A 211 -10.64 4.48 2.47
C ALA A 211 -10.49 6.00 2.44
N ASP A 212 -9.27 6.51 2.20
CA ASP A 212 -9.09 7.95 1.99
C ASP A 212 -9.96 8.46 0.84
N GLY A 213 -10.04 7.68 -0.24
CA GLY A 213 -10.92 8.06 -1.35
C GLY A 213 -12.37 8.10 -0.95
N GLY A 214 -12.82 7.09 -0.18
CA GLY A 214 -14.16 7.12 0.36
C GLY A 214 -14.41 8.35 1.20
N VAL A 215 -13.47 8.67 2.10
CA VAL A 215 -13.61 9.83 2.96
C VAL A 215 -13.64 11.12 2.13
N LYS A 216 -12.78 11.23 1.10
CA LYS A 216 -12.80 12.44 0.29
C LYS A 216 -14.17 12.65 -0.33
N MET A 217 -14.84 11.59 -0.75
CA MET A 217 -16.15 11.70 -1.37
C MET A 217 -17.31 11.72 -0.37
N GLY A 218 -17.04 11.76 0.94
CA GLY A 218 -18.09 12.05 1.92
C GLY A 218 -18.45 10.93 2.88
N LEU A 219 -17.78 9.77 2.83
CA LEU A 219 -18.08 8.65 3.70
C LEU A 219 -17.35 8.80 5.04
N PRO A 220 -17.99 8.41 6.14
CA PRO A 220 -17.25 8.26 7.41
C PRO A 220 -16.12 7.26 7.24
N ARG A 221 -15.00 7.53 7.93
CA ARG A 221 -13.83 6.67 7.79
CA ARG A 221 -13.82 6.68 7.82
C ARG A 221 -14.14 5.22 8.16
N ARG A 222 -14.87 5.00 9.26
CA ARG A 222 -15.14 3.62 9.68
C ARG A 222 -15.86 2.86 8.56
N LEU A 223 -16.90 3.48 7.99
CA LEU A 223 -17.65 2.85 6.91
C LEU A 223 -16.79 2.64 5.66
N ALA A 224 -15.94 3.62 5.32
CA ALA A 224 -15.09 3.50 4.14
C ALA A 224 -14.11 2.33 4.27
N VAL A 225 -13.52 2.16 5.45
CA VAL A 225 -12.58 1.05 5.68
C VAL A 225 -13.31 -0.29 5.54
N ARG A 226 -14.49 -0.38 6.16
CA ARG A 226 -15.30 -1.61 6.10
C ARG A 226 -15.67 -1.97 4.67
N LEU A 227 -16.20 -0.99 3.92
CA LEU A 227 -16.63 -1.24 2.54
C LEU A 227 -15.46 -1.59 1.64
N GLY A 228 -14.35 -0.86 1.78
CA GLY A 228 -13.18 -1.15 0.95
C GLY A 228 -12.64 -2.55 1.20
N ALA A 229 -12.50 -2.93 2.47
CA ALA A 229 -11.99 -4.27 2.80
C ALA A 229 -12.95 -5.36 2.34
N GLN A 230 -14.25 -5.13 2.52
CA GLN A 230 -15.24 -6.11 2.06
C GLN A 230 -15.19 -6.26 0.55
N ALA A 231 -15.07 -5.13 -0.16
CA ALA A 231 -14.93 -5.16 -1.62
C ALA A 231 -13.74 -6.00 -2.04
N LEU A 232 -12.58 -5.78 -1.41
CA LEU A 232 -11.39 -6.53 -1.81
CA LEU A 232 -11.38 -6.53 -1.78
C LEU A 232 -11.54 -8.01 -1.47
N LEU A 233 -12.07 -8.33 -0.27
CA LEU A 233 -12.28 -9.72 0.10
C LEU A 233 -13.22 -10.42 -0.89
N GLY A 234 -14.35 -9.78 -1.20
CA GLY A 234 -15.31 -10.41 -2.09
C GLY A 234 -14.76 -10.60 -3.49
N ALA A 235 -14.01 -9.62 -3.98
CA ALA A 235 -13.41 -9.73 -5.30
C ALA A 235 -12.38 -10.85 -5.35
N ALA A 236 -11.52 -10.92 -4.34
CA ALA A 236 -10.54 -12.01 -4.29
C ALA A 236 -11.24 -13.37 -4.22
N LYS A 237 -12.28 -13.49 -3.40
CA LYS A 237 -13.00 -14.76 -3.33
C LYS A 237 -13.63 -15.11 -4.66
N MET A 238 -14.23 -14.13 -5.36
CA MET A 238 -14.81 -14.39 -6.67
C MET A 238 -13.78 -15.01 -7.60
N LEU A 239 -12.60 -14.38 -7.69
CA LEU A 239 -11.57 -14.85 -8.60
C LEU A 239 -11.10 -16.26 -8.23
N LEU A 240 -10.95 -16.54 -6.93
CA LEU A 240 -10.56 -17.90 -6.52
C LEU A 240 -11.64 -18.93 -6.87
N HIS A 241 -12.91 -18.54 -6.88
CA HIS A 241 -14.00 -19.47 -7.15
C HIS A 241 -14.43 -19.45 -8.62
N SER A 242 -13.77 -18.69 -9.47
CA SER A 242 -14.14 -18.57 -10.88
C SER A 242 -13.04 -19.16 -11.75
N GLU A 243 -13.44 -19.73 -12.88
CA GLU A 243 -12.49 -20.14 -13.90
C GLU A 243 -12.26 -19.05 -14.93
N GLN A 244 -12.82 -17.86 -14.72
CA GLN A 244 -12.71 -16.80 -15.70
C GLN A 244 -11.49 -15.94 -15.43
N HIS A 245 -11.03 -15.31 -16.50
CA HIS A 245 -9.89 -14.42 -16.39
C HIS A 245 -10.27 -13.19 -15.57
N PRO A 246 -9.36 -12.66 -14.75
CA PRO A 246 -9.67 -11.42 -14.01
C PRO A 246 -10.12 -10.27 -14.91
N GLY A 247 -9.63 -10.18 -16.15
CA GLY A 247 -10.15 -9.17 -17.05
C GLY A 247 -11.62 -9.37 -17.38
N GLN A 248 -12.05 -10.63 -17.51
CA GLN A 248 -13.46 -10.88 -17.77
C GLN A 248 -14.31 -10.50 -16.56
N LEU A 249 -13.86 -10.84 -15.35
CA LEU A 249 -14.60 -10.40 -14.17
C LEU A 249 -14.67 -8.88 -14.09
N LYS A 250 -13.57 -8.20 -14.44
CA LYS A 250 -13.58 -6.74 -14.49
C LYS A 250 -14.61 -6.22 -15.48
N ASP A 251 -14.66 -6.83 -16.67
CA ASP A 251 -15.64 -6.46 -17.69
C ASP A 251 -17.07 -6.58 -17.19
N ASN A 252 -17.35 -7.53 -16.29
CA ASN A 252 -18.70 -7.76 -15.79
C ASN A 252 -19.16 -6.68 -14.82
N VAL A 253 -18.22 -5.95 -14.22
CA VAL A 253 -18.58 -4.84 -13.33
C VAL A 253 -19.00 -3.61 -14.13
N SER A 254 -18.28 -3.28 -15.19
CA SER A 254 -18.40 -1.97 -15.83
C SER A 254 -19.51 -1.98 -16.89
N SER A 255 -20.53 -1.14 -16.70
CA SER A 255 -21.42 -0.89 -17.82
C SER A 255 -20.80 0.14 -18.77
N PRO A 256 -21.17 0.11 -20.05
CA PRO A 256 -20.67 1.13 -20.98
C PRO A 256 -21.00 2.55 -20.51
N GLY A 257 -20.02 3.43 -20.64
CA GLY A 257 -20.16 4.81 -20.23
C GLY A 257 -20.21 5.04 -18.73
N GLY A 258 -20.11 3.98 -17.93
CA GLY A 258 -20.45 4.03 -16.53
C GLY A 258 -19.32 4.47 -15.61
N ALA A 259 -19.66 4.46 -14.32
CA ALA A 259 -18.76 4.97 -13.30
C ALA A 259 -17.49 4.11 -13.19
N THR A 260 -17.64 2.80 -13.27
CA THR A 260 -16.48 1.95 -13.08
C THR A 260 -15.45 2.13 -14.20
N ILE A 261 -15.91 2.16 -15.45
CA ILE A 261 -14.95 2.31 -16.55
C ILE A 261 -14.27 3.68 -16.52
N HIS A 262 -14.96 4.72 -16.00
CA HIS A 262 -14.28 5.99 -15.80
C HIS A 262 -13.19 5.87 -14.74
N ALA A 263 -13.47 5.18 -13.65
CA ALA A 263 -12.45 4.96 -12.62
C ALA A 263 -11.31 4.09 -13.13
N LEU A 264 -11.59 3.03 -13.90
CA LEU A 264 -10.50 2.22 -14.42
C LEU A 264 -9.58 3.03 -15.32
N HIS A 265 -10.12 3.99 -16.06
CA HIS A 265 -9.26 4.82 -16.92
C HIS A 265 -8.26 5.60 -16.07
N VAL A 266 -8.71 6.23 -14.97
CA VAL A 266 -7.75 7.00 -14.20
C VAL A 266 -6.71 6.11 -13.55
N LEU A 267 -7.06 4.87 -13.18
CA LEU A 267 -6.02 3.93 -12.73
C LEU A 267 -5.01 3.68 -13.85
N GLU A 268 -5.49 3.39 -15.07
CA GLU A 268 -4.60 3.16 -16.19
C GLU A 268 -3.71 4.36 -16.46
N SER A 269 -4.26 5.59 -16.35
CA SER A 269 -3.45 6.75 -16.69
C SER A 269 -2.30 6.94 -15.73
N GLY A 270 -2.41 6.43 -14.51
CA GLY A 270 -1.31 6.47 -13.56
C GLY A 270 -0.36 5.30 -13.65
N GLY A 271 -0.55 4.37 -14.58
CA GLY A 271 0.32 3.19 -14.59
C GLY A 271 0.10 2.27 -13.41
N PHE A 272 -1.14 2.24 -12.87
CA PHE A 272 -1.48 1.38 -11.73
C PHE A 272 -0.92 -0.03 -11.85
N ARG A 273 -1.18 -0.68 -13.00
CA ARG A 273 -0.70 -2.04 -13.20
C ARG A 273 0.81 -2.10 -13.07
N SER A 274 1.52 -1.17 -13.72
CA SER A 274 2.98 -1.20 -13.65
C SER A 274 3.50 -1.04 -12.22
N LEU A 275 2.78 -0.30 -11.36
CA LEU A 275 3.28 -0.13 -9.99
C LEU A 275 3.26 -1.45 -9.23
N LEU A 276 2.21 -2.24 -9.42
CA LEU A 276 2.14 -3.55 -8.75
C LEU A 276 3.19 -4.52 -9.29
N ILE A 277 3.44 -4.48 -10.60
CA ILE A 277 4.54 -5.28 -11.16
C ILE A 277 5.87 -4.82 -10.57
N ASN A 278 6.07 -3.50 -10.52
CA ASN A 278 7.29 -2.94 -9.91
C ASN A 278 7.49 -3.45 -8.49
N ALA A 279 6.41 -3.52 -7.72
CA ALA A 279 6.51 -3.93 -6.31
C ALA A 279 6.91 -5.41 -6.20
N VAL A 280 6.20 -6.30 -6.91
CA VAL A 280 6.56 -7.73 -6.87
C VAL A 280 8.03 -7.90 -7.25
N GLU A 281 8.43 -7.22 -8.33
CA GLU A 281 9.82 -7.28 -8.79
C GLU A 281 10.78 -6.78 -7.72
N ALA A 282 10.48 -5.60 -7.13
CA ALA A 282 11.38 -5.00 -6.15
C ALA A 282 11.56 -5.90 -4.93
N SER A 283 10.47 -6.50 -4.42
CA SER A 283 10.56 -7.39 -3.27
C SER A 283 11.34 -8.66 -3.62
N CYS A 284 11.03 -9.27 -4.77
CA CYS A 284 11.78 -10.44 -5.23
C CYS A 284 13.27 -10.13 -5.36
N ILE A 285 13.61 -9.00 -5.99
CA ILE A 285 15.02 -8.68 -6.21
C ILE A 285 15.73 -8.43 -4.88
N ARG A 286 15.08 -7.68 -3.98
CA ARG A 286 15.68 -7.46 -2.67
C ARG A 286 15.92 -8.78 -1.94
N THR A 287 14.97 -9.70 -2.03
CA THR A 287 15.13 -11.03 -1.42
C THR A 287 16.36 -11.74 -2.00
N ARG A 288 16.53 -11.71 -3.32
CA ARG A 288 17.69 -12.35 -3.94
C ARG A 288 18.97 -11.63 -3.57
N GLU A 289 18.91 -10.30 -3.47
CA GLU A 289 20.11 -9.49 -3.21
C GLU A 289 20.61 -9.67 -1.80
N LEU A 290 19.70 -9.78 -0.83
CA LEU A 290 20.10 -10.10 0.53
C LEU A 290 20.78 -11.46 0.59
N GLN A 291 20.21 -12.47 -0.07
CA GLN A 291 20.80 -13.80 -0.01
C GLN A 291 22.18 -13.84 -0.67
N SER A 292 22.37 -13.08 -1.75
CA SER A 292 23.71 -12.96 -2.33
C SER A 292 24.68 -12.34 -1.33
N MET A 293 24.22 -11.33 -0.57
CA MET A 293 25.02 -10.78 0.51
C MET A 293 25.38 -11.86 1.54
N ALA A 294 24.41 -12.74 1.83
CA ALA A 294 24.65 -13.83 2.78
C ALA A 294 25.69 -14.81 2.25
N ASP A 295 25.50 -15.29 1.02
CA ASP A 295 26.37 -16.31 0.43
C ASP A 295 27.57 -15.68 -0.29
N ASN B 17 -30.44 -20.01 10.07
CA ASN B 17 -31.73 -20.68 9.91
C ASN B 17 -32.78 -19.71 9.35
N LEU B 18 -32.35 -18.81 8.47
CA LEU B 18 -33.21 -17.81 7.87
C LEU B 18 -33.90 -18.39 6.63
N TYR B 19 -35.18 -18.04 6.45
CA TYR B 19 -35.88 -18.40 5.23
C TYR B 19 -37.19 -17.61 5.09
N PHE B 20 -37.34 -16.91 3.96
CA PHE B 20 -38.51 -16.06 3.71
C PHE B 20 -39.57 -16.89 2.98
N GLN B 21 -40.42 -17.57 3.74
CA GLN B 21 -41.37 -18.51 3.15
C GLN B 21 -42.51 -17.81 2.41
N SER B 22 -42.89 -16.61 2.84
CA SER B 22 -44.00 -15.91 2.21
C SER B 22 -43.55 -14.84 1.20
N MET B 23 -42.27 -14.85 0.80
CA MET B 23 -41.71 -13.81 -0.04
C MET B 23 -41.46 -14.32 -1.45
N SER B 24 -42.02 -13.63 -2.44
CA SER B 24 -41.69 -13.84 -3.85
C SER B 24 -40.84 -12.68 -4.34
N VAL B 25 -39.71 -13.00 -4.98
CA VAL B 25 -38.75 -11.99 -5.43
C VAL B 25 -38.75 -11.95 -6.95
N GLY B 26 -38.75 -10.74 -7.51
CA GLY B 26 -38.61 -10.56 -8.94
C GLY B 26 -37.43 -9.68 -9.31
N PHE B 27 -36.88 -9.93 -10.48
CA PHE B 27 -35.84 -9.06 -11.04
C PHE B 27 -36.33 -8.50 -12.38
N ILE B 28 -36.43 -7.19 -12.49
CA ILE B 28 -36.56 -6.56 -13.80
C ILE B 28 -35.14 -6.34 -14.30
N GLY B 29 -34.79 -7.04 -15.38
CA GLY B 29 -33.43 -7.13 -15.84
C GLY B 29 -32.87 -8.48 -15.42
N ALA B 30 -32.22 -9.20 -16.32
CA ALA B 30 -31.72 -10.52 -16.01
C ALA B 30 -30.25 -10.63 -16.42
N GLY B 31 -29.46 -9.65 -16.01
CA GLY B 31 -28.05 -9.61 -16.38
C GLY B 31 -27.13 -9.98 -15.24
N GLN B 32 -25.95 -9.34 -15.21
CA GLN B 32 -24.90 -9.72 -14.26
C GLN B 32 -25.38 -9.62 -12.82
N LEU B 33 -26.03 -8.50 -12.47
CA LEU B 33 -26.40 -8.29 -11.08
C LEU B 33 -27.56 -9.18 -10.67
N ALA B 34 -28.57 -9.35 -11.52
CA ALA B 34 -29.66 -10.24 -11.18
C ALA B 34 -29.16 -11.68 -10.98
N PHE B 35 -28.26 -12.12 -11.85
CA PHE B 35 -27.67 -13.44 -11.65
C PHE B 35 -26.90 -13.51 -10.34
N ALA B 36 -26.06 -12.50 -10.07
CA ALA B 36 -25.25 -12.56 -8.85
C ALA B 36 -26.11 -12.62 -7.59
N LEU B 37 -27.16 -11.80 -7.53
CA LEU B 37 -28.02 -11.81 -6.36
C LEU B 37 -28.86 -13.09 -6.26
N ALA B 38 -29.39 -13.57 -7.38
CA ALA B 38 -30.17 -14.81 -7.35
C ALA B 38 -29.31 -15.99 -6.94
N LYS B 39 -28.09 -16.05 -7.47
CA LYS B 39 -27.16 -17.11 -7.10
C LYS B 39 -26.81 -17.03 -5.62
N GLY B 40 -26.57 -15.81 -5.13
CA GLY B 40 -26.25 -15.65 -3.73
C GLY B 40 -27.40 -16.01 -2.81
N PHE B 41 -28.61 -15.51 -3.15
CA PHE B 41 -29.79 -15.81 -2.34
C PHE B 41 -30.06 -17.31 -2.28
N THR B 42 -29.98 -17.99 -3.43
CA THR B 42 -30.30 -19.41 -3.42
C THR B 42 -29.22 -20.21 -2.70
N ALA B 43 -27.95 -19.87 -2.90
CA ALA B 43 -26.87 -20.55 -2.19
C ALA B 43 -26.97 -20.32 -0.68
N ALA B 44 -27.41 -19.14 -0.26
CA ALA B 44 -27.64 -18.89 1.16
C ALA B 44 -28.81 -19.69 1.70
N GLY B 45 -29.64 -20.29 0.83
CA GLY B 45 -30.80 -21.02 1.24
C GLY B 45 -31.95 -20.19 1.74
N VAL B 46 -31.90 -18.87 1.58
CA VAL B 46 -33.00 -18.05 2.09
C VAL B 46 -34.16 -17.95 1.10
N LEU B 47 -33.93 -18.37 -0.15
CA LEU B 47 -34.95 -18.37 -1.18
C LEU B 47 -34.76 -19.60 -2.06
N ALA B 48 -35.86 -20.26 -2.39
CA ALA B 48 -35.87 -21.26 -3.44
C ALA B 48 -35.85 -20.58 -4.80
N ALA B 49 -35.09 -21.15 -5.73
CA ALA B 49 -34.95 -20.52 -7.05
C ALA B 49 -36.29 -20.39 -7.76
N HIS B 50 -37.21 -21.34 -7.56
CA HIS B 50 -38.49 -21.26 -8.25
C HIS B 50 -39.40 -20.16 -7.70
N LYS B 51 -39.06 -19.57 -6.56
CA LYS B 51 -39.77 -18.40 -6.05
C LYS B 51 -39.19 -17.10 -6.58
N ILE B 52 -38.18 -17.18 -7.44
CA ILE B 52 -37.56 -16.03 -8.08
C ILE B 52 -37.98 -16.02 -9.55
N MET B 53 -38.36 -14.85 -10.04
CA MET B 53 -38.66 -14.65 -11.45
C MET B 53 -37.78 -13.50 -11.95
N ALA B 54 -37.29 -13.60 -13.17
CA ALA B 54 -36.55 -12.52 -13.80
C ALA B 54 -37.06 -12.28 -15.21
N SER B 55 -37.09 -11.02 -15.63
CA SER B 55 -37.52 -10.67 -16.96
C SER B 55 -36.42 -9.91 -17.70
N SER B 56 -36.38 -10.13 -19.01
CA SER B 56 -35.40 -9.48 -19.88
C SER B 56 -35.96 -9.52 -21.29
N PRO B 57 -35.72 -8.49 -22.11
CA PRO B 57 -36.15 -8.55 -23.51
C PRO B 57 -35.26 -9.40 -24.40
N ASP B 58 -34.21 -10.01 -23.83
CA ASP B 58 -33.27 -10.82 -24.60
C ASP B 58 -33.06 -12.13 -23.85
N MET B 59 -33.74 -13.19 -24.31
CA MET B 59 -33.63 -14.49 -23.67
C MET B 59 -32.48 -15.32 -24.21
N ASP B 60 -31.65 -14.76 -25.09
CA ASP B 60 -30.43 -15.40 -25.57
C ASP B 60 -29.20 -14.86 -24.86
N LEU B 61 -29.34 -14.48 -23.59
CA LEU B 61 -28.24 -13.99 -22.77
C LEU B 61 -27.62 -15.13 -21.99
N ALA B 62 -26.31 -15.01 -21.73
CA ALA B 62 -25.62 -16.02 -20.94
C ALA B 62 -26.09 -16.02 -19.49
N THR B 63 -26.44 -14.84 -18.95
CA THR B 63 -26.99 -14.78 -17.60
C THR B 63 -28.40 -15.36 -17.56
N VAL B 64 -29.20 -15.11 -18.60
CA VAL B 64 -30.52 -15.73 -18.66
C VAL B 64 -30.39 -17.24 -18.70
N SER B 65 -29.45 -17.75 -19.49
CA SER B 65 -29.22 -19.19 -19.55
C SER B 65 -28.77 -19.74 -18.20
N ALA B 66 -27.95 -18.97 -17.47
CA ALA B 66 -27.50 -19.41 -16.16
C ALA B 66 -28.63 -19.39 -15.14
N LEU B 67 -29.47 -18.36 -15.16
CA LEU B 67 -30.61 -18.30 -14.26
C LEU B 67 -31.57 -19.45 -14.48
N ARG B 68 -31.78 -19.84 -15.75
CA ARG B 68 -32.66 -20.97 -16.04
C ARG B 68 -32.14 -22.25 -15.41
N LYS B 69 -30.83 -22.48 -15.47
CA LYS B 69 -30.23 -23.68 -14.90
C LYS B 69 -30.34 -23.71 -13.38
N MET B 70 -30.44 -22.55 -12.72
CA MET B 70 -30.65 -22.53 -11.28
C MET B 70 -32.07 -22.90 -10.89
N GLY B 71 -33.01 -22.81 -11.82
CA GLY B 71 -34.42 -22.98 -11.50
C GLY B 71 -35.21 -21.70 -11.43
N VAL B 72 -34.62 -20.56 -11.76
CA VAL B 72 -35.33 -19.28 -11.69
C VAL B 72 -36.33 -19.19 -12.83
N LYS B 73 -37.52 -18.68 -12.53
CA LYS B 73 -38.54 -18.50 -13.57
C LYS B 73 -38.18 -17.31 -14.46
N LEU B 74 -38.29 -17.50 -15.76
CA LEU B 74 -37.92 -16.46 -16.72
C LEU B 74 -39.10 -16.10 -17.61
N THR B 75 -39.20 -14.82 -17.94
CA THR B 75 -40.27 -14.32 -18.81
C THR B 75 -39.74 -13.11 -19.55
N PRO B 76 -40.17 -12.88 -20.79
CA PRO B 76 -39.85 -11.62 -21.45
C PRO B 76 -40.64 -10.42 -20.92
N HIS B 77 -41.72 -10.64 -20.17
CA HIS B 77 -42.69 -9.58 -19.86
C HIS B 77 -42.48 -9.08 -18.44
N ASN B 78 -42.11 -7.79 -18.34
CA ASN B 78 -41.91 -7.19 -17.03
C ASN B 78 -43.18 -7.19 -16.20
N LYS B 79 -44.36 -7.10 -16.84
CA LYS B 79 -45.60 -7.12 -16.08
C LYS B 79 -45.76 -8.44 -15.34
N GLU B 80 -45.31 -9.55 -15.94
CA GLU B 80 -45.40 -10.83 -15.25
C GLU B 80 -44.50 -10.87 -14.02
N THR B 81 -43.29 -10.34 -14.12
CA THR B 81 -42.43 -10.25 -12.94
C THR B 81 -43.12 -9.48 -11.83
N VAL B 82 -43.74 -8.34 -12.16
CA VAL B 82 -44.39 -7.51 -11.16
C VAL B 82 -45.54 -8.27 -10.50
N GLN B 83 -46.37 -8.94 -11.32
CA GLN B 83 -47.52 -9.66 -10.78
C GLN B 83 -47.10 -10.84 -9.93
N HIS B 84 -45.97 -11.48 -10.26
CA HIS B 84 -45.45 -12.58 -9.47
C HIS B 84 -44.85 -12.13 -8.15
N SER B 85 -44.33 -10.91 -8.09
CA SER B 85 -43.36 -10.57 -7.07
C SER B 85 -43.98 -9.78 -5.92
N ASP B 86 -43.35 -9.92 -4.75
CA ASP B 86 -43.52 -9.07 -3.59
C ASP B 86 -42.39 -8.07 -3.48
N VAL B 87 -41.17 -8.56 -3.47
CA VAL B 87 -39.97 -7.72 -3.50
C VAL B 87 -39.50 -7.66 -4.95
N LEU B 88 -39.39 -6.46 -5.48
CA LEU B 88 -39.09 -6.27 -6.90
C LEU B 88 -37.76 -5.54 -7.03
N PHE B 89 -36.73 -6.25 -7.49
CA PHE B 89 -35.42 -5.65 -7.76
C PHE B 89 -35.38 -5.04 -9.16
N LEU B 90 -34.99 -3.78 -9.24
CA LEU B 90 -34.78 -3.12 -10.54
C LEU B 90 -33.31 -3.27 -10.89
N ALA B 91 -33.03 -4.18 -11.81
CA ALA B 91 -31.67 -4.59 -12.14
C ALA B 91 -31.37 -4.30 -13.61
N VAL B 92 -31.77 -3.12 -14.06
CA VAL B 92 -31.50 -2.64 -15.41
C VAL B 92 -30.54 -1.46 -15.33
N LYS B 93 -30.02 -1.07 -16.49
CA LYS B 93 -29.10 0.05 -16.53
C LYS B 93 -29.82 1.34 -16.11
N PRO B 94 -29.10 2.29 -15.51
CA PRO B 94 -29.76 3.48 -14.95
C PRO B 94 -30.66 4.23 -15.92
N HIS B 95 -30.26 4.35 -17.18
CA HIS B 95 -31.09 5.07 -18.13
C HIS B 95 -32.35 4.30 -18.53
N ILE B 96 -32.41 2.99 -18.24
CA ILE B 96 -33.61 2.21 -18.52
C ILE B 96 -34.66 2.35 -17.42
N ILE B 97 -34.25 2.77 -16.21
CA ILE B 97 -35.17 2.80 -15.08
C ILE B 97 -36.43 3.63 -15.38
N PRO B 98 -36.33 4.87 -15.87
CA PRO B 98 -37.57 5.62 -16.15
C PRO B 98 -38.48 4.92 -17.14
N PHE B 99 -37.93 4.25 -18.15
CA PHE B 99 -38.78 3.52 -19.09
C PHE B 99 -39.51 2.38 -18.39
N ILE B 100 -38.79 1.64 -17.54
CA ILE B 100 -39.38 0.54 -16.78
C ILE B 100 -40.51 1.03 -15.90
N LEU B 101 -40.29 2.14 -15.19
CA LEU B 101 -41.30 2.64 -14.26
C LEU B 101 -42.56 3.07 -15.01
N ASP B 102 -42.40 3.70 -16.17
CA ASP B 102 -43.54 4.01 -17.03
C ASP B 102 -44.30 2.73 -17.40
N GLU B 103 -43.57 1.65 -17.69
CA GLU B 103 -44.19 0.45 -18.21
C GLU B 103 -45.02 -0.27 -17.15
N ILE B 104 -44.47 -0.43 -15.95
CA ILE B 104 -45.14 -1.24 -14.93
C ILE B 104 -45.69 -0.40 -13.78
N GLY B 105 -45.57 0.92 -13.85
CA GLY B 105 -46.12 1.76 -12.78
C GLY B 105 -47.56 1.43 -12.42
N ALA B 106 -48.40 1.20 -13.44
CA ALA B 106 -49.79 0.88 -13.17
C ALA B 106 -49.96 -0.47 -12.48
N ASP B 107 -48.93 -1.31 -12.50
CA ASP B 107 -49.01 -2.63 -11.90
C ASP B 107 -48.46 -2.69 -10.49
N ILE B 108 -47.83 -1.62 -9.99
CA ILE B 108 -47.37 -1.64 -8.60
C ILE B 108 -48.59 -1.65 -7.68
N GLU B 109 -48.54 -2.49 -6.65
CA GLU B 109 -49.60 -2.66 -5.69
C GLU B 109 -49.10 -2.27 -4.30
N ASP B 110 -50.04 -2.24 -3.35
CA ASP B 110 -49.68 -1.91 -1.97
C ASP B 110 -48.64 -2.86 -1.42
N ARG B 111 -48.66 -4.13 -1.85
CA ARG B 111 -47.78 -5.13 -1.28
C ARG B 111 -46.33 -5.00 -1.73
N HIS B 112 -46.07 -4.26 -2.81
CA HIS B 112 -44.74 -4.28 -3.42
C HIS B 112 -43.74 -3.44 -2.65
N ILE B 113 -42.55 -3.99 -2.47
CA ILE B 113 -41.37 -3.24 -2.11
C ILE B 113 -40.48 -3.17 -3.35
N VAL B 114 -40.25 -1.97 -3.85
CA VAL B 114 -39.45 -1.75 -5.04
C VAL B 114 -38.03 -1.42 -4.58
N VAL B 115 -37.08 -2.26 -4.93
CA VAL B 115 -35.67 -2.08 -4.57
C VAL B 115 -34.89 -1.75 -5.84
N SER B 116 -34.44 -0.51 -5.97
CA SER B 116 -33.66 -0.12 -7.14
C SER B 116 -32.19 -0.35 -6.84
N CYS B 117 -31.53 -1.15 -7.70
CA CYS B 117 -30.09 -1.35 -7.62
C CYS B 117 -29.33 -0.49 -8.61
N ALA B 118 -30.02 0.38 -9.35
CA ALA B 118 -29.39 1.16 -10.41
C ALA B 118 -28.43 2.20 -9.83
N ALA B 119 -27.21 2.25 -10.38
CA ALA B 119 -26.25 3.27 -9.96
C ALA B 119 -26.81 4.67 -10.19
N GLY B 120 -26.70 5.52 -9.18
CA GLY B 120 -27.03 6.92 -9.32
C GLY B 120 -28.50 7.29 -9.23
N VAL B 121 -29.43 6.37 -9.51
CA VAL B 121 -30.85 6.75 -9.66
C VAL B 121 -31.45 7.04 -8.29
N THR B 122 -32.01 8.23 -8.12
CA THR B 122 -32.43 8.65 -6.79
C THR B 122 -33.78 8.05 -6.41
N ILE B 123 -33.98 7.91 -5.10
CA ILE B 123 -35.29 7.55 -4.56
C ILE B 123 -36.33 8.55 -5.05
N SER B 124 -35.98 9.85 -5.05
CA SER B 124 -36.94 10.88 -5.45
C SER B 124 -37.44 10.67 -6.88
N SER B 125 -36.54 10.33 -7.81
CA SER B 125 -36.95 10.17 -9.19
C SER B 125 -37.84 8.95 -9.36
N ILE B 126 -37.58 7.89 -8.60
CA ILE B 126 -38.43 6.69 -8.69
C ILE B 126 -39.80 6.96 -8.08
N GLU B 127 -39.82 7.59 -6.91
CA GLU B 127 -41.09 7.83 -6.23
C GLU B 127 -41.97 8.77 -7.05
N LYS B 128 -41.35 9.74 -7.73
CA LYS B 128 -42.11 10.67 -8.56
C LYS B 128 -42.82 9.95 -9.69
N LYS B 129 -42.11 9.04 -10.38
CA LYS B 129 -42.69 8.25 -11.45
C LYS B 129 -43.83 7.38 -10.94
N LEU B 130 -43.56 6.58 -9.90
CA LEU B 130 -44.54 5.62 -9.44
C LEU B 130 -45.72 6.30 -8.75
N SER B 131 -45.51 7.47 -8.13
CA SER B 131 -46.60 8.15 -7.46
C SER B 131 -47.67 8.64 -8.43
N ALA B 132 -47.33 8.80 -9.72
CA ALA B 132 -48.34 9.21 -10.70
C ALA B 132 -49.41 8.14 -10.89
N PHE B 133 -49.11 6.89 -10.54
CA PHE B 133 -50.05 5.79 -10.70
C PHE B 133 -50.77 5.42 -9.41
N ARG B 134 -50.07 5.45 -8.29
CA ARG B 134 -50.65 5.06 -7.01
C ARG B 134 -49.81 5.73 -5.94
N PRO B 135 -50.44 6.40 -4.98
CA PRO B 135 -49.64 7.09 -3.95
C PRO B 135 -48.90 6.10 -3.08
N ALA B 136 -47.89 6.61 -2.41
CA ALA B 136 -47.11 5.89 -1.41
C ALA B 136 -46.43 4.60 -1.91
N PRO B 137 -45.72 4.61 -3.04
CA PRO B 137 -44.91 3.44 -3.38
C PRO B 137 -43.81 3.23 -2.34
N ARG B 138 -43.60 1.98 -1.96
CA ARG B 138 -42.57 1.61 -1.01
C ARG B 138 -41.25 1.37 -1.77
N VAL B 139 -40.30 2.30 -1.64
CA VAL B 139 -39.08 2.28 -2.45
C VAL B 139 -37.87 2.19 -1.54
N ILE B 140 -36.94 1.32 -1.90
CA ILE B 140 -35.63 1.24 -1.27
C ILE B 140 -34.58 1.34 -2.36
N ARG B 141 -33.54 2.12 -2.11
CA ARG B 141 -32.42 2.23 -3.02
C ARG B 141 -31.23 1.48 -2.42
N CYS B 142 -30.54 0.71 -3.24
CA CYS B 142 -29.41 -0.02 -2.70
C CYS B 142 -28.24 0.09 -3.68
N MET B 143 -27.03 -0.07 -3.13
CA MET B 143 -25.83 -0.21 -3.93
C MET B 143 -25.14 -1.47 -3.42
N THR B 144 -24.89 -2.41 -4.31
CA THR B 144 -24.27 -3.67 -3.92
C THR B 144 -23.12 -3.90 -4.88
N ASN B 145 -22.66 -5.14 -5.01
CA ASN B 145 -21.57 -5.43 -5.93
C ASN B 145 -21.60 -6.91 -6.28
N THR B 146 -20.81 -7.27 -7.29
CA THR B 146 -20.95 -8.63 -7.81
C THR B 146 -20.53 -9.72 -6.83
N PRO B 147 -19.65 -9.48 -5.84
CA PRO B 147 -19.31 -10.58 -4.93
C PRO B 147 -20.46 -11.11 -4.08
N VAL B 148 -21.69 -10.58 -4.21
CA VAL B 148 -22.82 -11.29 -3.60
C VAL B 148 -22.92 -12.69 -4.18
N VAL B 149 -22.36 -12.92 -5.37
CA VAL B 149 -22.41 -14.23 -6.00
C VAL B 149 -21.66 -15.29 -5.20
N VAL B 150 -20.68 -14.88 -4.39
CA VAL B 150 -19.99 -15.77 -3.46
C VAL B 150 -20.32 -15.41 -2.01
N ARG B 151 -21.46 -14.73 -1.83
CA ARG B 151 -21.96 -14.32 -0.52
C ARG B 151 -20.98 -13.47 0.27
N GLU B 152 -20.16 -12.68 -0.42
CA GLU B 152 -19.26 -11.73 0.23
C GLU B 152 -19.45 -10.33 -0.34
N GLY B 153 -20.68 -9.97 -0.64
CA GLY B 153 -20.95 -8.64 -1.13
C GLY B 153 -20.78 -7.56 -0.07
N ALA B 154 -20.84 -6.33 -0.55
CA ALA B 154 -20.85 -5.14 0.29
C ALA B 154 -22.04 -4.32 -0.18
N THR B 155 -23.05 -4.17 0.68
CA THR B 155 -24.32 -3.58 0.27
C THR B 155 -24.69 -2.48 1.24
N VAL B 156 -25.16 -1.35 0.71
CA VAL B 156 -25.80 -0.34 1.53
C VAL B 156 -27.17 -0.09 0.95
N TYR B 157 -28.09 0.38 1.80
CA TYR B 157 -29.42 0.72 1.31
C TYR B 157 -29.93 1.95 2.04
N ALA B 158 -30.85 2.66 1.37
CA ALA B 158 -31.57 3.78 1.96
C ALA B 158 -33.06 3.56 1.74
N THR B 159 -33.86 3.87 2.76
CA THR B 159 -35.30 3.68 2.70
C THR B 159 -35.97 4.95 2.17
N GLY B 160 -36.98 4.77 1.33
CA GLY B 160 -37.72 5.88 0.77
C GLY B 160 -38.77 6.44 1.71
N THR B 161 -39.52 7.41 1.19
CA THR B 161 -40.50 8.16 1.98
C THR B 161 -41.57 7.27 2.58
N HIS B 162 -42.04 6.28 1.82
CA HIS B 162 -43.19 5.48 2.21
C HIS B 162 -42.81 4.07 2.61
N ALA B 163 -41.52 3.76 2.64
CA ALA B 163 -41.06 2.48 3.13
C ALA B 163 -41.36 2.38 4.62
N GLN B 164 -42.00 1.28 5.00
CA GLN B 164 -42.25 1.05 6.42
C GLN B 164 -40.96 0.58 7.11
N VAL B 165 -40.91 0.74 8.43
CA VAL B 165 -39.71 0.36 9.17
C VAL B 165 -39.42 -1.13 8.97
N GLU B 166 -40.47 -1.95 8.90
CA GLU B 166 -40.28 -3.37 8.63
C GLU B 166 -39.72 -3.64 7.23
N ASP B 167 -39.91 -2.72 6.26
CA ASP B 167 -39.39 -2.93 4.91
C ASP B 167 -37.86 -2.89 4.90
N GLY B 168 -37.28 -1.88 5.56
CA GLY B 168 -35.84 -1.81 5.65
C GLY B 168 -35.25 -2.99 6.41
N ARG B 169 -35.91 -3.38 7.52
CA ARG B 169 -35.43 -4.53 8.29
C ARG B 169 -35.44 -5.79 7.44
N LEU B 170 -36.51 -6.00 6.66
CA LEU B 170 -36.58 -7.17 5.80
C LEU B 170 -35.49 -7.15 4.73
N MET B 171 -35.28 -5.99 4.11
CA MET B 171 -34.24 -5.91 3.09
C MET B 171 -32.86 -6.09 3.69
N GLU B 172 -32.61 -5.55 4.88
CA GLU B 172 -31.32 -5.80 5.50
C GLU B 172 -31.13 -7.28 5.80
N GLN B 173 -32.20 -7.96 6.23
CA GLN B 173 -32.14 -9.39 6.48
C GLN B 173 -31.80 -10.16 5.22
N LEU B 174 -32.51 -9.86 4.12
CA LEU B 174 -32.27 -10.53 2.86
C LEU B 174 -30.85 -10.25 2.34
N LEU B 175 -30.45 -8.98 2.27
CA LEU B 175 -29.15 -8.66 1.69
C LEU B 175 -27.99 -9.05 2.60
N SER B 176 -28.21 -9.14 3.91
CA SER B 176 -27.16 -9.65 4.79
C SER B 176 -26.86 -11.12 4.54
N SER B 177 -27.75 -11.84 3.87
CA SER B 177 -27.47 -13.25 3.61
C SER B 177 -26.44 -13.44 2.51
N VAL B 178 -26.08 -12.39 1.78
CA VAL B 178 -25.11 -12.47 0.71
C VAL B 178 -23.93 -11.53 0.93
N GLY B 179 -23.75 -11.01 2.14
CA GLY B 179 -22.55 -10.26 2.44
C GLY B 179 -22.85 -9.20 3.49
N PHE B 180 -21.95 -8.22 3.57
CA PHE B 180 -22.13 -7.12 4.51
C PHE B 180 -23.28 -6.24 4.01
N CYS B 181 -24.08 -5.73 4.95
CA CYS B 181 -25.18 -4.86 4.57
C CYS B 181 -25.45 -3.90 5.72
N THR B 182 -25.62 -2.62 5.39
CA THR B 182 -26.01 -1.66 6.41
C THR B 182 -26.83 -0.54 5.78
N GLU B 183 -27.65 0.09 6.60
CA GLU B 183 -28.43 1.23 6.15
C GLU B 183 -27.55 2.48 6.11
N VAL B 184 -27.77 3.34 5.11
CA VAL B 184 -27.12 4.65 5.08
C VAL B 184 -28.14 5.71 4.68
N GLU B 185 -27.79 6.97 4.96
CA GLU B 185 -28.48 8.08 4.32
C GLU B 185 -28.26 8.01 2.82
N GLU B 186 -29.28 8.39 2.03
CA GLU B 186 -29.15 8.25 0.59
C GLU B 186 -28.00 9.08 0.04
N ASP B 187 -27.64 10.19 0.67
CA ASP B 187 -26.60 11.01 0.05
C ASP B 187 -25.19 10.41 0.16
N LEU B 188 -25.03 9.25 0.80
CA LEU B 188 -23.76 8.54 0.80
C LEU B 188 -23.63 7.55 -0.34
N ILE B 189 -24.71 7.24 -1.06
CA ILE B 189 -24.69 6.06 -1.93
C ILE B 189 -23.82 6.27 -3.17
N ASP B 190 -23.76 7.49 -3.72
CA ASP B 190 -22.88 7.73 -4.87
C ASP B 190 -21.41 7.50 -4.49
N ALA B 191 -21.02 7.89 -3.28
CA ALA B 191 -19.65 7.62 -2.81
C ALA B 191 -19.42 6.14 -2.56
N VAL B 192 -20.41 5.45 -1.97
CA VAL B 192 -20.30 4.00 -1.82
C VAL B 192 -20.12 3.33 -3.19
N THR B 193 -20.84 3.85 -4.19
CA THR B 193 -20.70 3.34 -5.56
C THR B 193 -19.25 3.41 -6.03
N GLY B 194 -18.58 4.53 -5.76
CA GLY B 194 -17.20 4.68 -6.19
C GLY B 194 -16.24 3.79 -5.45
N LEU B 195 -16.59 3.37 -4.24
CA LEU B 195 -15.70 2.57 -3.39
C LEU B 195 -16.00 1.08 -3.54
N SER B 196 -17.14 0.61 -3.02
CA SER B 196 -17.39 -0.83 -3.06
C SER B 196 -18.21 -1.28 -4.27
N GLY B 197 -19.01 -0.40 -4.87
CA GLY B 197 -19.64 -0.78 -6.12
C GLY B 197 -18.64 -1.05 -7.23
N SER B 198 -17.76 -0.08 -7.51
CA SER B 198 -16.70 -0.24 -8.51
C SER B 198 -15.50 -1.00 -7.97
N GLY B 199 -15.38 -1.10 -6.65
CA GLY B 199 -14.22 -1.70 -6.00
C GLY B 199 -13.74 -3.04 -6.53
N PRO B 200 -14.65 -3.98 -6.79
CA PRO B 200 -14.17 -5.27 -7.32
C PRO B 200 -13.38 -5.15 -8.61
N ALA B 201 -13.74 -4.20 -9.49
CA ALA B 201 -12.97 -3.99 -10.73
C ALA B 201 -11.55 -3.50 -10.44
N TYR B 202 -11.40 -2.60 -9.47
CA TYR B 202 -10.06 -2.19 -9.05
C TYR B 202 -9.26 -3.40 -8.61
N ALA B 203 -9.89 -4.30 -7.83
CA ALA B 203 -9.21 -5.50 -7.34
C ALA B 203 -8.86 -6.46 -8.47
N PHE B 204 -9.78 -6.66 -9.43
CA PHE B 204 -9.47 -7.55 -10.54
C PHE B 204 -8.30 -7.02 -11.36
N THR B 205 -8.26 -5.69 -11.56
CA THR B 205 -7.13 -5.04 -12.23
C THR B 205 -5.84 -5.27 -11.44
N ALA B 206 -5.89 -5.04 -10.12
CA ALA B 206 -4.72 -5.23 -9.26
C ALA B 206 -4.24 -6.68 -9.28
N LEU B 207 -5.16 -7.64 -9.29
CA LEU B 207 -4.78 -9.05 -9.29
C LEU B 207 -4.16 -9.47 -10.62
N ASP B 208 -4.70 -8.97 -11.73
CA ASP B 208 -4.10 -9.21 -13.04
C ASP B 208 -2.66 -8.70 -13.07
N ALA B 209 -2.44 -7.51 -12.52
CA ALA B 209 -1.11 -6.90 -12.54
C ALA B 209 -0.16 -7.59 -11.59
N LEU B 210 -0.64 -7.94 -10.39
CA LEU B 210 0.20 -8.68 -9.45
C LEU B 210 0.62 -10.02 -10.07
N ALA B 211 -0.31 -10.69 -10.76
CA ALA B 211 0.05 -11.96 -11.40
C ALA B 211 1.09 -11.74 -12.50
N ASP B 212 0.95 -10.66 -13.30
CA ASP B 212 1.99 -10.31 -14.27
C ASP B 212 3.34 -10.12 -13.59
N GLY B 213 3.33 -9.48 -12.42
CA GLY B 213 4.56 -9.34 -11.65
C GLY B 213 5.14 -10.67 -11.23
N GLY B 214 4.29 -11.60 -10.77
CA GLY B 214 4.78 -12.92 -10.43
C GLY B 214 5.35 -13.66 -11.63
N VAL B 215 4.64 -13.61 -12.77
CA VAL B 215 5.13 -14.24 -14.00
C VAL B 215 6.48 -13.65 -14.41
N LYS B 216 6.63 -12.33 -14.28
CA LYS B 216 7.89 -11.70 -14.67
C LYS B 216 9.05 -12.25 -13.85
N MET B 217 8.81 -12.52 -12.57
CA MET B 217 9.84 -13.01 -11.68
C MET B 217 9.98 -14.54 -11.67
N GLY B 218 9.27 -15.24 -12.56
CA GLY B 218 9.47 -16.67 -12.76
C GLY B 218 8.33 -17.58 -12.36
N LEU B 219 7.14 -17.05 -11.91
CA LEU B 219 6.09 -17.98 -11.50
C LEU B 219 5.18 -18.36 -12.66
N PRO B 220 4.68 -19.59 -12.68
CA PRO B 220 3.59 -19.92 -13.60
C PRO B 220 2.38 -19.04 -13.34
N ARG B 221 1.70 -18.67 -14.43
CA ARG B 221 0.58 -17.73 -14.32
CA ARG B 221 0.56 -17.74 -14.34
C ARG B 221 -0.49 -18.24 -13.37
N ARG B 222 -0.84 -19.53 -13.47
CA ARG B 222 -1.88 -20.09 -12.63
C ARG B 222 -1.55 -19.93 -11.14
N LEU B 223 -0.32 -20.28 -10.75
CA LEU B 223 0.12 -20.13 -9.38
C LEU B 223 0.12 -18.66 -8.96
N ALA B 224 0.65 -17.79 -9.83
CA ALA B 224 0.68 -16.36 -9.50
C ALA B 224 -0.73 -15.82 -9.24
N VAL B 225 -1.71 -16.21 -10.07
CA VAL B 225 -3.08 -15.74 -9.86
C VAL B 225 -3.62 -16.25 -8.53
N ARG B 226 -3.41 -17.53 -8.25
CA ARG B 226 -3.88 -18.13 -6.99
C ARG B 226 -3.26 -17.43 -5.78
N LEU B 227 -1.94 -17.18 -5.83
CA LEU B 227 -1.25 -16.61 -4.67
C LEU B 227 -1.64 -15.15 -4.48
N GLY B 228 -1.71 -14.38 -5.56
CA GLY B 228 -2.10 -12.99 -5.43
C GLY B 228 -3.49 -12.84 -4.86
N ALA B 229 -4.41 -13.67 -5.33
CA ALA B 229 -5.79 -13.59 -4.87
C ALA B 229 -5.91 -14.01 -3.41
N GLN B 230 -5.20 -15.07 -3.02
CA GLN B 230 -5.18 -15.49 -1.63
C GLN B 230 -4.59 -14.41 -0.73
N ALA B 231 -3.54 -13.73 -1.21
CA ALA B 231 -2.92 -12.66 -0.43
C ALA B 231 -3.88 -11.51 -0.19
N LEU B 232 -4.62 -11.10 -1.24
CA LEU B 232 -5.59 -10.02 -1.08
CA LEU B 232 -5.57 -10.01 -1.06
C LEU B 232 -6.73 -10.42 -0.16
N LEU B 233 -7.27 -11.63 -0.37
CA LEU B 233 -8.33 -12.13 0.47
C LEU B 233 -7.90 -12.17 1.93
N GLY B 234 -6.72 -12.73 2.18
CA GLY B 234 -6.24 -12.85 3.55
C GLY B 234 -6.05 -11.49 4.21
N ALA B 235 -5.49 -10.54 3.47
CA ALA B 235 -5.22 -9.23 4.05
C ALA B 235 -6.52 -8.49 4.35
N ALA B 236 -7.49 -8.59 3.45
CA ALA B 236 -8.78 -7.95 3.69
C ALA B 236 -9.45 -8.57 4.91
N LYS B 237 -9.38 -9.90 5.06
CA LYS B 237 -9.96 -10.54 6.22
C LYS B 237 -9.26 -10.10 7.50
N MET B 238 -7.92 -10.02 7.49
CA MET B 238 -7.20 -9.54 8.66
C MET B 238 -7.69 -8.16 9.08
N LEU B 239 -7.82 -7.25 8.13
CA LEU B 239 -8.30 -5.90 8.46
C LEU B 239 -9.72 -5.93 9.02
N LEU B 240 -10.59 -6.76 8.43
CA LEU B 240 -11.97 -6.81 8.92
C LEU B 240 -12.04 -7.36 10.34
N HIS B 241 -11.16 -8.28 10.70
CA HIS B 241 -11.20 -8.91 12.02
C HIS B 241 -10.31 -8.23 13.04
N SER B 242 -9.59 -7.19 12.66
CA SER B 242 -8.65 -6.50 13.55
C SER B 242 -9.22 -5.13 13.94
N GLU B 243 -8.83 -4.67 15.11
CA GLU B 243 -9.10 -3.29 15.51
C GLU B 243 -7.95 -2.35 15.18
N GLN B 244 -6.89 -2.83 14.56
CA GLN B 244 -5.72 -2.01 14.29
C GLN B 244 -5.85 -1.29 12.95
N HIS B 245 -5.14 -0.17 12.84
CA HIS B 245 -5.15 0.60 11.61
C HIS B 245 -4.44 -0.18 10.51
N PRO B 246 -4.89 -0.07 9.26
CA PRO B 246 -4.17 -0.75 8.15
C PRO B 246 -2.70 -0.38 8.10
N GLY B 247 -2.32 0.84 8.46
CA GLY B 247 -0.90 1.18 8.55
C GLY B 247 -0.16 0.31 9.56
N GLN B 248 -0.81 0.00 10.70
CA GLN B 248 -0.16 -0.85 11.69
C GLN B 248 -0.01 -2.28 11.18
N LEU B 249 -1.05 -2.81 10.52
CA LEU B 249 -0.92 -4.14 9.93
C LEU B 249 0.20 -4.16 8.88
N LYS B 250 0.30 -3.10 8.10
CA LYS B 250 1.38 -2.99 7.12
C LYS B 250 2.74 -3.03 7.79
N ASP B 251 2.90 -2.30 8.89
CA ASP B 251 4.17 -2.28 9.63
C ASP B 251 4.57 -3.67 10.11
N ASN B 252 3.60 -4.54 10.45
CA ASN B 252 3.93 -5.87 10.93
C ASN B 252 4.54 -6.74 9.83
N VAL B 253 4.24 -6.45 8.57
CA VAL B 253 4.79 -7.27 7.49
C VAL B 253 6.25 -6.93 7.24
N SER B 254 6.61 -5.65 7.24
CA SER B 254 7.93 -5.24 6.76
C SER B 254 8.97 -5.32 7.88
N SER B 255 9.98 -6.22 7.71
CA SER B 255 11.16 -6.14 8.56
C SER B 255 12.07 -5.02 8.08
N PRO B 256 12.81 -4.41 9.00
CA PRO B 256 13.74 -3.34 8.61
C PRO B 256 14.71 -3.79 7.53
N GLY B 257 14.88 -2.94 6.51
CA GLY B 257 15.73 -3.22 5.38
C GLY B 257 15.27 -4.33 4.47
N GLY B 258 14.08 -4.90 4.71
CA GLY B 258 13.67 -6.13 4.05
C GLY B 258 13.00 -5.92 2.70
N ALA B 259 12.51 -7.03 2.16
CA ALA B 259 11.95 -7.04 0.81
C ALA B 259 10.67 -6.21 0.73
N THR B 260 9.80 -6.33 1.74
CA THR B 260 8.51 -5.67 1.67
C THR B 260 8.65 -4.15 1.66
N ILE B 261 9.51 -3.60 2.54
CA ILE B 261 9.62 -2.14 2.61
C ILE B 261 10.27 -1.60 1.34
N HIS B 262 11.14 -2.39 0.69
CA HIS B 262 11.66 -1.99 -0.62
C HIS B 262 10.54 -1.90 -1.64
N ALA B 263 9.61 -2.87 -1.63
CA ALA B 263 8.48 -2.83 -2.56
C ALA B 263 7.52 -1.70 -2.23
N LEU B 264 7.25 -1.47 -0.94
CA LEU B 264 6.37 -0.36 -0.58
C LEU B 264 6.91 0.96 -1.10
N HIS B 265 8.24 1.13 -1.06
CA HIS B 265 8.82 2.38 -1.55
C HIS B 265 8.51 2.60 -3.02
N VAL B 266 8.64 1.55 -3.86
CA VAL B 266 8.37 1.75 -5.27
C VAL B 266 6.88 2.03 -5.52
N LEU B 267 5.98 1.46 -4.71
CA LEU B 267 4.57 1.85 -4.80
C LEU B 267 4.39 3.33 -4.48
N GLU B 268 5.02 3.79 -3.39
CA GLU B 268 4.91 5.20 -3.02
C GLU B 268 5.50 6.10 -4.09
N SER B 269 6.60 5.68 -4.72
CA SER B 269 7.24 6.52 -5.72
C SER B 269 6.35 6.73 -6.93
N GLY B 270 5.46 5.78 -7.21
CA GLY B 270 4.51 5.96 -8.29
C GLY B 270 3.20 6.62 -7.88
N GLY B 271 3.07 7.07 -6.63
CA GLY B 271 1.81 7.67 -6.21
C GLY B 271 0.66 6.68 -6.16
N PHE B 272 0.97 5.41 -5.84
CA PHE B 272 -0.02 4.32 -5.78
C PHE B 272 -1.28 4.71 -4.99
N ARG B 273 -1.08 5.29 -3.80
CA ARG B 273 -2.23 5.68 -2.99
C ARG B 273 -3.10 6.69 -3.71
N SER B 274 -2.48 7.67 -4.37
CA SER B 274 -3.27 8.69 -5.04
C SER B 274 -4.09 8.11 -6.19
N LEU B 275 -3.58 7.08 -6.85
CA LEU B 275 -4.34 6.49 -7.96
C LEU B 275 -5.65 5.90 -7.44
N LEU B 276 -5.61 5.23 -6.28
CA LEU B 276 -6.82 4.65 -5.72
C LEU B 276 -7.80 5.74 -5.25
N ILE B 277 -7.30 6.83 -4.66
CA ILE B 277 -8.18 7.95 -4.34
C ILE B 277 -8.79 8.51 -5.61
N ASN B 278 -7.95 8.72 -6.65
CA ASN B 278 -8.43 9.19 -7.95
C ASN B 278 -9.57 8.32 -8.46
N ALA B 279 -9.44 7.00 -8.32
CA ALA B 279 -10.43 6.07 -8.83
C ALA B 279 -11.77 6.22 -8.11
N VAL B 280 -11.75 6.16 -6.77
CA VAL B 280 -12.99 6.33 -6.01
C VAL B 280 -13.66 7.65 -6.38
N GLU B 281 -12.87 8.72 -6.49
CA GLU B 281 -13.40 10.02 -6.85
C GLU B 281 -14.03 10.00 -8.24
N ALA B 282 -13.35 9.38 -9.21
CA ALA B 282 -13.84 9.42 -10.58
C ALA B 282 -15.14 8.63 -10.73
N SER B 283 -15.22 7.47 -10.08
CA SER B 283 -16.47 6.70 -10.12
C SER B 283 -17.62 7.45 -9.45
N CYS B 284 -17.36 8.03 -8.27
CA CYS B 284 -18.38 8.82 -7.59
C CYS B 284 -18.83 10.01 -8.43
N ILE B 285 -17.88 10.77 -8.99
CA ILE B 285 -18.25 11.95 -9.77
C ILE B 285 -19.04 11.56 -11.01
N ARG B 286 -18.61 10.50 -11.71
CA ARG B 286 -19.36 10.05 -12.88
C ARG B 286 -20.77 9.62 -12.48
N THR B 287 -20.91 8.94 -11.34
CA THR B 287 -22.24 8.55 -10.85
C THR B 287 -23.11 9.79 -10.62
N ARG B 288 -22.56 10.82 -9.97
CA ARG B 288 -23.32 12.05 -9.79
C ARG B 288 -23.63 12.72 -11.11
N GLU B 289 -22.63 12.76 -12.01
CA GLU B 289 -22.80 13.43 -13.29
C GLU B 289 -23.87 12.76 -14.13
N LEU B 290 -23.91 11.43 -14.13
CA LEU B 290 -24.92 10.72 -14.91
C LEU B 290 -26.30 11.03 -14.38
N GLN B 291 -26.48 11.02 -13.06
CA GLN B 291 -27.81 11.28 -12.53
C GLN B 291 -28.25 12.71 -12.80
N SER B 292 -27.33 13.68 -12.73
CA SER B 292 -27.73 15.06 -13.06
C SER B 292 -28.19 15.18 -14.50
N MET B 293 -27.60 14.39 -15.40
CA MET B 293 -28.09 14.35 -16.78
C MET B 293 -29.47 13.69 -16.85
N ALA B 294 -29.70 12.66 -16.01
CA ALA B 294 -31.02 12.04 -15.95
C ALA B 294 -32.09 13.05 -15.52
N ASP B 295 -31.78 13.88 -14.53
CA ASP B 295 -32.76 14.85 -14.02
C ASP B 295 -32.69 16.19 -14.76
N GLN C 21 28.05 16.93 38.18
CA GLN C 21 28.36 17.41 39.52
C GLN C 21 29.84 17.79 39.65
N SER C 22 30.69 16.78 39.81
CA SER C 22 32.14 16.97 39.77
C SER C 22 32.70 16.75 38.37
N MET C 23 31.91 16.96 37.32
CA MET C 23 32.26 16.49 35.99
C MET C 23 32.73 17.64 35.11
N SER C 24 33.85 17.40 34.43
CA SER C 24 34.44 18.33 33.48
C SER C 24 34.20 17.82 32.07
N VAL C 25 33.62 18.65 31.20
CA VAL C 25 33.29 18.26 29.83
C VAL C 25 34.11 19.11 28.86
N GLY C 26 34.62 18.48 27.81
CA GLY C 26 35.37 19.18 26.79
C GLY C 26 34.79 18.95 25.41
N PHE C 27 34.96 19.94 24.55
CA PHE C 27 34.59 19.84 23.14
C PHE C 27 35.82 20.10 22.29
N ILE C 28 36.23 19.11 21.50
CA ILE C 28 37.19 19.34 20.43
C ILE C 28 36.39 19.68 19.17
N GLY C 29 36.56 20.91 18.68
CA GLY C 29 35.65 21.50 17.71
C GLY C 29 34.73 22.47 18.43
N ALA C 30 34.53 23.67 17.89
CA ALA C 30 33.71 24.67 18.58
C ALA C 30 32.72 25.30 17.61
N GLY C 31 31.97 24.46 16.90
CA GLY C 31 31.01 24.94 15.93
C GLY C 31 29.58 24.67 16.32
N GLN C 32 28.75 24.38 15.33
CA GLN C 32 27.29 24.33 15.53
C GLN C 32 26.93 23.33 16.62
N LEU C 33 27.47 22.12 16.54
CA LEU C 33 27.06 21.09 17.50
C LEU C 33 27.61 21.39 18.90
N ALA C 34 28.85 21.84 18.99
CA ALA C 34 29.40 22.16 20.31
C ALA C 34 28.57 23.25 20.99
N PHE C 35 28.19 24.28 20.24
CA PHE C 35 27.35 25.31 20.84
C PHE C 35 26.00 24.74 21.25
N ALA C 36 25.38 23.94 20.39
CA ALA C 36 24.06 23.41 20.68
C ALA C 36 24.07 22.56 21.96
N LEU C 37 25.05 21.65 22.07
CA LEU C 37 25.15 20.80 23.24
C LEU C 37 25.46 21.61 24.49
N ALA C 38 26.43 22.54 24.40
CA ALA C 38 26.79 23.30 25.59
C ALA C 38 25.64 24.20 26.05
N LYS C 39 24.93 24.82 25.11
CA LYS C 39 23.76 25.61 25.48
C LYS C 39 22.71 24.72 26.12
N GLY C 40 22.43 23.56 25.51
CA GLY C 40 21.44 22.65 26.08
C GLY C 40 21.83 22.17 27.46
N PHE C 41 23.09 21.74 27.61
CA PHE C 41 23.56 21.25 28.91
C PHE C 41 23.42 22.33 29.98
N THR C 42 23.86 23.54 29.68
CA THR C 42 23.82 24.57 30.72
C THR C 42 22.39 25.00 31.00
N ALA C 43 21.54 25.07 29.98
CA ALA C 43 20.14 25.38 30.20
C ALA C 43 19.46 24.29 31.04
N ALA C 44 19.83 23.03 30.80
CA ALA C 44 19.30 21.92 31.59
C ALA C 44 19.76 21.96 33.04
N GLY C 45 20.78 22.75 33.36
CA GLY C 45 21.33 22.78 34.70
C GLY C 45 22.20 21.60 35.06
N VAL C 46 22.54 20.73 34.11
CA VAL C 46 23.37 19.58 34.44
C VAL C 46 24.86 19.88 34.37
N LEU C 47 25.26 20.92 33.65
CA LEU C 47 26.65 21.36 33.64
C LEU C 47 26.70 22.85 33.93
N ALA C 48 27.76 23.27 34.61
CA ALA C 48 28.09 24.68 34.73
C ALA C 48 28.93 25.11 33.53
N ALA C 49 28.61 26.28 32.97
CA ALA C 49 29.34 26.74 31.79
C ALA C 49 30.84 26.81 32.04
N HIS C 50 31.24 27.20 33.25
CA HIS C 50 32.67 27.32 33.53
C HIS C 50 33.36 25.97 33.60
N LYS C 51 32.61 24.87 33.70
CA LYS C 51 33.21 23.54 33.72
C LYS C 51 33.29 22.94 32.32
N ILE C 52 33.01 23.72 31.29
CA ILE C 52 33.08 23.28 29.90
C ILE C 52 34.21 24.03 29.20
N MET C 53 35.01 23.29 28.44
CA MET C 53 36.07 23.88 27.62
C MET C 53 35.89 23.41 26.19
N ALA C 54 36.15 24.31 25.24
CA ALA C 54 36.03 23.99 23.81
C ALA C 54 37.24 24.54 23.07
N SER C 55 37.70 23.79 22.06
CA SER C 55 38.88 24.17 21.30
C SER C 55 38.55 24.27 19.82
N SER C 56 39.15 25.26 19.16
CA SER C 56 39.04 25.47 17.73
C SER C 56 40.28 26.20 17.26
N PRO C 57 40.80 25.90 16.07
CA PRO C 57 41.90 26.72 15.52
C PRO C 57 41.45 28.08 15.01
N ASP C 58 40.17 28.21 14.64
CA ASP C 58 39.62 29.49 14.18
C ASP C 58 38.89 30.13 15.35
N MET C 59 39.67 30.73 16.24
CA MET C 59 39.17 31.38 17.45
C MET C 59 38.29 32.61 17.17
N ASP C 60 37.94 32.88 15.90
CA ASP C 60 37.13 34.04 15.54
C ASP C 60 35.83 33.64 14.85
N LEU C 61 35.46 32.37 14.88
CA LEU C 61 34.18 31.94 14.34
C LEU C 61 33.03 32.49 15.20
N ALA C 62 31.84 32.55 14.60
CA ALA C 62 30.70 33.10 15.31
C ALA C 62 30.24 32.17 16.44
N THR C 63 30.32 30.86 16.21
CA THR C 63 30.00 29.91 17.27
C THR C 63 30.98 30.03 18.45
N VAL C 64 32.24 30.35 18.17
CA VAL C 64 33.20 30.53 19.27
C VAL C 64 32.80 31.73 20.13
N SER C 65 32.34 32.81 19.48
CA SER C 65 31.93 33.99 20.24
C SER C 65 30.69 33.70 21.07
N ALA C 66 29.74 32.92 20.53
CA ALA C 66 28.54 32.56 21.27
C ALA C 66 28.88 31.71 22.49
N LEU C 67 29.82 30.77 22.34
CA LEU C 67 30.26 29.97 23.48
C LEU C 67 30.93 30.84 24.54
N ARG C 68 31.77 31.79 24.10
CA ARG C 68 32.40 32.71 25.04
C ARG C 68 31.36 33.47 25.86
N LYS C 69 30.29 33.95 25.21
CA LYS C 69 29.27 34.71 25.91
C LYS C 69 28.53 33.84 26.93
N MET C 70 28.48 32.52 26.70
CA MET C 70 27.87 31.60 27.66
C MET C 70 28.70 31.42 28.91
N GLY C 71 29.99 31.74 28.88
CA GLY C 71 30.88 31.41 29.98
C GLY C 71 31.72 30.16 29.79
N VAL C 72 31.67 29.53 28.61
CA VAL C 72 32.52 28.37 28.34
C VAL C 72 33.98 28.80 28.20
N LYS C 73 34.89 28.03 28.79
CA LYS C 73 36.31 28.28 28.59
C LYS C 73 36.72 27.89 27.17
N LEU C 74 37.55 28.72 26.53
CA LEU C 74 37.91 28.51 25.14
C LEU C 74 39.42 28.57 24.95
N THR C 75 39.93 27.69 24.10
CA THR C 75 41.37 27.59 23.85
C THR C 75 41.58 27.16 22.40
N PRO C 76 42.70 27.55 21.79
CA PRO C 76 43.02 27.00 20.46
C PRO C 76 43.66 25.62 20.51
N HIS C 77 44.11 25.17 21.68
CA HIS C 77 44.92 23.96 21.81
C HIS C 77 44.06 22.79 22.24
N ASN C 78 43.85 21.83 21.32
CA ASN C 78 43.12 20.61 21.64
C ASN C 78 43.71 19.90 22.85
N LYS C 79 45.02 19.98 23.04
CA LYS C 79 45.64 19.33 24.20
C LYS C 79 45.12 19.91 25.51
N GLU C 80 44.84 21.21 25.54
CA GLU C 80 44.31 21.81 26.76
C GLU C 80 42.91 21.30 27.07
N THR C 81 42.06 21.17 26.04
CA THR C 81 40.73 20.60 26.23
C THR C 81 40.81 19.20 26.82
N VAL C 82 41.73 18.38 26.31
CA VAL C 82 41.88 17.01 26.80
C VAL C 82 42.30 16.99 28.26
N GLN C 83 43.30 17.82 28.61
CA GLN C 83 43.74 17.88 29.99
C GLN C 83 42.64 18.39 30.91
N HIS C 84 41.77 19.26 30.40
CA HIS C 84 40.69 19.84 31.18
C HIS C 84 39.60 18.82 31.49
N SER C 85 39.27 17.95 30.55
CA SER C 85 37.98 17.29 30.57
C SER C 85 38.05 15.85 31.07
N ASP C 86 36.92 15.38 31.60
CA ASP C 86 36.66 13.98 31.90
C ASP C 86 35.89 13.33 30.75
N VAL C 87 34.81 13.96 30.35
CA VAL C 87 34.04 13.54 29.17
C VAL C 87 34.46 14.43 28.02
N LEU C 88 34.88 13.82 26.93
CA LEU C 88 35.48 14.54 25.81
C LEU C 88 34.64 14.29 24.57
N PHE C 89 33.96 15.33 24.09
CA PHE C 89 33.17 15.26 22.86
C PHE C 89 34.06 15.62 21.67
N LEU C 90 34.03 14.77 20.65
CA LEU C 90 34.66 15.09 19.36
C LEU C 90 33.58 15.70 18.47
N ALA C 91 33.64 17.01 18.28
CA ALA C 91 32.61 17.70 17.50
C ALA C 91 33.24 18.38 16.29
N VAL C 92 34.09 17.65 15.58
CA VAL C 92 34.70 18.14 14.35
C VAL C 92 34.06 17.42 13.17
N LYS C 93 34.26 17.97 11.98
CA LYS C 93 33.84 17.30 10.76
C LYS C 93 34.50 15.92 10.67
N PRO C 94 33.83 14.96 10.02
CA PRO C 94 34.31 13.56 10.08
C PRO C 94 35.72 13.35 9.54
N HIS C 95 36.08 14.02 8.45
CA HIS C 95 37.42 13.84 7.92
C HIS C 95 38.49 14.39 8.84
N ILE C 96 38.12 15.25 9.81
CA ILE C 96 39.10 15.76 10.77
C ILE C 96 39.35 14.79 11.92
N ILE C 97 38.42 13.87 12.20
CA ILE C 97 38.57 12.98 13.35
C ILE C 97 39.94 12.28 13.39
N PRO C 98 40.43 11.65 12.29
CA PRO C 98 41.71 10.95 12.40
C PRO C 98 42.88 11.86 12.74
N PHE C 99 42.89 13.07 12.18
CA PHE C 99 43.93 14.02 12.55
C PHE C 99 43.86 14.38 14.03
N ILE C 100 42.65 14.52 14.55
CA ILE C 100 42.49 14.84 15.98
C ILE C 100 43.02 13.69 16.83
N LEU C 101 42.64 12.46 16.49
CA LEU C 101 43.05 11.32 17.29
C LEU C 101 44.56 11.16 17.28
N ASP C 102 45.22 11.45 16.16
CA ASP C 102 46.68 11.45 16.13
C ASP C 102 47.25 12.53 17.04
N GLU C 103 46.63 13.71 17.04
CA GLU C 103 47.20 14.83 17.78
C GLU C 103 47.11 14.63 19.28
N ILE C 104 46.00 14.08 19.78
CA ILE C 104 45.77 13.99 21.22
C ILE C 104 45.77 12.56 21.74
N GLY C 105 45.99 11.56 20.88
CA GLY C 105 45.94 10.18 21.34
C GLY C 105 46.86 9.91 22.52
N ALA C 106 48.05 10.52 22.51
CA ALA C 106 49.00 10.30 23.60
C ALA C 106 48.54 10.94 24.91
N ASP C 107 47.57 11.84 24.86
CA ASP C 107 47.12 12.53 26.07
C ASP C 107 45.87 11.90 26.68
N ILE C 108 45.25 10.91 26.02
CA ILE C 108 44.08 10.26 26.58
C ILE C 108 44.50 9.40 27.77
N GLU C 109 43.84 9.59 28.90
CA GLU C 109 44.16 8.89 30.13
C GLU C 109 43.06 7.89 30.47
N ASP C 110 43.32 7.08 31.51
CA ASP C 110 42.33 6.11 31.99
C ASP C 110 40.99 6.76 32.29
N ARG C 111 41.01 7.99 32.78
CA ARG C 111 39.80 8.65 33.25
C ARG C 111 38.87 9.10 32.13
N HIS C 112 39.35 9.16 30.89
CA HIS C 112 38.60 9.81 29.82
C HIS C 112 37.52 8.91 29.25
N ILE C 113 36.37 9.51 28.95
CA ILE C 113 35.38 8.92 28.07
C ILE C 113 35.36 9.77 26.81
N VAL C 114 35.70 9.15 25.68
CA VAL C 114 35.73 9.83 24.38
C VAL C 114 34.42 9.58 23.67
N VAL C 115 33.68 10.66 23.40
CA VAL C 115 32.37 10.58 22.78
C VAL C 115 32.48 11.23 21.41
N SER C 116 32.41 10.41 20.36
CA SER C 116 32.47 10.93 19.00
C SER C 116 31.07 11.26 18.53
N CYS C 117 30.86 12.50 18.12
CA CYS C 117 29.59 12.91 17.55
C CYS C 117 29.61 12.91 16.03
N ALA C 118 30.75 12.54 15.44
CA ALA C 118 30.96 12.72 14.01
C ALA C 118 30.12 11.72 13.20
N ALA C 119 29.44 12.24 12.18
CA ALA C 119 28.61 11.41 11.33
C ALA C 119 29.47 10.35 10.66
N GLY C 120 29.00 9.10 10.70
CA GLY C 120 29.65 8.03 9.96
C GLY C 120 30.84 7.35 10.62
N VAL C 121 31.61 8.08 11.44
CA VAL C 121 32.89 7.57 11.92
C VAL C 121 32.68 6.40 12.89
N THR C 122 33.31 5.27 12.59
CA THR C 122 33.04 4.06 13.36
C THR C 122 33.83 4.03 14.66
N ILE C 123 33.24 3.38 15.67
CA ILE C 123 33.95 3.11 16.92
C ILE C 123 35.25 2.38 16.64
N SER C 124 35.22 1.43 15.71
CA SER C 124 36.41 0.66 15.39
C SER C 124 37.56 1.57 14.95
N SER C 125 37.28 2.52 14.05
CA SER C 125 38.33 3.42 13.56
C SER C 125 38.90 4.27 14.68
N ILE C 126 38.05 4.67 15.63
CA ILE C 126 38.53 5.50 16.75
C ILE C 126 39.34 4.66 17.73
N GLU C 127 38.83 3.48 18.06
CA GLU C 127 39.57 2.61 18.98
C GLU C 127 40.92 2.20 18.39
N LYS C 128 40.97 2.01 17.06
CA LYS C 128 42.22 1.61 16.42
C LYS C 128 43.28 2.70 16.58
N LYS C 129 42.91 3.96 16.35
CA LYS C 129 43.88 5.05 16.51
C LYS C 129 44.30 5.19 17.97
N LEU C 130 43.34 5.30 18.87
CA LEU C 130 43.68 5.55 20.27
C LEU C 130 44.40 4.37 20.91
N SER C 131 44.10 3.14 20.49
CA SER C 131 44.75 1.98 21.11
C SER C 131 46.25 1.92 20.82
N ALA C 132 46.72 2.60 19.77
CA ALA C 132 48.16 2.66 19.53
C ALA C 132 48.91 3.39 20.63
N PHE C 133 48.22 4.21 21.43
CA PHE C 133 48.84 4.99 22.50
C PHE C 133 48.65 4.35 23.88
N ARG C 134 47.42 4.00 24.24
CA ARG C 134 47.14 3.34 25.49
C ARG C 134 46.04 2.33 25.18
N PRO C 135 46.14 1.11 25.68
CA PRO C 135 45.08 0.13 25.43
C PRO C 135 43.81 0.49 26.18
N ALA C 136 42.72 -0.11 25.74
CA ALA C 136 41.40 0.08 26.34
C ALA C 136 40.90 1.53 26.41
N PRO C 137 40.95 2.28 25.32
CA PRO C 137 40.26 3.58 25.32
C PRO C 137 38.76 3.37 25.50
N ARG C 138 38.15 4.26 26.30
CA ARG C 138 36.72 4.19 26.57
C ARG C 138 36.05 5.09 25.54
N VAL C 139 35.34 4.47 24.59
CA VAL C 139 34.78 5.20 23.44
C VAL C 139 33.27 5.01 23.39
N ILE C 140 32.55 6.10 23.16
CA ILE C 140 31.12 6.10 22.89
C ILE C 140 30.90 6.81 21.57
N ARG C 141 30.08 6.23 20.70
CA ARG C 141 29.68 6.94 19.49
C ARG C 141 28.23 7.38 19.63
N CYS C 142 27.96 8.63 19.26
CA CYS C 142 26.57 9.10 19.32
C CYS C 142 26.19 9.83 18.04
N MET C 143 24.89 9.87 17.80
CA MET C 143 24.32 10.72 16.77
C MET C 143 23.23 11.52 17.45
N THR C 144 23.31 12.85 17.32
CA THR C 144 22.34 13.73 17.95
C THR C 144 21.90 14.69 16.85
N ASN C 145 21.32 15.82 17.24
CA ASN C 145 20.90 16.81 16.24
C ASN C 145 20.85 18.17 16.92
N THR C 146 20.69 19.20 16.10
CA THR C 146 20.78 20.56 16.65
C THR C 146 19.68 20.94 17.66
N PRO C 147 18.49 20.32 17.67
CA PRO C 147 17.49 20.73 18.68
C PRO C 147 17.86 20.45 20.13
N VAL C 148 19.00 19.82 20.42
CA VAL C 148 19.49 19.81 21.80
C VAL C 148 19.62 21.23 22.33
N VAL C 149 19.79 22.22 21.43
CA VAL C 149 19.92 23.62 21.85
C VAL C 149 18.65 24.11 22.55
N VAL C 150 17.50 23.51 22.27
CA VAL C 150 16.27 23.80 23.00
C VAL C 150 15.83 22.59 23.82
N ARG C 151 16.77 21.70 24.16
CA ARG C 151 16.52 20.54 25.01
C ARG C 151 15.45 19.62 24.44
N GLU C 152 15.34 19.55 23.12
CA GLU C 152 14.44 18.62 22.44
C GLU C 152 15.18 17.84 21.37
N GLY C 153 16.43 17.49 21.66
CA GLY C 153 17.18 16.69 20.73
C GLY C 153 16.71 15.26 20.67
N ALA C 154 17.22 14.57 19.66
CA ALA C 154 17.02 13.13 19.46
C ALA C 154 18.41 12.51 19.38
N THR C 155 18.76 11.68 20.35
CA THR C 155 20.12 11.17 20.46
C THR C 155 20.10 9.66 20.61
N VAL C 156 20.96 8.99 19.84
CA VAL C 156 21.28 7.59 20.09
C VAL C 156 22.78 7.50 20.36
N TYR C 157 23.18 6.44 21.04
CA TYR C 157 24.59 6.21 21.31
C TYR C 157 24.85 4.71 21.30
N ALA C 158 26.07 4.34 20.92
CA ALA C 158 26.56 2.96 21.02
C ALA C 158 27.85 2.97 21.85
N THR C 159 27.97 2.00 22.75
CA THR C 159 29.15 1.89 23.61
C THR C 159 30.24 1.06 22.96
N GLY C 160 31.49 1.48 23.17
CA GLY C 160 32.62 0.83 22.56
C GLY C 160 33.04 -0.44 23.28
N THR C 161 34.13 -1.02 22.77
CA THR C 161 34.66 -2.27 23.33
C THR C 161 35.03 -2.13 24.80
N HIS C 162 35.67 -1.03 25.17
CA HIS C 162 36.21 -0.88 26.52
C HIS C 162 35.40 0.10 27.37
N ALA C 163 34.25 0.56 26.87
CA ALA C 163 33.37 1.38 27.67
C ALA C 163 32.82 0.57 28.83
N GLN C 164 32.90 1.13 30.03
CA GLN C 164 32.34 0.47 31.20
C GLN C 164 30.82 0.66 31.20
N VAL C 165 30.13 -0.23 31.93
CA VAL C 165 28.66 -0.15 31.97
C VAL C 165 28.22 1.21 32.47
N GLU C 166 28.89 1.71 33.52
CA GLU C 166 28.58 3.04 34.03
C GLU C 166 28.88 4.15 33.03
N ASP C 167 29.74 3.90 32.03
CA ASP C 167 29.97 4.90 31.00
C ASP C 167 28.71 5.13 30.15
N GLY C 168 28.02 4.05 29.79
CA GLY C 168 26.79 4.19 29.03
C GLY C 168 25.69 4.85 29.82
N ARG C 169 25.54 4.45 31.10
CA ARG C 169 24.53 5.07 31.95
C ARG C 169 24.80 6.56 32.12
N LEU C 170 26.07 6.94 32.26
CA LEU C 170 26.44 8.34 32.38
C LEU C 170 26.06 9.11 31.13
N MET C 171 26.44 8.59 29.96
CA MET C 171 26.12 9.28 28.73
C MET C 171 24.62 9.40 28.54
N GLU C 172 23.88 8.33 28.81
CA GLU C 172 22.42 8.42 28.67
C GLU C 172 21.85 9.46 29.64
N GLN C 173 22.39 9.54 30.85
CA GLN C 173 21.90 10.54 31.79
C GLN C 173 22.20 11.95 31.29
N LEU C 174 23.42 12.19 30.83
CA LEU C 174 23.78 13.50 30.31
C LEU C 174 22.93 13.87 29.08
N LEU C 175 22.85 12.97 28.11
CA LEU C 175 22.18 13.33 26.87
C LEU C 175 20.66 13.34 26.99
N SER C 176 20.09 12.61 27.96
CA SER C 176 18.66 12.69 28.25
C SER C 176 18.24 14.07 28.75
N SER C 177 19.17 14.85 29.32
CA SER C 177 18.80 16.17 29.81
C SER C 177 18.56 17.15 28.68
N VAL C 178 18.92 16.80 27.44
CA VAL C 178 18.72 17.72 26.32
C VAL C 178 17.84 17.10 25.23
N GLY C 179 17.14 16.01 25.54
CA GLY C 179 16.15 15.47 24.63
C GLY C 179 16.00 13.97 24.83
N PHE C 180 15.44 13.32 23.82
CA PHE C 180 15.34 11.87 23.83
C PHE C 180 16.73 11.26 23.70
N CYS C 181 16.97 10.19 24.44
CA CYS C 181 18.24 9.49 24.31
C CYS C 181 18.03 8.00 24.53
N THR C 182 18.60 7.17 23.65
CA THR C 182 18.54 5.72 23.85
C THR C 182 19.80 5.06 23.30
N GLU C 183 20.20 3.97 23.93
CA GLU C 183 21.30 3.16 23.41
C GLU C 183 20.82 2.36 22.21
N VAL C 184 21.69 2.24 21.20
CA VAL C 184 21.44 1.38 20.05
C VAL C 184 22.68 0.57 19.73
N GLU C 185 22.49 -0.51 18.97
CA GLU C 185 23.61 -1.18 18.31
C GLU C 185 24.22 -0.23 17.28
N GLU C 186 25.55 -0.27 17.16
CA GLU C 186 26.23 0.71 16.32
C GLU C 186 25.78 0.65 14.87
N ASP C 187 25.37 -0.54 14.39
CA ASP C 187 25.03 -0.61 12.98
C ASP C 187 23.70 0.03 12.63
N LEU C 188 22.99 0.63 13.60
CA LEU C 188 21.81 1.43 13.31
C LEU C 188 22.12 2.91 13.11
N ILE C 189 23.32 3.37 13.48
CA ILE C 189 23.53 4.80 13.64
C ILE C 189 23.53 5.53 12.31
N ASP C 190 24.04 4.90 11.23
CA ASP C 190 24.01 5.56 9.93
C ASP C 190 22.57 5.82 9.46
N ALA C 191 21.66 4.88 9.72
CA ALA C 191 20.24 5.10 9.42
C ALA C 191 19.62 6.17 10.32
N VAL C 192 19.94 6.14 11.62
CA VAL C 192 19.48 7.21 12.51
C VAL C 192 19.96 8.56 11.99
N THR C 193 21.20 8.61 11.48
CA THR C 193 21.73 9.85 10.92
C THR C 193 20.82 10.36 9.80
N GLY C 194 20.35 9.48 8.92
CA GLY C 194 19.48 9.93 7.85
C GLY C 194 18.10 10.36 8.31
N LEU C 195 17.66 9.90 9.48
CA LEU C 195 16.32 10.18 9.98
C LEU C 195 16.32 11.37 10.92
N SER C 196 16.89 11.24 12.13
CA SER C 196 16.84 12.34 13.07
C SER C 196 18.05 13.26 13.02
N GLY C 197 19.20 12.79 12.53
CA GLY C 197 20.33 13.72 12.39
C GLY C 197 20.05 14.78 11.34
N SER C 198 19.64 14.34 10.14
CA SER C 198 19.30 15.23 9.04
C SER C 198 17.87 15.75 9.16
N GLY C 199 17.04 15.07 9.96
CA GLY C 199 15.63 15.39 10.04
C GLY C 199 15.27 16.84 10.29
N PRO C 200 16.01 17.57 11.14
CA PRO C 200 15.66 18.98 11.34
C PRO C 200 15.69 19.77 10.05
N ALA C 201 16.62 19.47 9.15
CA ALA C 201 16.69 20.20 7.89
C ALA C 201 15.47 19.91 7.02
N TYR C 202 14.98 18.65 7.01
CA TYR C 202 13.74 18.35 6.31
C TYR C 202 12.61 19.18 6.89
N ALA C 203 12.57 19.30 8.21
CA ALA C 203 11.51 20.07 8.88
C ALA C 203 11.64 21.55 8.58
N PHE C 204 12.86 22.10 8.58
CA PHE C 204 13.01 23.51 8.25
C PHE C 204 12.57 23.79 6.81
N THR C 205 12.92 22.87 5.88
CA THR C 205 12.44 23.00 4.50
C THR C 205 10.92 22.98 4.44
N ALA C 206 10.31 22.03 5.15
CA ALA C 206 8.85 21.90 5.15
C ALA C 206 8.20 23.15 5.75
N LEU C 207 8.78 23.69 6.82
CA LEU C 207 8.20 24.88 7.46
C LEU C 207 8.31 26.11 6.57
N ASP C 208 9.42 26.27 5.86
CA ASP C 208 9.57 27.35 4.89
C ASP C 208 8.50 27.24 3.80
N ALA C 209 8.26 26.02 3.30
CA ALA C 209 7.29 25.84 2.22
C ALA C 209 5.86 26.04 2.70
N LEU C 210 5.53 25.49 3.86
CA LEU C 210 4.21 25.70 4.45
C LEU C 210 3.94 27.19 4.68
N ALA C 211 4.93 27.93 5.17
CA ALA C 211 4.75 29.36 5.33
C ALA C 211 4.51 30.05 3.99
N ASP C 212 5.24 29.63 2.93
CA ASP C 212 4.99 30.18 1.59
C ASP C 212 3.56 29.91 1.14
N GLY C 213 3.06 28.70 1.42
CA GLY C 213 1.66 28.39 1.11
C GLY C 213 0.70 29.27 1.90
N GLY C 214 0.99 29.50 3.18
CA GLY C 214 0.20 30.43 3.95
C GLY C 214 0.20 31.82 3.36
N VAL C 215 1.39 32.31 2.97
CA VAL C 215 1.49 33.63 2.36
C VAL C 215 0.71 33.67 1.05
N LYS C 216 0.82 32.63 0.22
CA LYS C 216 0.08 32.62 -1.05
C LYS C 216 -1.41 32.77 -0.83
N MET C 217 -1.93 32.15 0.23
CA MET C 217 -3.35 32.21 0.55
C MET C 217 -3.74 33.43 1.38
N GLY C 218 -2.83 34.34 1.66
CA GLY C 218 -3.19 35.66 2.22
C GLY C 218 -2.68 35.94 3.62
N LEU C 219 -1.90 35.05 4.25
CA LEU C 219 -1.39 35.29 5.61
C LEU C 219 -0.10 36.09 5.58
N PRO C 220 0.08 37.00 6.55
CA PRO C 220 1.41 37.60 6.74
C PRO C 220 2.45 36.54 7.03
N ARG C 221 3.66 36.76 6.51
CA ARG C 221 4.73 35.77 6.63
CA ARG C 221 4.71 35.76 6.62
C ARG C 221 4.97 35.40 8.07
N ARG C 222 5.04 36.40 8.95
CA ARG C 222 5.37 36.13 10.36
C ARG C 222 4.33 35.21 11.00
N LEU C 223 3.06 35.48 10.76
CA LEU C 223 2.00 34.62 11.30
C LEU C 223 2.02 33.24 10.67
N ALA C 224 2.31 33.16 9.36
CA ALA C 224 2.35 31.85 8.71
C ALA C 224 3.50 31.00 9.26
N VAL C 225 4.66 31.62 9.55
CA VAL C 225 5.75 30.85 10.13
C VAL C 225 5.36 30.31 11.51
N ARG C 226 4.77 31.17 12.35
CA ARG C 226 4.41 30.79 13.72
C ARG C 226 3.37 29.69 13.73
N LEU C 227 2.33 29.82 12.88
CA LEU C 227 1.28 28.81 12.80
C LEU C 227 1.80 27.49 12.25
N GLY C 228 2.61 27.53 11.20
CA GLY C 228 3.13 26.31 10.64
C GLY C 228 3.99 25.57 11.64
N ALA C 229 4.89 26.30 12.31
CA ALA C 229 5.77 25.67 13.30
C ALA C 229 4.97 25.13 14.47
N GLN C 230 3.95 25.88 14.94
CA GLN C 230 3.14 25.40 16.05
C GLN C 230 2.37 24.13 15.65
N ALA C 231 1.84 24.10 14.44
CA ALA C 231 1.14 22.91 13.96
C ALA C 231 2.04 21.68 13.99
N LEU C 232 3.27 21.84 13.49
CA LEU C 232 4.18 20.70 13.42
C LEU C 232 4.62 20.28 14.82
N LEU C 233 4.86 21.25 15.69
CA LEU C 233 5.24 20.91 17.06
C LEU C 233 4.12 20.15 17.75
N GLY C 234 2.88 20.67 17.65
CA GLY C 234 1.77 20.03 18.33
C GLY C 234 1.47 18.64 17.79
N ALA C 235 1.60 18.47 16.47
CA ALA C 235 1.35 17.16 15.89
C ALA C 235 2.40 16.16 16.34
N ALA C 236 3.67 16.57 16.33
CA ALA C 236 4.73 15.68 16.80
C ALA C 236 4.52 15.31 18.26
N LYS C 237 4.13 16.27 19.09
CA LYS C 237 3.90 15.95 20.49
C LYS C 237 2.73 15.00 20.65
N MET C 238 1.64 15.22 19.89
CA MET C 238 0.50 14.31 19.92
C MET C 238 0.93 12.88 19.66
N LEU C 239 1.72 12.68 18.61
CA LEU C 239 2.17 11.34 18.25
C LEU C 239 3.05 10.74 19.34
N LEU C 240 3.98 11.53 19.91
CA LEU C 240 4.81 11.01 20.98
C LEU C 240 4.01 10.62 22.22
N HIS C 241 2.91 11.33 22.50
CA HIS C 241 2.09 11.06 23.67
C HIS C 241 0.96 10.08 23.41
N SER C 242 0.78 9.62 22.18
CA SER C 242 -0.32 8.73 21.83
C SER C 242 0.19 7.31 21.62
N GLU C 243 -0.65 6.33 21.92
CA GLU C 243 -0.34 4.96 21.54
C GLU C 243 -0.78 4.66 20.11
N GLN C 244 -1.42 5.60 19.43
CA GLN C 244 -2.06 5.30 18.16
C GLN C 244 -1.08 5.46 17.00
N HIS C 245 -1.42 4.78 15.91
CA HIS C 245 -0.63 4.88 14.69
C HIS C 245 -0.78 6.27 14.07
N PRO C 246 0.28 6.84 13.49
CA PRO C 246 0.15 8.15 12.86
C PRO C 246 -0.95 8.19 11.80
N GLY C 247 -1.26 7.06 11.17
CA GLY C 247 -2.39 7.04 10.25
C GLY C 247 -3.72 7.25 10.95
N GLN C 248 -3.87 6.69 12.16
CA GLN C 248 -5.12 6.88 12.89
C GLN C 248 -5.28 8.33 13.31
N LEU C 249 -4.19 8.97 13.76
CA LEU C 249 -4.27 10.37 14.12
C LEU C 249 -4.62 11.22 12.90
N LYS C 250 -4.08 10.88 11.73
CA LYS C 250 -4.45 11.56 10.49
C LYS C 250 -5.94 11.39 10.19
N ASP C 251 -6.47 10.17 10.35
CA ASP C 251 -7.90 9.93 10.17
C ASP C 251 -8.76 10.85 11.04
N ASN C 252 -8.32 11.13 12.27
CA ASN C 252 -9.11 11.96 13.19
C ASN C 252 -9.16 13.43 12.75
N VAL C 253 -8.19 13.91 11.98
CA VAL C 253 -8.24 15.30 11.54
C VAL C 253 -9.29 15.47 10.44
N SER C 254 -9.28 14.59 9.44
CA SER C 254 -10.03 14.84 8.22
C SER C 254 -11.48 14.38 8.38
N SER C 255 -12.40 15.33 8.34
CA SER C 255 -13.80 14.95 8.25
C SER C 255 -14.17 14.66 6.79
N PRO C 256 -15.21 13.85 6.57
CA PRO C 256 -15.57 13.46 5.20
C PRO C 256 -15.84 14.66 4.31
N GLY C 257 -15.25 14.63 3.11
CA GLY C 257 -15.43 15.69 2.13
C GLY C 257 -14.73 17.00 2.45
N GLY C 258 -13.96 17.05 3.53
CA GLY C 258 -13.49 18.29 4.09
C GLY C 258 -12.18 18.82 3.49
N ALA C 259 -11.72 19.93 4.08
CA ALA C 259 -10.55 20.63 3.59
C ALA C 259 -9.30 19.77 3.73
N THR C 260 -9.15 19.09 4.85
CA THR C 260 -7.94 18.34 5.11
C THR C 260 -7.77 17.17 4.13
N ILE C 261 -8.82 16.39 3.91
CA ILE C 261 -8.69 15.22 3.01
C ILE C 261 -8.43 15.68 1.57
N HIS C 262 -8.95 16.84 1.17
CA HIS C 262 -8.61 17.39 -0.14
C HIS C 262 -7.12 17.72 -0.22
N ALA C 263 -6.56 18.28 0.85
CA ALA C 263 -5.15 18.60 0.83
C ALA C 263 -4.28 17.36 0.88
N LEU C 264 -4.69 16.33 1.65
CA LEU C 264 -3.92 15.10 1.69
C LEU C 264 -3.87 14.45 0.31
N HIS C 265 -4.96 14.55 -0.47
CA HIS C 265 -4.94 13.99 -1.82
C HIS C 265 -3.86 14.64 -2.67
N VAL C 266 -3.74 15.98 -2.62
CA VAL C 266 -2.73 16.61 -3.47
C VAL C 266 -1.32 16.24 -2.99
N LEU C 267 -1.11 16.02 -1.69
CA LEU C 267 0.19 15.51 -1.22
C LEU C 267 0.47 14.14 -1.83
N GLU C 268 -0.52 13.23 -1.75
CA GLU C 268 -0.38 11.89 -2.30
C GLU C 268 -0.11 11.93 -3.81
N SER C 269 -0.79 12.83 -4.53
CA SER C 269 -0.61 12.87 -5.98
C SER C 269 0.80 13.27 -6.36
N GLY C 270 1.48 14.01 -5.49
CA GLY C 270 2.88 14.35 -5.68
C GLY C 270 3.87 13.31 -5.17
N GLY C 271 3.41 12.20 -4.62
CA GLY C 271 4.32 11.25 -4.02
C GLY C 271 5.04 11.79 -2.80
N PHE C 272 4.39 12.67 -2.04
CA PHE C 272 4.94 13.24 -0.81
C PHE C 272 5.66 12.20 0.05
N ARG C 273 4.98 11.09 0.36
CA ARG C 273 5.57 10.07 1.22
C ARG C 273 6.88 9.56 0.62
N SER C 274 6.88 9.27 -0.67
CA SER C 274 8.09 8.73 -1.28
C SER C 274 9.26 9.70 -1.21
N LEU C 275 9.01 11.02 -1.21
CA LEU C 275 10.13 11.96 -1.15
C LEU C 275 10.84 11.89 0.20
N LEU C 276 10.06 11.79 1.27
CA LEU C 276 10.63 11.68 2.61
C LEU C 276 11.40 10.38 2.78
N ILE C 277 10.89 9.28 2.22
CA ILE C 277 11.65 8.02 2.19
C ILE C 277 12.94 8.20 1.39
N ASN C 278 12.86 8.85 0.22
CA ASN C 278 14.07 9.13 -0.56
C ASN C 278 15.10 9.89 0.28
N ALA C 279 14.64 10.88 1.04
CA ALA C 279 15.54 11.72 1.82
C ALA C 279 16.29 10.89 2.86
N VAL C 280 15.57 10.11 3.67
CA VAL C 280 16.24 9.32 4.72
C VAL C 280 17.23 8.36 4.08
N GLU C 281 16.82 7.75 2.96
CA GLU C 281 17.69 6.84 2.25
C GLU C 281 18.94 7.56 1.72
N ALA C 282 18.76 8.74 1.10
CA ALA C 282 19.90 9.44 0.52
C ALA C 282 20.90 9.83 1.59
N SER C 283 20.41 10.32 2.73
CA SER C 283 21.31 10.73 3.81
C SER C 283 22.01 9.52 4.41
N CYS C 284 21.26 8.44 4.65
CA CYS C 284 21.88 7.22 5.14
C CYS C 284 22.97 6.74 4.19
N ILE C 285 22.66 6.66 2.90
CA ILE C 285 23.62 6.10 1.94
C ILE C 285 24.86 6.99 1.83
N ARG C 286 24.68 8.31 1.83
CA ARG C 286 25.84 9.20 1.76
C ARG C 286 26.71 9.04 3.01
N THR C 287 26.08 8.85 4.17
CA THR C 287 26.83 8.62 5.40
C THR C 287 27.65 7.34 5.28
N ARG C 288 27.06 6.28 4.75
CA ARG C 288 27.79 5.02 4.54
C ARG C 288 28.91 5.20 3.54
N GLU C 289 28.63 5.91 2.44
CA GLU C 289 29.59 6.10 1.36
C GLU C 289 30.79 6.90 1.84
N LEU C 290 30.54 7.91 2.67
CA LEU C 290 31.65 8.74 3.13
C LEU C 290 32.56 7.95 4.04
N GLN C 291 32.01 7.11 4.90
CA GLN C 291 32.88 6.35 5.79
C GLN C 291 33.66 5.28 5.03
N SER C 292 33.10 4.78 3.92
CA SER C 292 33.86 3.85 3.06
C SER C 292 35.05 4.55 2.42
N MET C 293 34.91 5.83 2.07
CA MET C 293 36.05 6.58 1.57
C MET C 293 37.07 6.81 2.67
N ALA C 294 36.61 7.03 3.91
CA ALA C 294 37.53 7.18 5.04
C ALA C 294 38.33 5.91 5.28
N ASP C 295 37.70 4.74 5.17
CA ASP C 295 38.38 3.48 5.44
C ASP C 295 39.52 3.16 4.46
N ASN D 17 -7.72 34.85 35.92
CA ASN D 17 -8.34 33.57 36.24
C ASN D 17 -9.73 33.76 36.82
N LEU D 18 -10.10 35.02 37.09
CA LEU D 18 -11.49 35.34 37.40
C LEU D 18 -12.42 35.07 36.22
N TYR D 19 -11.86 35.09 35.00
CA TYR D 19 -12.63 34.75 33.80
C TYR D 19 -13.27 33.38 33.90
N PHE D 20 -12.53 32.41 34.42
CA PHE D 20 -12.95 31.02 34.48
C PHE D 20 -13.54 30.62 35.83
N GLN D 21 -13.47 31.50 36.83
CA GLN D 21 -13.86 31.19 38.19
C GLN D 21 -15.13 30.35 38.25
N SER D 22 -16.18 30.79 37.53
CA SER D 22 -17.44 30.08 37.55
C SER D 22 -18.06 29.94 36.16
N MET D 23 -17.25 30.03 35.11
CA MET D 23 -17.74 29.83 33.76
C MET D 23 -18.06 28.36 33.51
N SER D 24 -19.18 28.11 32.84
CA SER D 24 -19.47 26.79 32.31
C SER D 24 -19.37 26.81 30.79
N VAL D 25 -18.95 25.70 30.23
CA VAL D 25 -18.66 25.58 28.81
C VAL D 25 -19.53 24.48 28.21
N GLY D 26 -20.03 24.71 27.01
CA GLY D 26 -20.82 23.72 26.30
C GLY D 26 -20.23 23.40 24.95
N PHE D 27 -20.42 22.16 24.52
CA PHE D 27 -20.09 21.74 23.16
C PHE D 27 -21.34 21.17 22.51
N ILE D 28 -21.77 21.78 21.41
CA ILE D 28 -22.74 21.16 20.54
C ILE D 28 -21.95 20.39 19.49
N GLY D 29 -22.08 19.07 19.52
CA GLY D 29 -21.13 18.18 18.86
C GLY D 29 -20.22 17.56 19.91
N ALA D 30 -20.06 16.24 19.87
CA ALA D 30 -19.25 15.52 20.85
C ALA D 30 -18.24 14.62 20.16
N GLY D 31 -17.59 15.15 19.12
CA GLY D 31 -16.65 14.40 18.33
C GLY D 31 -15.21 14.73 18.63
N GLN D 32 -14.37 14.67 17.58
CA GLN D 32 -12.93 14.76 17.76
C GLN D 32 -12.50 16.10 18.35
N LEU D 33 -13.08 17.20 17.87
CA LEU D 33 -12.65 18.51 18.36
C LEU D 33 -13.14 18.76 19.78
N ALA D 34 -14.41 18.44 20.06
CA ALA D 34 -14.92 18.59 21.42
C ALA D 34 -14.10 17.80 22.43
N PHE D 35 -13.71 16.57 22.09
CA PHE D 35 -12.88 15.80 23.02
C PHE D 35 -11.53 16.47 23.23
N ALA D 36 -10.89 16.89 22.13
CA ALA D 36 -9.56 17.48 22.21
C ALA D 36 -9.59 18.73 23.08
N LEU D 37 -10.53 19.64 22.82
CA LEU D 37 -10.65 20.85 23.62
C LEU D 37 -10.97 20.55 25.08
N ALA D 38 -11.96 19.69 25.32
CA ALA D 38 -12.32 19.38 26.71
C ALA D 38 -11.15 18.74 27.44
N LYS D 39 -10.46 17.81 26.77
CA LYS D 39 -9.26 17.21 27.35
C LYS D 39 -8.20 18.27 27.63
N GLY D 40 -7.94 19.15 26.66
CA GLY D 40 -6.97 20.21 26.86
C GLY D 40 -7.37 21.18 27.96
N PHE D 41 -8.63 21.60 27.98
CA PHE D 41 -9.08 22.56 28.99
C PHE D 41 -8.94 21.97 30.40
N THR D 42 -9.30 20.71 30.57
CA THR D 42 -9.24 20.13 31.91
C THR D 42 -7.79 19.87 32.34
N ALA D 43 -6.94 19.44 31.40
CA ALA D 43 -5.54 19.21 31.71
C ALA D 43 -4.82 20.51 32.06
N ALA D 44 -5.25 21.62 31.45
CA ALA D 44 -4.74 22.94 31.81
C ALA D 44 -5.23 23.40 33.17
N GLY D 45 -6.26 22.75 33.73
CA GLY D 45 -6.83 23.16 34.99
C GLY D 45 -7.76 24.35 34.90
N VAL D 46 -7.98 24.91 33.71
CA VAL D 46 -8.83 26.09 33.61
C VAL D 46 -10.29 25.73 33.82
N LEU D 47 -10.69 24.49 33.57
CA LEU D 47 -12.07 24.07 33.74
C LEU D 47 -12.14 22.69 34.39
N ALA D 48 -13.09 22.52 35.30
CA ALA D 48 -13.44 21.21 35.83
C ALA D 48 -14.30 20.46 34.82
N ALA D 49 -14.02 19.16 34.67
CA ALA D 49 -14.72 18.35 33.68
C ALA D 49 -16.23 18.39 33.86
N HIS D 50 -16.70 18.50 35.10
CA HIS D 50 -18.14 18.55 35.35
C HIS D 50 -18.76 19.90 34.99
N LYS D 51 -17.95 20.94 34.83
CA LYS D 51 -18.44 22.23 34.35
C LYS D 51 -18.58 22.27 32.83
N ILE D 52 -18.31 21.16 32.14
CA ILE D 52 -18.39 21.07 30.69
C ILE D 52 -19.53 20.13 30.34
N MET D 53 -20.31 20.49 29.33
CA MET D 53 -21.40 19.65 28.85
C MET D 53 -21.30 19.52 27.33
N ALA D 54 -21.51 18.30 26.85
CA ALA D 54 -21.50 18.04 25.41
C ALA D 54 -22.78 17.33 25.00
N SER D 55 -23.24 17.63 23.79
CA SER D 55 -24.42 16.98 23.23
C SER D 55 -24.11 16.42 21.85
N SER D 56 -24.64 15.22 21.59
CA SER D 56 -24.51 14.51 20.35
C SER D 56 -25.74 13.64 20.19
N PRO D 57 -26.29 13.51 18.99
CA PRO D 57 -27.40 12.56 18.80
C PRO D 57 -26.97 11.12 19.04
N ASP D 58 -25.87 10.68 18.42
CA ASP D 58 -25.39 9.30 18.51
C ASP D 58 -24.36 9.20 19.63
N MET D 59 -24.80 8.73 20.80
CA MET D 59 -23.92 8.57 21.95
C MET D 59 -23.12 7.28 21.84
N ASP D 60 -22.88 6.81 20.62
CA ASP D 60 -22.16 5.56 20.38
C ASP D 60 -20.80 5.78 19.73
N LEU D 61 -20.42 7.02 19.43
CA LEU D 61 -19.09 7.29 18.95
C LEU D 61 -18.06 6.98 20.04
N ALA D 62 -16.82 6.75 19.61
CA ALA D 62 -15.74 6.54 20.58
C ALA D 62 -15.53 7.81 21.41
N THR D 63 -15.66 8.98 20.78
CA THR D 63 -15.37 10.23 21.45
C THR D 63 -16.35 10.49 22.59
N VAL D 64 -17.63 10.19 22.39
CA VAL D 64 -18.62 10.39 23.45
C VAL D 64 -18.32 9.50 24.65
N SER D 65 -17.71 8.33 24.41
CA SER D 65 -17.34 7.45 25.51
C SER D 65 -16.15 8.00 26.28
N ALA D 66 -15.13 8.48 25.56
CA ALA D 66 -13.96 9.07 26.21
C ALA D 66 -14.36 10.26 27.08
N LEU D 67 -15.22 11.14 26.54
CA LEU D 67 -15.70 12.29 27.32
C LEU D 67 -16.38 11.86 28.61
N ARG D 68 -17.11 10.75 28.56
CA ARG D 68 -17.79 10.26 29.76
C ARG D 68 -16.80 9.86 30.84
N LYS D 69 -15.76 9.11 30.46
CA LYS D 69 -14.72 8.71 31.40
C LYS D 69 -13.94 9.89 31.94
N MET D 70 -13.95 11.03 31.24
CA MET D 70 -13.34 12.26 31.76
C MET D 70 -14.18 12.92 32.84
N GLY D 71 -15.45 12.54 32.98
CA GLY D 71 -16.35 13.24 33.88
C GLY D 71 -17.14 14.35 33.24
N VAL D 72 -17.11 14.46 31.91
CA VAL D 72 -17.87 15.48 31.20
C VAL D 72 -19.33 15.06 31.12
N LYS D 73 -20.24 15.98 31.47
CA LYS D 73 -21.66 15.70 31.33
C LYS D 73 -22.05 15.58 29.86
N LEU D 74 -22.76 14.50 29.53
CA LEU D 74 -23.26 14.25 28.19
C LEU D 74 -24.78 14.33 28.19
N THR D 75 -25.34 14.61 27.02
CA THR D 75 -26.78 14.69 26.83
C THR D 75 -27.06 14.59 25.34
N PRO D 76 -28.24 14.11 24.94
CA PRO D 76 -28.61 14.14 23.53
C PRO D 76 -29.30 15.42 23.10
N HIS D 77 -29.64 16.30 24.04
CA HIS D 77 -30.43 17.49 23.76
C HIS D 77 -29.53 18.72 23.70
N ASN D 78 -29.41 19.30 22.50
CA ASN D 78 -28.62 20.52 22.33
C ASN D 78 -29.18 21.66 23.16
N LYS D 79 -30.50 21.69 23.35
CA LYS D 79 -31.11 22.73 24.19
C LYS D 79 -30.61 22.64 25.63
N GLU D 80 -30.32 21.42 26.10
CA GLU D 80 -29.77 21.26 27.44
C GLU D 80 -28.37 21.86 27.52
N THR D 81 -27.53 21.56 26.53
CA THR D 81 -26.20 22.16 26.45
C THR D 81 -26.28 23.68 26.44
N VAL D 82 -27.25 24.23 25.69
CA VAL D 82 -27.39 25.69 25.60
C VAL D 82 -27.75 26.27 26.96
N GLN D 83 -28.66 25.60 27.69
CA GLN D 83 -29.09 26.13 28.98
C GLN D 83 -27.98 26.06 30.02
N HIS D 84 -27.11 25.06 29.92
CA HIS D 84 -26.06 24.81 30.91
C HIS D 84 -24.80 25.63 30.69
N SER D 85 -24.62 26.23 29.52
CA SER D 85 -23.33 26.81 29.14
C SER D 85 -23.38 28.33 29.09
N ASP D 86 -22.24 28.95 29.42
CA ASP D 86 -21.98 30.36 29.23
C ASP D 86 -21.29 30.60 27.89
N VAL D 87 -20.22 29.86 27.64
CA VAL D 87 -19.53 29.84 26.36
C VAL D 87 -19.97 28.57 25.63
N LEU D 88 -20.50 28.73 24.43
CA LEU D 88 -21.08 27.63 23.67
C LEU D 88 -20.23 27.39 22.42
N PHE D 89 -19.52 26.26 22.37
CA PHE D 89 -18.74 25.88 21.20
C PHE D 89 -19.61 25.11 20.22
N LEU D 90 -19.59 25.53 18.96
CA LEU D 90 -20.25 24.78 17.90
C LEU D 90 -19.20 23.86 17.28
N ALA D 91 -19.31 22.58 17.57
CA ALA D 91 -18.30 21.59 17.20
C ALA D 91 -18.91 20.52 16.33
N VAL D 92 -19.75 20.93 15.39
CA VAL D 92 -20.39 20.03 14.45
C VAL D 92 -19.86 20.37 13.06
N LYS D 93 -20.05 19.42 12.13
CA LYS D 93 -19.65 19.59 10.74
C LYS D 93 -20.23 20.88 10.18
N PRO D 94 -19.55 21.55 9.25
CA PRO D 94 -20.02 22.87 8.80
C PRO D 94 -21.43 22.88 8.23
N HIS D 95 -21.84 21.82 7.54
CA HIS D 95 -23.16 21.82 6.95
C HIS D 95 -24.27 21.60 7.97
N ILE D 96 -23.91 21.21 9.20
CA ILE D 96 -24.91 21.05 10.27
C ILE D 96 -25.18 22.38 10.97
N ILE D 97 -24.29 23.36 10.84
CA ILE D 97 -24.41 24.58 11.65
C ILE D 97 -25.73 25.30 11.46
N PRO D 98 -26.18 25.61 10.23
CA PRO D 98 -27.47 26.29 10.10
C PRO D 98 -28.64 25.47 10.62
N PHE D 99 -28.52 24.14 10.66
CA PHE D 99 -29.59 23.34 11.27
C PHE D 99 -29.59 23.46 12.79
N ILE D 100 -28.40 23.48 13.40
CA ILE D 100 -28.31 23.69 14.84
C ILE D 100 -28.81 25.08 15.22
N LEU D 101 -28.40 26.09 14.45
CA LEU D 101 -28.84 27.46 14.73
C LEU D 101 -30.36 27.58 14.61
N ASP D 102 -30.96 26.83 13.69
CA ASP D 102 -32.43 26.75 13.63
C ASP D 102 -32.98 26.17 14.93
N GLU D 103 -32.33 25.13 15.45
CA GLU D 103 -32.89 24.36 16.56
C GLU D 103 -32.83 25.13 17.88
N ILE D 104 -31.66 25.69 18.19
CA ILE D 104 -31.42 26.30 19.50
C ILE D 104 -31.37 27.82 19.44
N GLY D 105 -31.61 28.42 18.26
CA GLY D 105 -31.50 29.86 18.13
C GLY D 105 -32.43 30.62 19.05
N ALA D 106 -33.64 30.09 19.25
CA ALA D 106 -34.57 30.71 20.20
C ALA D 106 -34.16 30.49 21.65
N ASP D 107 -33.11 29.71 21.92
CA ASP D 107 -32.59 29.51 23.26
C ASP D 107 -31.33 30.31 23.55
N ILE D 108 -30.70 30.89 22.52
CA ILE D 108 -29.58 31.78 22.75
C ILE D 108 -30.06 33.02 23.48
N GLU D 109 -29.30 33.45 24.47
CA GLU D 109 -29.64 34.58 25.31
C GLU D 109 -28.52 35.61 25.27
N ASP D 110 -28.78 36.75 25.92
CA ASP D 110 -27.78 37.82 25.97
C ASP D 110 -26.45 37.33 26.53
N ARG D 111 -26.49 36.46 27.54
CA ARG D 111 -25.29 36.03 28.23
C ARG D 111 -24.45 35.02 27.47
N HIS D 112 -24.94 34.48 26.35
CA HIS D 112 -24.18 33.48 25.63
C HIS D 112 -23.10 34.11 24.79
N ILE D 113 -21.91 33.49 24.80
CA ILE D 113 -20.91 33.69 23.76
C ILE D 113 -20.92 32.43 22.91
N VAL D 114 -21.25 32.59 21.63
CA VAL D 114 -21.33 31.49 20.69
C VAL D 114 -20.01 31.43 19.93
N VAL D 115 -19.27 30.33 20.09
CA VAL D 115 -17.95 30.16 19.50
C VAL D 115 -18.06 29.08 18.44
N SER D 116 -18.04 29.49 17.18
CA SER D 116 -18.12 28.54 16.09
C SER D 116 -16.73 28.04 15.74
N CYS D 117 -16.56 26.72 15.77
CA CYS D 117 -15.32 26.06 15.35
C CYS D 117 -15.42 25.47 13.96
N ALA D 118 -16.59 25.54 13.34
CA ALA D 118 -16.79 24.89 12.06
C ALA D 118 -15.91 25.53 10.99
N ALA D 119 -15.24 24.70 10.19
CA ALA D 119 -14.47 25.22 9.07
C ALA D 119 -15.36 26.01 8.12
N GLY D 120 -14.88 27.18 7.70
CA GLY D 120 -15.52 27.95 6.64
C GLY D 120 -16.69 28.83 7.04
N VAL D 121 -17.44 28.42 8.07
CA VAL D 121 -18.71 29.07 8.40
C VAL D 121 -18.44 30.51 8.85
N THR D 122 -19.04 31.46 8.16
CA THR D 122 -18.76 32.87 8.41
C THR D 122 -19.52 33.37 9.64
N ILE D 123 -18.93 34.38 10.31
CA ILE D 123 -19.64 35.07 11.37
C ILE D 123 -20.96 35.62 10.86
N SER D 124 -20.95 36.16 9.63
CA SER D 124 -22.15 36.77 9.06
C SER D 124 -23.31 35.78 9.01
N SER D 125 -23.05 34.57 8.54
CA SER D 125 -24.11 33.58 8.42
C SER D 125 -24.68 33.20 9.79
N ILE D 126 -23.82 33.07 10.79
CA ILE D 126 -24.27 32.75 12.15
C ILE D 126 -25.09 33.90 12.71
N GLU D 127 -24.57 35.12 12.59
CA GLU D 127 -25.28 36.27 13.12
C GLU D 127 -26.60 36.48 12.41
N LYS D 128 -26.64 36.23 11.10
CA LYS D 128 -27.90 36.37 10.37
C LYS D 128 -28.95 35.43 10.92
N LYS D 129 -28.56 34.20 11.25
CA LYS D 129 -29.50 33.24 11.83
C LYS D 129 -29.95 33.68 13.21
N LEU D 130 -29.00 33.93 14.10
CA LEU D 130 -29.35 34.21 15.50
C LEU D 130 -30.00 35.58 15.68
N SER D 131 -29.70 36.54 14.79
CA SER D 131 -30.26 37.89 14.95
C SER D 131 -31.75 37.93 14.66
N ALA D 132 -32.28 36.93 13.96
CA ALA D 132 -33.71 36.83 13.80
C ALA D 132 -34.42 36.47 15.09
N PHE D 133 -33.70 35.92 16.08
CA PHE D 133 -34.28 35.62 17.38
C PHE D 133 -34.04 36.73 18.40
N ARG D 134 -32.81 37.23 18.50
CA ARG D 134 -32.43 38.22 19.50
C ARG D 134 -31.39 39.11 18.84
N PRO D 135 -31.44 40.42 19.08
CA PRO D 135 -30.82 41.36 18.13
C PRO D 135 -29.29 41.40 18.16
N ALA D 136 -28.64 41.07 19.27
CA ALA D 136 -27.19 41.23 19.40
C ALA D 136 -26.51 39.94 19.85
N PRO D 137 -26.55 38.89 19.02
CA PRO D 137 -25.84 37.65 19.39
C PRO D 137 -24.33 37.90 19.43
N ARG D 138 -23.70 37.45 20.51
CA ARG D 138 -22.26 37.56 20.68
C ARG D 138 -21.62 36.32 20.05
N VAL D 139 -20.92 36.50 18.94
CA VAL D 139 -20.40 35.40 18.14
C VAL D 139 -18.90 35.56 17.98
N ILE D 140 -18.17 34.46 18.16
CA ILE D 140 -16.75 34.40 17.88
C ILE D 140 -16.52 33.21 16.96
N ARG D 141 -15.70 33.42 15.94
CA ARG D 141 -15.31 32.34 15.04
C ARG D 141 -13.88 31.95 15.34
N CYS D 142 -13.61 30.65 15.41
CA CYS D 142 -12.24 30.27 15.68
C CYS D 142 -11.85 29.12 14.76
N MET D 143 -10.55 28.94 14.62
CA MET D 143 -9.99 27.78 13.92
C MET D 143 -8.87 27.28 14.81
N THR D 144 -8.99 26.04 15.27
CA THR D 144 -8.00 25.48 16.18
C THR D 144 -7.57 24.18 15.52
N ASN D 145 -6.93 23.29 16.28
CA ASN D 145 -6.51 22.03 15.71
C ASN D 145 -6.38 21.00 16.82
N THR D 146 -6.24 19.75 16.45
CA THR D 146 -6.35 18.70 17.47
C THR D 146 -5.23 18.74 18.52
N PRO D 147 -4.02 19.29 18.24
CA PRO D 147 -2.98 19.27 19.28
C PRO D 147 -3.31 20.07 20.55
N VAL D 148 -4.44 20.77 20.59
CA VAL D 148 -4.92 21.28 21.88
C VAL D 148 -5.03 20.15 22.89
N VAL D 149 -5.15 18.90 22.43
CA VAL D 149 -5.31 17.78 23.35
C VAL D 149 -4.04 17.58 24.17
N VAL D 150 -2.88 18.02 23.67
CA VAL D 150 -1.65 18.03 24.46
C VAL D 150 -1.22 19.46 24.73
N ARG D 151 -2.18 20.38 24.72
CA ARG D 151 -1.96 21.79 25.05
C ARG D 151 -0.90 22.44 24.18
N GLU D 152 -0.80 22.01 22.92
CA GLU D 152 0.09 22.64 21.94
C GLU D 152 -0.69 22.97 20.67
N GLY D 153 -1.92 23.44 20.84
CA GLY D 153 -2.73 23.81 19.71
C GLY D 153 -2.24 25.08 19.06
N ALA D 154 -2.80 25.35 17.88
CA ALA D 154 -2.58 26.59 17.15
C ALA D 154 -3.96 27.15 16.86
N THR D 155 -4.30 28.29 17.46
CA THR D 155 -5.67 28.79 17.42
C THR D 155 -5.69 30.24 16.96
N VAL D 156 -6.60 30.57 16.04
CA VAL D 156 -6.92 31.96 15.78
C VAL D 156 -8.41 32.15 16.00
N TYR D 157 -8.81 33.39 16.28
CA TYR D 157 -10.21 33.70 16.45
C TYR D 157 -10.46 35.09 15.89
N ALA D 158 -11.69 35.30 15.38
CA ALA D 158 -12.19 36.61 14.99
C ALA D 158 -13.47 36.90 15.77
N THR D 159 -13.63 38.15 16.22
CA THR D 159 -14.77 38.54 17.03
C THR D 159 -15.87 39.11 16.14
N GLY D 160 -17.12 38.84 16.50
CA GLY D 160 -18.26 39.24 15.71
C GLY D 160 -18.70 40.66 16.00
N THR D 161 -19.81 41.04 15.36
CA THR D 161 -20.29 42.41 15.43
C THR D 161 -20.60 42.85 16.86
N HIS D 162 -21.15 41.93 17.66
CA HIS D 162 -21.66 42.26 18.99
C HIS D 162 -20.80 41.71 20.12
N ALA D 163 -19.66 41.07 19.82
CA ALA D 163 -18.80 40.57 20.87
C ALA D 163 -18.27 41.73 21.71
N GLN D 164 -18.42 41.64 23.03
CA GLN D 164 -17.88 42.66 23.91
C GLN D 164 -16.35 42.54 23.98
N VAL D 165 -15.70 43.59 24.47
CA VAL D 165 -14.24 43.57 24.54
C VAL D 165 -13.77 42.46 25.46
N GLU D 166 -14.43 42.31 26.62
CA GLU D 166 -14.09 41.19 27.51
C GLU D 166 -14.31 39.84 26.84
N ASP D 167 -15.21 39.75 25.84
CA ASP D 167 -15.45 38.48 25.15
C ASP D 167 -14.19 38.01 24.43
N GLY D 168 -13.56 38.91 23.67
CA GLY D 168 -12.32 38.53 22.99
C GLY D 168 -11.20 38.21 23.96
N ARG D 169 -11.12 38.97 25.05
CA ARG D 169 -10.09 38.72 26.05
C ARG D 169 -10.31 37.37 26.72
N LEU D 170 -11.55 37.09 27.10
CA LEU D 170 -11.92 35.78 27.63
C LEU D 170 -11.52 34.66 26.66
N MET D 171 -11.94 34.79 25.40
CA MET D 171 -11.61 33.78 24.40
C MET D 171 -10.12 33.55 24.29
N GLU D 172 -9.33 34.64 24.24
CA GLU D 172 -7.88 34.52 24.14
C GLU D 172 -7.30 33.79 25.35
N GLN D 173 -7.76 34.12 26.55
CA GLN D 173 -7.25 33.46 27.75
C GLN D 173 -7.60 31.98 27.76
N LEU D 174 -8.81 31.63 27.34
CA LEU D 174 -9.22 30.23 27.33
C LEU D 174 -8.40 29.40 26.33
N LEU D 175 -8.33 29.86 25.08
CA LEU D 175 -7.62 29.08 24.06
C LEU D 175 -6.11 29.14 24.22
N SER D 176 -5.58 30.12 24.95
CA SER D 176 -4.15 30.14 25.24
C SER D 176 -3.74 29.10 26.26
N SER D 177 -4.69 28.62 27.09
CA SER D 177 -4.35 27.54 28.01
C SER D 177 -4.05 26.23 27.29
N VAL D 178 -4.39 26.11 26.00
CA VAL D 178 -4.19 24.86 25.29
C VAL D 178 -3.31 25.05 24.06
N GLY D 179 -2.61 26.17 23.96
CA GLY D 179 -1.66 26.36 22.89
C GLY D 179 -1.54 27.82 22.50
N PHE D 180 -0.98 28.03 21.31
CA PHE D 180 -0.84 29.38 20.78
C PHE D 180 -2.21 29.91 20.39
N CYS D 181 -2.45 31.18 20.66
CA CYS D 181 -3.73 31.80 20.31
C CYS D 181 -3.52 33.26 19.98
N THR D 182 -4.16 33.73 18.90
CA THR D 182 -4.10 35.15 18.61
C THR D 182 -5.35 35.55 17.83
N GLU D 183 -5.76 36.79 18.01
CA GLU D 183 -6.87 37.33 17.23
C GLU D 183 -6.42 37.65 15.82
N VAL D 184 -7.30 37.39 14.84
CA VAL D 184 -7.07 37.74 13.46
C VAL D 184 -8.34 38.39 12.90
N GLU D 185 -8.18 39.05 11.75
CA GLU D 185 -9.33 39.43 10.94
C GLU D 185 -9.96 38.18 10.35
N GLU D 186 -11.29 38.19 10.23
CA GLU D 186 -11.96 36.96 9.82
C GLU D 186 -11.52 36.51 8.43
N ASP D 187 -11.12 37.44 7.56
CA ASP D 187 -10.75 37.05 6.20
C ASP D 187 -9.46 36.24 6.13
N LEU D 188 -8.73 36.07 7.23
CA LEU D 188 -7.56 35.21 7.22
C LEU D 188 -7.86 33.76 7.60
N ILE D 189 -9.06 33.47 8.12
CA ILE D 189 -9.28 32.19 8.81
C ILE D 189 -9.29 31.02 7.84
N ASP D 190 -9.79 31.21 6.61
CA ASP D 190 -9.76 30.10 5.65
C ASP D 190 -8.32 29.67 5.35
N ALA D 191 -7.41 30.64 5.19
CA ALA D 191 -5.99 30.33 4.97
C ALA D 191 -5.36 29.67 6.20
N VAL D 192 -5.71 30.13 7.41
CA VAL D 192 -5.23 29.47 8.62
C VAL D 192 -5.69 28.01 8.66
N THR D 193 -6.94 27.76 8.21
CA THR D 193 -7.44 26.39 8.15
C THR D 193 -6.55 25.52 7.28
N GLY D 194 -6.11 26.05 6.14
CA GLY D 194 -5.26 25.29 5.25
C GLY D 194 -3.87 25.05 5.80
N LEU D 195 -3.41 25.91 6.71
CA LEU D 195 -2.07 25.82 7.27
C LEU D 195 -2.08 25.07 8.60
N SER D 196 -2.58 25.68 9.68
CA SER D 196 -2.52 25.02 10.98
C SER D 196 -3.75 24.16 11.30
N GLY D 197 -4.89 24.41 10.67
CA GLY D 197 -6.03 23.54 10.88
C GLY D 197 -5.79 22.15 10.30
N SER D 198 -5.45 22.10 9.01
CA SER D 198 -5.11 20.84 8.36
C SER D 198 -3.68 20.38 8.67
N GLY D 199 -2.83 21.28 9.15
CA GLY D 199 -1.42 21.01 9.37
C GLY D 199 -1.05 19.71 10.06
N PRO D 200 -1.73 19.36 11.16
CA PRO D 200 -1.35 18.12 11.85
C PRO D 200 -1.46 16.90 10.96
N ALA D 201 -2.44 16.85 10.05
CA ALA D 201 -2.54 15.73 9.11
C ALA D 201 -1.34 15.66 8.17
N TYR D 202 -0.85 16.83 7.72
CA TYR D 202 0.36 16.84 6.90
C TYR D 202 1.53 16.28 7.69
N ALA D 203 1.60 16.66 8.97
CA ALA D 203 2.69 16.19 9.83
C ALA D 203 2.59 14.69 10.08
N PHE D 204 1.38 14.17 10.35
CA PHE D 204 1.22 12.74 10.58
C PHE D 204 1.57 11.94 9.33
N THR D 205 1.16 12.43 8.15
CA THR D 205 1.60 11.81 6.90
C THR D 205 3.12 11.82 6.77
N ALA D 206 3.74 12.97 7.02
CA ALA D 206 5.20 13.07 6.94
C ALA D 206 5.88 12.14 7.92
N LEU D 207 5.34 12.01 9.14
CA LEU D 207 5.98 11.17 10.15
C LEU D 207 5.85 9.70 9.80
N ASP D 208 4.71 9.30 9.24
CA ASP D 208 4.55 7.93 8.79
C ASP D 208 5.58 7.60 7.72
N ALA D 209 5.79 8.53 6.78
CA ALA D 209 6.71 8.29 5.67
C ALA D 209 8.16 8.31 6.12
N LEU D 210 8.53 9.28 6.98
CA LEU D 210 9.87 9.29 7.56
C LEU D 210 10.16 7.99 8.29
N ALA D 211 9.18 7.45 9.05
CA ALA D 211 9.39 6.17 9.72
C ALA D 211 9.60 5.05 8.71
N ASP D 212 8.87 5.06 7.60
CA ASP D 212 9.11 4.06 6.55
C ASP D 212 10.52 4.19 5.99
N GLY D 213 11.01 5.42 5.83
CA GLY D 213 12.38 5.60 5.40
C GLY D 213 13.38 5.03 6.40
N GLY D 214 13.13 5.30 7.70
CA GLY D 214 13.95 4.68 8.74
C GLY D 214 13.92 3.16 8.67
N VAL D 215 12.72 2.59 8.50
CA VAL D 215 12.61 1.14 8.39
C VAL D 215 13.35 0.64 7.15
N LYS D 216 13.22 1.34 6.02
CA LYS D 216 13.90 0.87 4.82
C LYS D 216 15.40 0.81 5.04
N MET D 217 15.96 1.74 5.80
CA MET D 217 17.39 1.77 6.06
C MET D 217 17.81 0.95 7.29
N GLY D 218 16.92 0.14 7.86
CA GLY D 218 17.31 -0.83 8.88
C GLY D 218 16.86 -0.52 10.29
N LEU D 219 16.09 0.53 10.53
CA LEU D 219 15.65 0.83 11.89
C LEU D 219 14.37 0.06 12.21
N PRO D 220 14.24 -0.39 13.46
CA PRO D 220 12.94 -0.91 13.92
C PRO D 220 11.87 0.18 13.83
N ARG D 221 10.66 -0.24 13.46
CA ARG D 221 9.59 0.74 13.25
CA ARG D 221 9.56 0.70 13.27
C ARG D 221 9.36 1.60 14.49
N ARG D 222 9.33 0.97 15.68
CA ARG D 222 9.02 1.75 16.89
C ARG D 222 10.05 2.86 17.11
N LEU D 223 11.34 2.53 16.95
CA LEU D 223 12.39 3.55 17.08
C LEU D 223 12.30 4.61 15.99
N ALA D 224 12.00 4.21 14.76
CA ALA D 224 11.94 5.19 13.68
C ALA D 224 10.83 6.21 13.90
N VAL D 225 9.68 5.76 14.41
CA VAL D 225 8.58 6.69 14.71
C VAL D 225 8.98 7.63 15.84
N ARG D 226 9.64 7.11 16.89
CA ARG D 226 10.07 7.94 18.00
CA ARG D 226 10.07 7.95 18.00
C ARG D 226 11.08 9.00 17.55
N LEU D 227 12.09 8.57 16.77
CA LEU D 227 13.12 9.48 16.29
C LEU D 227 12.57 10.54 15.33
N GLY D 228 11.72 10.12 14.38
CA GLY D 228 11.14 11.07 13.45
C GLY D 228 10.30 12.12 14.15
N ALA D 229 9.45 11.69 15.08
CA ALA D 229 8.58 12.64 15.77
C ALA D 229 9.39 13.59 16.65
N GLN D 230 10.45 13.08 17.30
CA GLN D 230 11.29 13.93 18.12
C GLN D 230 12.05 14.95 17.27
N ALA D 231 12.54 14.51 16.11
CA ALA D 231 13.22 15.42 15.19
C ALA D 231 12.28 16.54 14.72
N LEU D 232 11.04 16.22 14.38
CA LEU D 232 10.09 17.24 13.95
C LEU D 232 9.74 18.18 15.10
N LEU D 233 9.44 17.61 16.28
CA LEU D 233 9.15 18.44 17.45
C LEU D 233 10.30 19.39 17.75
N GLY D 234 11.53 18.88 17.81
CA GLY D 234 12.65 19.73 18.16
C GLY D 234 12.92 20.80 17.13
N ALA D 235 12.78 20.46 15.85
CA ALA D 235 13.03 21.43 14.80
C ALA D 235 11.98 22.54 14.85
N ALA D 236 10.71 22.17 15.07
CA ALA D 236 9.66 23.17 15.24
C ALA D 236 9.94 24.06 16.44
N LYS D 237 10.33 23.47 17.58
CA LYS D 237 10.63 24.28 18.75
C LYS D 237 11.80 25.21 18.49
N MET D 238 12.83 24.74 17.78
CA MET D 238 13.96 25.60 17.44
C MET D 238 13.49 26.82 16.67
N LEU D 239 12.66 26.61 15.65
CA LEU D 239 12.23 27.73 14.82
C LEU D 239 11.40 28.72 15.64
N LEU D 240 10.54 28.23 16.52
CA LEU D 240 9.75 29.12 17.35
C LEU D 240 10.64 29.94 18.28
N HIS D 241 11.77 29.38 18.72
CA HIS D 241 12.63 30.07 19.67
C HIS D 241 13.76 30.85 19.03
N SER D 242 13.89 30.80 17.71
CA SER D 242 14.96 31.49 17.01
C SER D 242 14.43 32.70 16.26
N GLU D 243 15.24 33.74 16.17
CA GLU D 243 14.92 34.86 15.29
C GLU D 243 15.37 34.63 13.85
N GLN D 244 16.02 33.50 13.56
CA GLN D 244 16.64 33.29 12.28
C GLN D 244 15.68 32.68 11.28
N HIS D 245 15.97 32.89 10.01
CA HIS D 245 15.14 32.36 8.94
C HIS D 245 15.24 30.83 8.88
N PRO D 246 14.14 30.15 8.54
CA PRO D 246 14.21 28.68 8.37
C PRO D 246 15.35 28.21 7.46
N GLY D 247 15.65 28.97 6.40
CA GLY D 247 16.75 28.61 5.53
C GLY D 247 18.11 28.68 6.20
N GLN D 248 18.27 29.63 7.13
CA GLN D 248 19.52 29.71 7.87
C GLN D 248 19.67 28.53 8.84
N LEU D 249 18.58 28.15 9.50
CA LEU D 249 18.64 26.98 10.38
C LEU D 249 18.92 25.72 9.57
N LYS D 250 18.32 25.63 8.38
CA LYS D 250 18.65 24.55 7.45
C LYS D 250 20.15 24.53 7.14
N ASP D 251 20.71 25.71 6.82
CA ASP D 251 22.12 25.81 6.48
C ASP D 251 23.02 25.33 7.61
N ASN D 252 22.60 25.48 8.88
CA ASN D 252 23.43 25.06 10.02
C ASN D 252 23.49 23.54 10.18
N VAL D 253 22.53 22.79 9.64
CA VAL D 253 22.58 21.34 9.76
C VAL D 253 23.56 20.72 8.77
N SER D 254 23.60 21.22 7.54
CA SER D 254 24.28 20.53 6.44
C SER D 254 25.74 20.98 6.34
N SER D 255 26.67 20.04 6.51
CA SER D 255 28.06 20.26 6.17
C SER D 255 28.27 20.13 4.66
N PRO D 256 29.24 20.86 4.11
CA PRO D 256 29.57 20.72 2.69
C PRO D 256 29.85 19.26 2.32
N GLY D 257 29.23 18.81 1.24
CA GLY D 257 29.39 17.45 0.75
C GLY D 257 28.72 16.39 1.59
N GLY D 258 27.99 16.77 2.64
CA GLY D 258 27.55 15.84 3.65
C GLY D 258 26.21 15.18 3.37
N ALA D 259 25.77 14.41 4.35
CA ALA D 259 24.59 13.57 4.18
C ALA D 259 23.32 14.41 4.05
N THR D 260 23.19 15.45 4.86
CA THR D 260 21.96 16.24 4.87
C THR D 260 21.74 16.95 3.53
N ILE D 261 22.78 17.60 3.00
CA ILE D 261 22.59 18.32 1.74
C ILE D 261 22.28 17.35 0.60
N HIS D 262 22.78 16.11 0.68
CA HIS D 262 22.40 15.11 -0.32
C HIS D 262 20.91 14.76 -0.22
N ALA D 263 20.40 14.62 1.01
CA ALA D 263 18.97 14.37 1.21
C ALA D 263 18.12 15.57 0.80
N LEU D 264 18.59 16.80 1.10
CA LEU D 264 17.82 17.97 0.69
C LEU D 264 17.70 18.03 -0.83
N HIS D 265 18.73 17.61 -1.56
CA HIS D 265 18.64 17.61 -3.01
C HIS D 265 17.53 16.68 -3.49
N VAL D 266 17.39 15.48 -2.91
CA VAL D 266 16.33 14.62 -3.45
C VAL D 266 14.93 15.15 -3.08
N LEU D 267 14.78 15.83 -1.94
CA LEU D 267 13.52 16.52 -1.68
C LEU D 267 13.24 17.57 -2.74
N GLU D 268 14.26 18.38 -3.08
CA GLU D 268 14.06 19.42 -4.07
C GLU D 268 13.72 18.83 -5.44
N SER D 269 14.35 17.69 -5.78
CA SER D 269 14.10 17.09 -7.08
C SER D 269 12.67 16.60 -7.23
N GLY D 270 12.01 16.29 -6.12
CA GLY D 270 10.61 15.93 -6.20
C GLY D 270 9.64 17.08 -6.02
N GLY D 271 10.13 18.32 -5.92
CA GLY D 271 9.21 19.44 -5.70
C GLY D 271 8.57 19.41 -4.33
N PHE D 272 9.29 18.90 -3.33
CA PHE D 272 8.79 18.80 -1.95
C PHE D 272 8.12 20.09 -1.48
N ARG D 273 8.80 21.23 -1.69
CA ARG D 273 8.24 22.51 -1.27
C ARG D 273 6.91 22.78 -1.96
N SER D 274 6.84 22.53 -3.27
CA SER D 274 5.60 22.82 -4.00
C SER D 274 4.44 21.97 -3.49
N LEU D 275 4.70 20.73 -3.05
CA LEU D 275 3.60 19.89 -2.58
C LEU D 275 2.98 20.47 -1.31
N LEU D 276 3.80 21.00 -0.41
CA LEU D 276 3.26 21.60 0.80
C LEU D 276 2.49 22.89 0.50
N ILE D 277 2.97 23.70 -0.45
CA ILE D 277 2.20 24.85 -0.91
C ILE D 277 0.88 24.39 -1.52
N ASN D 278 0.93 23.36 -2.37
CA ASN D 278 -0.29 22.80 -2.96
C ASN D 278 -1.29 22.39 -1.88
N ALA D 279 -0.80 21.79 -0.79
CA ALA D 279 -1.67 21.31 0.27
C ALA D 279 -2.39 22.46 0.99
N VAL D 280 -1.62 23.48 1.42
CA VAL D 280 -2.23 24.63 2.09
C VAL D 280 -3.27 25.27 1.19
N GLU D 281 -2.94 25.42 -0.09
CA GLU D 281 -3.86 26.02 -1.06
C GLU D 281 -5.11 25.17 -1.22
N ALA D 282 -4.94 23.85 -1.37
CA ALA D 282 -6.10 22.99 -1.63
C ALA D 282 -7.06 23.00 -0.45
N SER D 283 -6.53 22.98 0.77
CA SER D 283 -7.38 23.00 1.96
C SER D 283 -8.09 24.35 2.09
N CYS D 284 -7.36 25.44 1.86
CA CYS D 284 -7.95 26.77 1.91
C CYS D 284 -9.05 26.91 0.86
N ILE D 285 -8.78 26.47 -0.36
CA ILE D 285 -9.77 26.60 -1.43
C ILE D 285 -11.00 25.75 -1.14
N ARG D 286 -10.80 24.51 -0.65
CA ARG D 286 -11.94 23.67 -0.29
C ARG D 286 -12.76 24.32 0.83
N THR D 287 -12.08 24.94 1.79
CA THR D 287 -12.78 25.66 2.85
C THR D 287 -13.65 26.78 2.27
N ARG D 288 -13.09 27.59 1.35
CA ARG D 288 -13.88 28.65 0.71
C ARG D 288 -15.00 28.05 -0.12
N GLU D 289 -14.72 26.95 -0.82
CA GLU D 289 -15.72 26.32 -1.68
C GLU D 289 -16.89 25.79 -0.89
N LEU D 290 -16.61 25.11 0.22
CA LEU D 290 -17.68 24.61 1.09
C LEU D 290 -18.60 25.75 1.51
N GLN D 291 -18.00 26.86 1.97
CA GLN D 291 -18.81 27.96 2.49
C GLN D 291 -19.60 28.67 1.39
N SER D 292 -18.99 28.89 0.22
CA SER D 292 -19.71 29.53 -0.87
C SER D 292 -20.91 28.68 -1.30
N MET D 293 -20.76 27.36 -1.29
CA MET D 293 -21.91 26.49 -1.52
C MET D 293 -22.93 26.63 -0.40
N ALA D 294 -22.46 26.72 0.86
CA ALA D 294 -23.35 26.87 2.00
C ALA D 294 -24.22 28.12 1.87
N ASP D 295 -23.60 29.25 1.52
CA ASP D 295 -24.32 30.52 1.42
C ASP D 295 -24.97 30.70 0.05
N SER E 22 4.22 -37.66 -47.12
CA SER E 22 4.86 -38.87 -46.57
C SER E 22 5.70 -38.51 -45.34
N MET E 23 5.66 -37.24 -44.97
CA MET E 23 6.49 -36.72 -43.89
C MET E 23 5.92 -37.05 -42.52
N SER E 24 6.82 -37.30 -41.58
CA SER E 24 6.46 -37.58 -40.19
C SER E 24 7.06 -36.51 -39.30
N VAL E 25 6.22 -35.88 -38.47
CA VAL E 25 6.61 -34.74 -37.65
C VAL E 25 6.40 -35.07 -36.18
N GLY E 26 7.36 -34.69 -35.34
CA GLY E 26 7.24 -34.84 -33.90
C GLY E 26 7.42 -33.54 -33.16
N PHE E 27 6.81 -33.45 -31.98
CA PHE E 27 6.99 -32.33 -31.06
C PHE E 27 7.48 -32.86 -29.71
N ILE E 28 8.63 -32.35 -29.26
CA ILE E 28 9.06 -32.55 -27.88
C ILE E 28 8.55 -31.35 -27.10
N GLY E 29 7.61 -31.60 -26.19
CA GLY E 29 6.83 -30.53 -25.60
C GLY E 29 5.45 -30.54 -26.22
N ALA E 30 4.41 -30.45 -25.39
CA ALA E 30 3.03 -30.50 -25.89
C ALA E 30 2.24 -29.34 -25.32
N GLY E 31 2.85 -28.16 -25.32
CA GLY E 31 2.27 -26.97 -24.75
C GLY E 31 1.65 -26.07 -25.80
N GLN E 32 1.70 -24.76 -25.53
CA GLN E 32 0.95 -23.81 -26.35
C GLN E 32 1.47 -23.78 -27.80
N LEU E 33 2.80 -23.78 -27.97
CA LEU E 33 3.35 -23.64 -29.31
C LEU E 33 3.14 -24.91 -30.13
N ALA E 34 3.31 -26.07 -29.50
CA ALA E 34 3.11 -27.33 -30.20
C ALA E 34 1.67 -27.49 -30.65
N PHE E 35 0.72 -27.14 -29.78
CA PHE E 35 -0.68 -27.14 -30.18
C PHE E 35 -0.90 -26.19 -31.34
N ALA E 36 -0.40 -24.95 -31.23
CA ALA E 36 -0.64 -23.96 -32.27
C ALA E 36 -0.12 -24.43 -33.62
N LEU E 37 1.10 -24.98 -33.64
CA LEU E 37 1.69 -25.43 -34.89
C LEU E 37 0.96 -26.64 -35.45
N ALA E 38 0.59 -27.59 -34.59
CA ALA E 38 -0.10 -28.79 -35.06
C ALA E 38 -1.50 -28.45 -35.55
N LYS E 39 -2.19 -27.53 -34.89
CA LYS E 39 -3.49 -27.09 -35.38
C LYS E 39 -3.36 -26.38 -36.72
N GLY E 40 -2.35 -25.51 -36.86
CA GLY E 40 -2.15 -24.84 -38.14
C GLY E 40 -1.81 -25.79 -39.26
N PHE E 41 -0.85 -26.70 -39.00
CA PHE E 41 -0.43 -27.66 -40.01
C PHE E 41 -1.59 -28.49 -40.51
N THR E 42 -2.41 -29.00 -39.59
CA THR E 42 -3.50 -29.88 -40.01
C THR E 42 -4.61 -29.10 -40.67
N ALA E 43 -4.88 -27.89 -40.19
CA ALA E 43 -5.87 -27.02 -40.84
C ALA E 43 -5.40 -26.66 -42.25
N ALA E 44 -4.09 -26.45 -42.43
CA ALA E 44 -3.56 -26.14 -43.76
C ALA E 44 -3.67 -27.32 -44.72
N GLY E 45 -3.81 -28.54 -44.21
CA GLY E 45 -3.82 -29.72 -45.04
C GLY E 45 -2.45 -30.27 -45.35
N VAL E 46 -1.37 -29.56 -45.04
CA VAL E 46 -0.04 -30.03 -45.41
C VAL E 46 0.36 -31.26 -44.60
N LEU E 47 -0.32 -31.53 -43.49
CA LEU E 47 0.05 -32.61 -42.59
C LEU E 47 -1.23 -33.20 -42.04
N ALA E 48 -1.32 -34.53 -42.04
CA ALA E 48 -2.44 -35.21 -41.41
C ALA E 48 -2.13 -35.40 -39.93
N ALA E 49 -3.15 -35.27 -39.09
CA ALA E 49 -2.91 -35.30 -37.65
C ALA E 49 -2.21 -36.57 -37.21
N HIS E 50 -2.44 -37.68 -37.93
CA HIS E 50 -1.85 -38.96 -37.55
C HIS E 50 -0.37 -39.04 -37.86
N LYS E 51 0.18 -38.11 -38.64
CA LYS E 51 1.62 -38.09 -38.88
C LYS E 51 2.36 -37.27 -37.83
N ILE E 52 1.65 -36.76 -36.82
CA ILE E 52 2.23 -35.91 -35.78
C ILE E 52 2.19 -36.68 -34.47
N MET E 53 3.34 -36.70 -33.77
CA MET E 53 3.40 -37.19 -32.39
C MET E 53 3.99 -36.10 -31.52
N ALA E 54 3.43 -35.93 -30.33
CA ALA E 54 3.94 -34.99 -29.35
C ALA E 54 4.13 -35.69 -28.02
N SER E 55 5.16 -35.26 -27.28
CA SER E 55 5.47 -35.83 -25.98
C SER E 55 5.54 -34.74 -24.92
N SER E 56 5.13 -35.11 -23.70
CA SER E 56 5.17 -34.22 -22.56
C SER E 56 5.18 -35.08 -21.31
N PRO E 57 5.83 -34.64 -20.24
CA PRO E 57 5.83 -35.41 -18.98
C PRO E 57 4.55 -35.29 -18.19
N ASP E 58 3.61 -34.45 -18.62
CA ASP E 58 2.32 -34.25 -17.96
C ASP E 58 1.25 -34.53 -19.01
N MET E 59 0.78 -35.78 -19.08
CA MET E 59 -0.24 -36.17 -20.04
C MET E 59 -1.64 -35.73 -19.62
N ASP E 60 -1.76 -34.94 -18.56
CA ASP E 60 -3.03 -34.39 -18.10
C ASP E 60 -3.08 -32.87 -18.32
N LEU E 61 -2.42 -32.39 -19.37
CA LEU E 61 -2.38 -30.98 -19.71
C LEU E 61 -3.54 -30.62 -20.62
N ALA E 62 -3.97 -29.37 -20.53
CA ALA E 62 -5.08 -28.92 -21.39
C ALA E 62 -4.69 -29.00 -22.87
N THR E 63 -3.47 -28.58 -23.22
CA THR E 63 -3.04 -28.67 -24.61
C THR E 63 -2.88 -30.13 -25.06
N VAL E 64 -2.46 -31.02 -24.17
CA VAL E 64 -2.35 -32.44 -24.52
C VAL E 64 -3.73 -33.03 -24.83
N SER E 65 -4.74 -32.66 -24.05
CA SER E 65 -6.10 -33.11 -24.35
C SER E 65 -6.54 -32.62 -25.72
N ALA E 66 -6.24 -31.37 -26.03
CA ALA E 66 -6.64 -30.79 -27.32
C ALA E 66 -6.00 -31.53 -28.48
N LEU E 67 -4.69 -31.79 -28.39
CA LEU E 67 -4.00 -32.51 -29.45
C LEU E 67 -4.59 -33.90 -29.65
N ARG E 68 -5.02 -34.55 -28.56
CA ARG E 68 -5.61 -35.88 -28.67
C ARG E 68 -6.89 -35.84 -29.47
N LYS E 69 -7.77 -34.85 -29.21
CA LYS E 69 -9.01 -34.73 -29.97
C LYS E 69 -8.74 -34.54 -31.46
N MET E 70 -7.68 -33.81 -31.80
CA MET E 70 -7.38 -33.53 -33.21
C MET E 70 -6.93 -34.75 -33.98
N GLY E 71 -6.44 -35.79 -33.29
CA GLY E 71 -5.88 -36.97 -33.94
C GLY E 71 -4.38 -37.10 -33.81
N VAL E 72 -3.72 -36.20 -33.07
CA VAL E 72 -2.27 -36.30 -32.89
C VAL E 72 -1.96 -37.42 -31.92
N LYS E 73 -0.88 -38.17 -32.21
CA LYS E 73 -0.41 -39.20 -31.30
C LYS E 73 0.31 -38.58 -30.11
N LEU E 74 0.05 -39.11 -28.93
CA LEU E 74 0.64 -38.58 -27.70
C LEU E 74 1.41 -39.68 -26.97
N THR E 75 2.48 -39.29 -26.28
CA THR E 75 3.31 -40.22 -25.53
C THR E 75 4.01 -39.45 -24.43
N PRO E 76 4.32 -40.09 -23.30
CA PRO E 76 5.17 -39.43 -22.30
C PRO E 76 6.64 -39.48 -22.66
N HIS E 77 7.03 -40.36 -23.58
CA HIS E 77 8.43 -40.70 -23.82
C HIS E 77 8.95 -39.93 -25.04
N ASN E 78 9.84 -38.97 -24.78
CA ASN E 78 10.50 -38.23 -25.85
C ASN E 78 11.23 -39.17 -26.82
N LYS E 79 11.68 -40.34 -26.35
CA LYS E 79 12.33 -41.28 -27.25
C LYS E 79 11.36 -41.80 -28.31
N GLU E 80 10.10 -42.02 -27.94
CA GLU E 80 9.11 -42.45 -28.93
C GLU E 80 8.88 -41.37 -29.97
N THR E 81 8.79 -40.11 -29.55
CA THR E 81 8.61 -39.03 -30.51
C THR E 81 9.75 -39.00 -31.51
N VAL E 82 11.00 -39.12 -31.02
CA VAL E 82 12.15 -39.12 -31.91
C VAL E 82 12.07 -40.29 -32.89
N GLN E 83 11.71 -41.46 -32.39
CA GLN E 83 11.69 -42.66 -33.22
C GLN E 83 10.68 -42.56 -34.38
N HIS E 84 9.58 -41.84 -34.19
CA HIS E 84 8.58 -41.71 -35.23
C HIS E 84 8.78 -40.52 -36.16
N SER E 85 9.52 -39.50 -35.72
CA SER E 85 9.59 -38.26 -36.48
C SER E 85 10.71 -38.29 -37.52
N ASP E 86 10.47 -37.58 -38.61
CA ASP E 86 11.53 -37.15 -39.52
C ASP E 86 11.96 -35.71 -39.20
N VAL E 87 11.00 -34.80 -39.16
CA VAL E 87 11.21 -33.46 -38.64
C VAL E 87 10.82 -33.46 -37.18
N LEU E 88 11.75 -33.03 -36.32
CA LEU E 88 11.56 -33.01 -34.88
C LEU E 88 11.62 -31.57 -34.37
N PHE E 89 10.47 -31.05 -33.92
CA PHE E 89 10.39 -29.73 -33.30
C PHE E 89 10.68 -29.82 -31.80
N LEU E 90 11.55 -28.93 -31.32
CA LEU E 90 11.77 -28.74 -29.90
C LEU E 90 10.92 -27.55 -29.45
N ALA E 91 9.86 -27.84 -28.70
CA ALA E 91 8.92 -26.82 -28.23
C ALA E 91 8.80 -26.89 -26.71
N VAL E 92 9.95 -26.96 -26.05
CA VAL E 92 10.02 -26.87 -24.60
C VAL E 92 10.64 -25.53 -24.25
N LYS E 93 10.52 -25.15 -22.98
CA LYS E 93 11.09 -23.90 -22.52
C LYS E 93 12.61 -23.91 -22.72
N PRO E 94 13.20 -22.75 -22.97
CA PRO E 94 14.63 -22.72 -23.37
C PRO E 94 15.57 -23.39 -22.39
N HIS E 95 15.35 -23.23 -21.08
CA HIS E 95 16.24 -23.87 -20.12
C HIS E 95 16.12 -25.39 -20.13
N ILE E 96 15.08 -25.94 -20.75
CA ILE E 96 14.92 -27.39 -20.82
C ILE E 96 15.63 -28.00 -22.04
N ILE E 97 15.93 -27.19 -23.06
CA ILE E 97 16.57 -27.72 -24.27
C ILE E 97 17.81 -28.56 -23.96
N PRO E 98 18.78 -28.11 -23.16
CA PRO E 98 19.95 -28.97 -22.89
C PRO E 98 19.60 -30.30 -22.26
N PHE E 99 18.61 -30.32 -21.35
CA PHE E 99 18.19 -31.59 -20.76
C PHE E 99 17.64 -32.53 -21.84
N ILE E 100 16.78 -31.99 -22.71
CA ILE E 100 16.19 -32.79 -23.78
C ILE E 100 17.27 -33.33 -24.70
N LEU E 101 18.25 -32.48 -25.04
CA LEU E 101 19.27 -32.89 -25.99
C LEU E 101 20.14 -34.00 -25.42
N ASP E 102 20.36 -34.00 -24.10
CA ASP E 102 21.10 -35.08 -23.46
C ASP E 102 20.27 -36.35 -23.31
N GLU E 103 18.93 -36.24 -23.33
CA GLU E 103 18.10 -37.44 -23.21
C GLU E 103 17.94 -38.16 -24.55
N ILE E 104 17.84 -37.42 -25.65
CA ILE E 104 17.53 -37.98 -26.96
C ILE E 104 18.72 -37.97 -27.90
N GLY E 105 19.86 -37.41 -27.48
CA GLY E 105 20.98 -37.24 -28.40
C GLY E 105 21.42 -38.54 -29.06
N ALA E 106 21.49 -39.62 -28.29
CA ALA E 106 21.89 -40.90 -28.85
C ALA E 106 20.85 -41.48 -29.81
N ASP E 107 19.67 -40.86 -29.90
CA ASP E 107 18.59 -41.37 -30.74
C ASP E 107 18.48 -40.63 -32.07
N ILE E 108 19.19 -39.51 -32.25
CA ILE E 108 19.15 -38.80 -33.52
C ILE E 108 19.81 -39.63 -34.61
N GLU E 109 19.28 -39.55 -35.83
CA GLU E 109 19.78 -40.32 -36.96
C GLU E 109 20.10 -39.40 -38.13
N ASP E 110 20.73 -39.98 -39.15
CA ASP E 110 21.03 -39.25 -40.38
C ASP E 110 19.79 -38.62 -40.99
N ARG E 111 18.62 -39.24 -40.80
CA ARG E 111 17.39 -38.77 -41.43
C ARG E 111 16.78 -37.55 -40.74
N HIS E 112 17.18 -37.26 -39.50
CA HIS E 112 16.45 -36.29 -38.69
C HIS E 112 16.81 -34.86 -39.05
N ILE E 113 15.80 -33.99 -39.09
CA ILE E 113 15.96 -32.55 -39.04
C ILE E 113 15.44 -32.09 -37.70
N VAL E 114 16.31 -31.50 -36.89
CA VAL E 114 15.98 -31.00 -35.57
C VAL E 114 15.69 -29.51 -35.69
N VAL E 115 14.45 -29.12 -35.42
CA VAL E 115 13.99 -27.73 -35.54
C VAL E 115 13.76 -27.18 -34.15
N SER E 116 14.65 -26.32 -33.68
CA SER E 116 14.49 -25.73 -32.36
C SER E 116 13.62 -24.50 -32.47
N CYS E 117 12.54 -24.47 -31.69
CA CYS E 117 11.69 -23.30 -31.59
C CYS E 117 11.98 -22.46 -30.37
N ALA E 118 12.91 -22.88 -29.51
CA ALA E 118 13.05 -22.22 -28.22
C ALA E 118 13.64 -20.81 -28.38
N ALA E 119 13.05 -19.86 -27.67
CA ALA E 119 13.57 -18.50 -27.68
C ALA E 119 15.03 -18.47 -27.25
N GLY E 120 15.85 -17.75 -28.01
CA GLY E 120 17.24 -17.52 -27.63
C GLY E 120 18.25 -18.62 -27.88
N VAL E 121 17.83 -19.91 -27.87
CA VAL E 121 18.80 -21.00 -27.88
C VAL E 121 19.49 -21.08 -29.24
N THR E 122 20.81 -21.04 -29.22
CA THR E 122 21.59 -20.92 -30.45
C THR E 122 21.79 -22.26 -31.13
N ILE E 123 21.94 -22.20 -32.46
CA ILE E 123 22.27 -23.38 -33.24
C ILE E 123 23.56 -24.00 -32.73
N SER E 124 24.53 -23.16 -32.34
CA SER E 124 25.82 -23.66 -31.88
C SER E 124 25.66 -24.53 -30.64
N SER E 125 24.86 -24.08 -29.68
CA SER E 125 24.64 -24.84 -28.45
C SER E 125 23.96 -26.18 -28.75
N ILE E 126 23.02 -26.18 -29.69
CA ILE E 126 22.33 -27.42 -30.05
C ILE E 126 23.27 -28.36 -30.78
N GLU E 127 24.03 -27.83 -31.75
CA GLU E 127 24.93 -28.69 -32.51
C GLU E 127 26.06 -29.23 -31.65
N LYS E 128 26.51 -28.46 -30.67
CA LYS E 128 27.54 -28.98 -29.77
C LYS E 128 27.04 -30.18 -28.99
N LYS E 129 25.83 -30.09 -28.42
CA LYS E 129 25.28 -31.18 -27.62
C LYS E 129 25.03 -32.41 -28.47
N LEU E 130 24.38 -32.23 -29.62
CA LEU E 130 24.04 -33.39 -30.45
C LEU E 130 25.27 -34.03 -31.09
N SER E 131 26.34 -33.26 -31.33
CA SER E 131 27.54 -33.81 -31.98
C SER E 131 28.32 -34.74 -31.07
N ALA E 132 28.10 -34.66 -29.76
CA ALA E 132 28.73 -35.63 -28.87
C ALA E 132 28.27 -37.05 -29.17
N PHE E 133 27.09 -37.20 -29.79
CA PHE E 133 26.52 -38.52 -30.07
C PHE E 133 26.72 -38.95 -31.52
N ARG E 134 26.45 -38.08 -32.49
CA ARG E 134 26.57 -38.43 -33.89
C ARG E 134 27.00 -37.14 -34.59
N PRO E 135 27.97 -37.18 -35.48
CA PRO E 135 28.40 -35.95 -36.16
C PRO E 135 27.35 -35.51 -37.18
N ALA E 136 27.50 -34.26 -37.62
CA ALA E 136 26.63 -33.66 -38.62
C ALA E 136 25.13 -33.70 -38.32
N PRO E 137 24.70 -33.31 -37.11
CA PRO E 137 23.27 -33.19 -36.87
C PRO E 137 22.69 -32.04 -37.71
N ARG E 138 21.55 -32.31 -38.35
CA ARG E 138 20.86 -31.34 -39.18
C ARG E 138 19.95 -30.49 -38.30
N VAL E 139 20.33 -29.22 -38.09
CA VAL E 139 19.68 -28.35 -37.12
C VAL E 139 19.17 -27.10 -37.84
N ILE E 140 17.95 -26.71 -37.51
CA ILE E 140 17.35 -25.46 -37.94
C ILE E 140 16.81 -24.77 -36.71
N ARG E 141 17.02 -23.46 -36.59
CA ARG E 141 16.44 -22.68 -35.52
C ARG E 141 15.36 -21.80 -36.11
N CYS E 142 14.20 -21.75 -35.47
CA CYS E 142 13.17 -20.85 -35.93
C CYS E 142 12.62 -20.03 -34.77
N MET E 143 11.99 -18.91 -35.14
CA MET E 143 11.20 -18.12 -34.20
C MET E 143 9.86 -17.94 -34.90
N THR E 144 8.79 -18.37 -34.24
CA THR E 144 7.45 -18.28 -34.82
C THR E 144 6.59 -17.58 -33.76
N ASN E 145 5.26 -17.68 -33.87
CA ASN E 145 4.40 -17.07 -32.87
C ASN E 145 3.07 -17.81 -32.86
N THR E 146 2.25 -17.51 -31.86
CA THR E 146 1.04 -18.32 -31.65
C THR E 146 0.03 -18.19 -32.79
N PRO E 147 -0.01 -17.08 -33.57
CA PRO E 147 -1.01 -17.02 -34.66
C PRO E 147 -0.84 -18.05 -35.78
N VAL E 148 0.19 -18.92 -35.72
CA VAL E 148 0.18 -20.08 -36.60
C VAL E 148 -1.09 -20.91 -36.39
N VAL E 149 -1.72 -20.80 -35.21
CA VAL E 149 -2.92 -21.56 -34.93
C VAL E 149 -4.09 -21.13 -35.82
N VAL E 150 -4.08 -19.92 -36.36
CA VAL E 150 -5.07 -19.48 -37.35
C VAL E 150 -4.41 -19.26 -38.72
N ARG E 151 -3.26 -19.91 -38.94
CA ARG E 151 -2.49 -19.87 -40.18
C ARG E 151 -2.14 -18.44 -40.59
N GLU E 152 -1.88 -17.58 -39.61
CA GLU E 152 -1.36 -16.25 -39.89
C GLU E 152 -0.15 -15.97 -39.03
N GLY E 153 0.70 -16.98 -38.86
CA GLY E 153 1.90 -16.79 -38.09
C GLY E 153 2.94 -15.96 -38.84
N ALA E 154 3.98 -15.60 -38.10
CA ALA E 154 5.14 -14.92 -38.64
C ALA E 154 6.37 -15.69 -38.19
N THR E 155 7.09 -16.28 -39.13
CA THR E 155 8.14 -17.25 -38.81
C THR E 155 9.41 -16.87 -39.56
N VAL E 156 10.53 -16.90 -38.87
CA VAL E 156 11.83 -16.85 -39.52
C VAL E 156 12.58 -18.10 -39.09
N TYR E 157 13.54 -18.50 -39.93
CA TYR E 157 14.38 -19.66 -39.61
C TYR E 157 15.79 -19.43 -40.12
N ALA E 158 16.76 -20.04 -39.43
CA ALA E 158 18.15 -20.07 -39.84
C ALA E 158 18.61 -21.53 -39.91
N THR E 159 19.38 -21.86 -40.94
CA THR E 159 19.86 -23.21 -41.12
C THR E 159 21.23 -23.41 -40.46
N GLY E 160 21.44 -24.60 -39.93
CA GLY E 160 22.68 -24.91 -39.24
C GLY E 160 23.77 -25.39 -40.19
N THR E 161 24.90 -25.76 -39.57
CA THR E 161 26.11 -26.12 -40.32
C THR E 161 25.87 -27.29 -41.25
N HIS E 162 25.04 -28.24 -40.84
CA HIS E 162 24.88 -29.49 -41.55
C HIS E 162 23.52 -29.64 -42.23
N ALA E 163 22.64 -28.65 -42.11
CA ALA E 163 21.38 -28.70 -42.84
C ALA E 163 21.66 -28.71 -44.34
N GLN E 164 21.01 -29.62 -45.06
CA GLN E 164 21.12 -29.60 -46.51
C GLN E 164 20.26 -28.47 -47.08
N VAL E 165 20.49 -28.13 -48.35
CA VAL E 165 19.73 -27.04 -48.97
C VAL E 165 18.25 -27.40 -49.00
N GLU E 166 17.94 -28.67 -49.29
CA GLU E 166 16.56 -29.11 -49.27
C GLU E 166 15.95 -29.04 -47.87
N ASP E 167 16.77 -29.08 -46.81
CA ASP E 167 16.24 -28.98 -45.46
C ASP E 167 15.62 -27.60 -45.23
N GLY E 168 16.31 -26.54 -45.66
CA GLY E 168 15.73 -25.21 -45.54
C GLY E 168 14.49 -25.04 -46.42
N ARG E 169 14.49 -25.66 -47.60
CA ARG E 169 13.33 -25.55 -48.48
C ARG E 169 12.14 -26.31 -47.91
N LEU E 170 12.38 -27.51 -47.37
CA LEU E 170 11.31 -28.23 -46.67
C LEU E 170 10.77 -27.40 -45.52
N MET E 171 11.66 -26.77 -44.76
CA MET E 171 11.24 -25.98 -43.62
C MET E 171 10.36 -24.82 -44.06
N GLU E 172 10.79 -24.11 -45.10
CA GLU E 172 10.03 -22.97 -45.56
C GLU E 172 8.69 -23.38 -46.13
N GLN E 173 8.64 -24.50 -46.85
CA GLN E 173 7.37 -25.02 -47.36
C GLN E 173 6.41 -25.33 -46.22
N LEU E 174 6.90 -26.01 -45.18
CA LEU E 174 6.04 -26.36 -44.05
C LEU E 174 5.55 -25.14 -43.30
N LEU E 175 6.45 -24.20 -42.98
CA LEU E 175 6.04 -23.09 -42.16
C LEU E 175 5.30 -22.02 -42.95
N SER E 176 5.49 -21.96 -44.28
CA SER E 176 4.69 -21.04 -45.07
C SER E 176 3.22 -21.44 -45.10
N SER E 177 2.91 -22.69 -44.77
CA SER E 177 1.52 -23.10 -44.81
C SER E 177 0.71 -22.52 -43.66
N VAL E 178 1.37 -21.99 -42.62
CA VAL E 178 0.69 -21.44 -41.45
C VAL E 178 1.00 -19.97 -41.23
N GLY E 179 1.57 -19.29 -42.23
CA GLY E 179 1.82 -17.86 -42.13
C GLY E 179 2.98 -17.44 -43.02
N PHE E 180 3.46 -16.22 -42.75
CA PHE E 180 4.66 -15.73 -43.41
C PHE E 180 5.86 -16.52 -42.94
N CYS E 181 6.78 -16.82 -43.86
CA CYS E 181 8.01 -17.51 -43.49
C CYS E 181 9.15 -17.07 -44.40
N THR E 182 10.29 -16.73 -43.79
CA THR E 182 11.47 -16.41 -44.59
C THR E 182 12.71 -16.81 -43.82
N GLU E 183 13.74 -17.15 -44.57
CA GLU E 183 15.03 -17.47 -43.96
C GLU E 183 15.74 -16.18 -43.56
N VAL E 184 16.44 -16.22 -42.43
CA VAL E 184 17.28 -15.11 -41.99
C VAL E 184 18.61 -15.66 -41.52
N GLU E 185 19.60 -14.77 -41.38
CA GLU E 185 20.80 -15.08 -40.60
C GLU E 185 20.43 -15.22 -39.14
N GLU E 186 21.12 -16.15 -38.45
CA GLU E 186 20.76 -16.42 -37.07
C GLU E 186 20.89 -15.19 -36.19
N ASP E 187 21.84 -14.29 -36.51
CA ASP E 187 22.00 -13.14 -35.61
C ASP E 187 20.83 -12.16 -35.69
N LEU E 188 19.84 -12.38 -36.55
CA LEU E 188 18.64 -11.55 -36.50
C LEU E 188 17.54 -12.12 -35.61
N ILE E 189 17.66 -13.37 -35.15
CA ILE E 189 16.49 -14.06 -34.58
C ILE E 189 16.10 -13.46 -33.23
N ASP E 190 17.06 -13.02 -32.44
CA ASP E 190 16.68 -12.44 -31.14
C ASP E 190 15.86 -11.15 -31.32
N ALA E 191 16.17 -10.35 -32.35
CA ALA E 191 15.38 -9.17 -32.64
C ALA E 191 14.02 -9.53 -33.20
N VAL E 192 13.94 -10.54 -34.07
CA VAL E 192 12.64 -11.03 -34.53
C VAL E 192 11.79 -11.46 -33.34
N THR E 193 12.41 -12.15 -32.36
CA THR E 193 11.71 -12.54 -31.15
C THR E 193 11.03 -11.33 -30.49
N GLY E 194 11.76 -10.21 -30.41
CA GLY E 194 11.21 -9.02 -29.77
C GLY E 194 10.09 -8.37 -30.55
N LEU E 195 10.01 -8.62 -31.85
CA LEU E 195 9.05 -7.96 -32.72
C LEU E 195 7.86 -8.88 -32.96
N SER E 196 8.03 -9.96 -33.75
CA SER E 196 6.89 -10.81 -34.05
C SER E 196 6.69 -11.96 -33.07
N GLY E 197 7.73 -12.38 -32.33
CA GLY E 197 7.54 -13.42 -31.34
C GLY E 197 6.68 -12.94 -30.18
N SER E 198 7.08 -11.83 -29.57
CA SER E 198 6.34 -11.19 -28.49
C SER E 198 5.17 -10.35 -29.02
N GLY E 199 5.20 -9.99 -30.31
CA GLY E 199 4.23 -9.06 -30.86
C GLY E 199 2.78 -9.35 -30.59
N PRO E 200 2.34 -10.60 -30.69
CA PRO E 200 0.91 -10.87 -30.41
C PRO E 200 0.49 -10.42 -29.03
N ALA E 201 1.35 -10.57 -28.02
CA ALA E 201 1.02 -10.07 -26.68
C ALA E 201 0.85 -8.54 -26.67
N TYR E 202 1.68 -7.81 -27.42
CA TYR E 202 1.48 -6.36 -27.51
C TYR E 202 0.12 -6.06 -28.14
N ALA E 203 -0.25 -6.82 -29.17
CA ALA E 203 -1.55 -6.61 -29.81
C ALA E 203 -2.71 -6.98 -28.89
N PHE E 204 -2.60 -8.07 -28.12
CA PHE E 204 -3.67 -8.41 -27.18
C PHE E 204 -3.84 -7.34 -26.11
N THR E 205 -2.72 -6.77 -25.63
CA THR E 205 -2.79 -5.67 -24.67
C THR E 205 -3.51 -4.48 -25.28
N ALA E 206 -3.12 -4.11 -26.49
CA ALA E 206 -3.72 -2.99 -27.21
C ALA E 206 -5.20 -3.22 -27.42
N LEU E 207 -5.58 -4.44 -27.78
CA LEU E 207 -6.98 -4.73 -28.05
C LEU E 207 -7.83 -4.67 -26.78
N ASP E 208 -7.30 -5.17 -25.66
CA ASP E 208 -8.00 -5.02 -24.39
C ASP E 208 -8.26 -3.54 -24.10
N ALA E 209 -7.23 -2.70 -24.28
CA ALA E 209 -7.32 -1.28 -23.95
C ALA E 209 -8.23 -0.53 -24.91
N LEU E 210 -8.12 -0.83 -26.20
CA LEU E 210 -9.04 -0.24 -27.17
C LEU E 210 -10.48 -0.59 -26.84
N ALA E 211 -10.74 -1.85 -26.46
CA ALA E 211 -12.08 -2.24 -26.04
C ALA E 211 -12.54 -1.45 -24.81
N ASP E 212 -11.63 -1.27 -23.83
CA ASP E 212 -11.98 -0.44 -22.68
C ASP E 212 -12.35 0.97 -23.10
N GLY E 213 -11.62 1.53 -24.08
CA GLY E 213 -11.95 2.84 -24.60
C GLY E 213 -13.31 2.87 -25.27
N GLY E 214 -13.62 1.85 -26.07
CA GLY E 214 -14.97 1.72 -26.61
C GLY E 214 -16.04 1.67 -25.53
N VAL E 215 -15.81 0.88 -24.48
CA VAL E 215 -16.78 0.79 -23.40
C VAL E 215 -16.92 2.14 -22.70
N LYS E 216 -15.79 2.84 -22.47
CA LYS E 216 -15.91 4.12 -21.80
C LYS E 216 -16.82 5.07 -22.57
N MET E 217 -16.75 5.03 -23.90
CA MET E 217 -17.56 5.90 -24.74
C MET E 217 -18.92 5.32 -25.06
N GLY E 218 -19.30 4.19 -24.45
CA GLY E 218 -20.69 3.73 -24.48
C GLY E 218 -20.97 2.48 -25.28
N LEU E 219 -19.95 1.78 -25.77
CA LEU E 219 -20.18 0.56 -26.53
C LEU E 219 -20.25 -0.66 -25.61
N PRO E 220 -21.12 -1.62 -25.90
CA PRO E 220 -21.05 -2.91 -25.19
C PRO E 220 -19.68 -3.55 -25.40
N ARG E 221 -19.21 -4.25 -24.38
CA ARG E 221 -17.87 -4.82 -24.39
CA ARG E 221 -17.86 -4.80 -24.40
C ARG E 221 -17.66 -5.73 -25.59
N ARG E 222 -18.62 -6.63 -25.84
CA ARG E 222 -18.47 -7.59 -26.94
C ARG E 222 -18.32 -6.89 -28.29
N LEU E 223 -19.14 -5.86 -28.54
CA LEU E 223 -19.01 -5.14 -29.80
C LEU E 223 -17.68 -4.38 -29.87
N ALA E 224 -17.24 -3.81 -28.74
CA ALA E 224 -15.99 -3.08 -28.75
C ALA E 224 -14.81 -4.01 -29.05
N VAL E 225 -14.80 -5.22 -28.49
CA VAL E 225 -13.69 -6.15 -28.76
C VAL E 225 -13.68 -6.52 -30.24
N ARG E 226 -14.85 -6.78 -30.78
CA ARG E 226 -14.98 -7.21 -32.17
C ARG E 226 -14.54 -6.11 -33.13
N LEU E 227 -14.99 -4.87 -32.89
CA LEU E 227 -14.62 -3.76 -33.76
C LEU E 227 -13.14 -3.42 -33.67
N GLY E 228 -12.59 -3.45 -32.45
CA GLY E 228 -11.17 -3.14 -32.28
C GLY E 228 -10.30 -4.17 -32.98
N ALA E 229 -10.61 -5.46 -32.80
CA ALA E 229 -9.84 -6.52 -33.44
C ALA E 229 -9.96 -6.45 -34.95
N GLN E 230 -11.18 -6.22 -35.45
CA GLN E 230 -11.37 -6.11 -36.88
C GLN E 230 -10.59 -4.92 -37.44
N ALA E 231 -10.58 -3.80 -36.72
CA ALA E 231 -9.84 -2.63 -37.19
C ALA E 231 -8.35 -2.93 -37.28
N LEU E 232 -7.79 -3.61 -36.27
CA LEU E 232 -6.37 -3.92 -36.32
C LEU E 232 -6.07 -4.93 -37.43
N LEU E 233 -6.89 -5.97 -37.55
CA LEU E 233 -6.70 -6.93 -38.62
C LEU E 233 -6.71 -6.25 -39.99
N GLY E 234 -7.73 -5.44 -40.27
CA GLY E 234 -7.84 -4.82 -41.57
C GLY E 234 -6.68 -3.88 -41.86
N ALA E 235 -6.26 -3.10 -40.85
CA ALA E 235 -5.15 -2.18 -41.06
C ALA E 235 -3.86 -2.94 -41.35
N ALA E 236 -3.63 -4.02 -40.62
CA ALA E 236 -2.43 -4.82 -40.86
C ALA E 236 -2.48 -5.41 -42.26
N LYS E 237 -3.65 -5.89 -42.69
CA LYS E 237 -3.77 -6.42 -44.05
C LYS E 237 -3.52 -5.34 -45.08
N MET E 238 -4.05 -4.12 -44.86
CA MET E 238 -3.81 -3.03 -45.79
C MET E 238 -2.32 -2.77 -45.95
N LEU E 239 -1.60 -2.72 -44.83
CA LEU E 239 -0.17 -2.43 -44.91
C LEU E 239 0.58 -3.53 -45.64
N LEU E 240 0.20 -4.79 -45.39
CA LEU E 240 0.82 -5.92 -46.09
C LEU E 240 0.54 -5.88 -47.58
N HIS E 241 -0.62 -5.39 -48.00
CA HIS E 241 -0.97 -5.36 -49.41
C HIS E 241 -0.54 -4.08 -50.11
N SER E 242 0.01 -3.11 -49.38
CA SER E 242 0.38 -1.83 -49.92
C SER E 242 1.90 -1.72 -50.04
N GLU E 243 2.34 -1.00 -51.06
CA GLU E 243 3.72 -0.55 -51.12
C GLU E 243 3.91 0.82 -50.49
N GLN E 244 2.86 1.39 -49.90
CA GLN E 244 2.96 2.71 -49.33
C GLN E 244 3.48 2.62 -47.89
N HIS E 245 4.15 3.69 -47.48
CA HIS E 245 4.67 3.79 -46.13
C HIS E 245 3.53 3.83 -45.12
N PRO E 246 3.71 3.23 -43.94
CA PRO E 246 2.65 3.29 -42.92
C PRO E 246 2.25 4.71 -42.54
N GLY E 247 3.17 5.68 -42.66
CA GLY E 247 2.80 7.06 -42.44
C GLY E 247 1.88 7.59 -43.53
N GLN E 248 2.03 7.11 -44.76
CA GLN E 248 1.14 7.53 -45.83
C GLN E 248 -0.26 6.95 -45.63
N LEU E 249 -0.35 5.69 -45.21
CA LEU E 249 -1.67 5.13 -44.94
C LEU E 249 -2.34 5.85 -43.78
N LYS E 250 -1.56 6.27 -42.79
CA LYS E 250 -2.10 7.06 -41.69
C LYS E 250 -2.64 8.39 -42.20
N ASP E 251 -1.89 9.08 -43.06
CA ASP E 251 -2.37 10.33 -43.64
C ASP E 251 -3.70 10.15 -44.38
N ASN E 252 -3.92 8.99 -45.02
CA ASN E 252 -5.18 8.75 -45.74
C ASN E 252 -6.38 8.64 -44.79
N VAL E 253 -6.17 8.26 -43.54
CA VAL E 253 -7.31 8.11 -42.64
C VAL E 253 -7.80 9.47 -42.16
N SER E 254 -6.88 10.37 -41.79
CA SER E 254 -7.24 11.57 -41.05
C SER E 254 -7.62 12.71 -41.99
N SER E 255 -8.86 13.18 -41.87
CA SER E 255 -9.22 14.44 -42.50
C SER E 255 -8.70 15.62 -41.69
N PRO E 256 -8.44 16.76 -42.34
CA PRO E 256 -8.02 17.96 -41.60
C PRO E 256 -9.03 18.33 -40.52
N GLY E 257 -8.52 18.60 -39.32
CA GLY E 257 -9.34 18.99 -38.20
C GLY E 257 -10.20 17.88 -37.61
N GLY E 258 -10.12 16.66 -38.15
CA GLY E 258 -11.06 15.62 -37.83
C GLY E 258 -10.75 14.84 -36.56
N ALA E 259 -11.56 13.80 -36.36
CA ALA E 259 -11.50 13.03 -35.12
C ALA E 259 -10.23 12.20 -35.03
N THR E 260 -9.81 11.62 -36.15
CA THR E 260 -8.63 10.75 -36.12
C THR E 260 -7.36 11.53 -35.76
N ILE E 261 -7.16 12.71 -36.37
CA ILE E 261 -5.94 13.48 -36.09
C ILE E 261 -5.94 13.99 -34.64
N HIS E 262 -7.12 14.30 -34.07
CA HIS E 262 -7.18 14.60 -32.65
C HIS E 262 -6.72 13.41 -31.80
N ALA E 263 -7.15 12.19 -32.14
CA ALA E 263 -6.73 11.01 -31.38
C ALA E 263 -5.26 10.72 -31.56
N LEU E 264 -4.74 10.89 -32.79
CA LEU E 264 -3.31 10.67 -33.00
C LEU E 264 -2.48 11.61 -32.13
N HIS E 265 -2.94 12.84 -31.93
CA HIS E 265 -2.19 13.75 -31.08
C HIS E 265 -2.08 13.22 -29.65
N VAL E 266 -3.17 12.71 -29.08
CA VAL E 266 -3.08 12.25 -27.71
C VAL E 266 -2.20 11.02 -27.61
N LEU E 267 -2.15 10.18 -28.66
CA LEU E 267 -1.16 9.09 -28.68
C LEU E 267 0.27 9.63 -28.68
N GLU E 268 0.53 10.64 -29.53
CA GLU E 268 1.88 11.20 -29.58
C GLU E 268 2.23 11.85 -28.26
N SER E 269 1.26 12.49 -27.60
CA SER E 269 1.56 13.19 -26.35
C SER E 269 2.00 12.22 -25.25
N GLY E 270 1.55 10.96 -25.31
CA GLY E 270 2.01 9.96 -24.36
C GLY E 270 3.24 9.20 -24.79
N GLY E 271 3.87 9.58 -25.90
CA GLY E 271 5.03 8.83 -26.37
C GLY E 271 4.69 7.41 -26.81
N PHE E 272 3.49 7.22 -27.39
CA PHE E 272 3.02 5.90 -27.82
C PHE E 272 4.06 5.16 -28.65
N ARG E 273 4.64 5.84 -29.65
CA ARG E 273 5.64 5.20 -30.50
C ARG E 273 6.82 4.69 -29.68
N SER E 274 7.33 5.54 -28.78
CA SER E 274 8.49 5.16 -27.98
C SER E 274 8.20 3.94 -27.10
N LEU E 275 6.96 3.75 -26.66
CA LEU E 275 6.66 2.59 -25.82
C LEU E 275 6.79 1.29 -26.61
N LEU E 276 6.28 1.27 -27.84
CA LEU E 276 6.43 0.10 -28.70
C LEU E 276 7.90 -0.17 -29.04
N ILE E 277 8.68 0.88 -29.31
CA ILE E 277 10.13 0.69 -29.48
C ILE E 277 10.73 0.10 -28.21
N ASN E 278 10.38 0.67 -27.05
CA ASN E 278 10.84 0.12 -25.78
C ASN E 278 10.54 -1.37 -25.65
N ALA E 279 9.33 -1.77 -26.06
CA ALA E 279 8.91 -3.16 -25.91
C ALA E 279 9.77 -4.10 -26.76
N VAL E 280 9.92 -3.80 -28.06
CA VAL E 280 10.76 -4.64 -28.93
C VAL E 280 12.16 -4.75 -28.36
N GLU E 281 12.74 -3.61 -27.95
CA GLU E 281 14.07 -3.62 -27.35
C GLU E 281 14.11 -4.49 -26.10
N ALA E 282 13.12 -4.34 -25.20
CA ALA E 282 13.18 -5.07 -23.94
C ALA E 282 13.08 -6.58 -24.17
N SER E 283 12.20 -7.00 -25.08
CA SER E 283 12.08 -8.41 -25.37
C SER E 283 13.35 -8.95 -26.02
N CYS E 284 13.91 -8.22 -26.98
CA CYS E 284 15.16 -8.64 -27.62
C CYS E 284 16.29 -8.72 -26.62
N ILE E 285 16.43 -7.71 -25.75
CA ILE E 285 17.51 -7.70 -24.78
C ILE E 285 17.35 -8.85 -23.78
N ARG E 286 16.12 -9.09 -23.31
CA ARG E 286 15.92 -10.21 -22.39
C ARG E 286 16.25 -11.54 -23.07
N THR E 287 15.88 -11.69 -24.35
CA THR E 287 16.25 -12.89 -25.10
C THR E 287 17.76 -13.06 -25.13
N ARG E 288 18.51 -11.99 -25.43
CA ARG E 288 19.97 -12.09 -25.44
C ARG E 288 20.49 -12.42 -24.06
N GLU E 289 19.93 -11.78 -23.03
CA GLU E 289 20.36 -11.99 -21.65
C GLU E 289 20.12 -13.42 -21.19
N LEU E 290 18.97 -14.00 -21.56
CA LEU E 290 18.70 -15.37 -21.15
C LEU E 290 19.69 -16.34 -21.78
N GLN E 291 20.05 -16.10 -23.03
CA GLN E 291 20.97 -17.03 -23.69
C GLN E 291 22.40 -16.89 -23.16
N SER E 292 22.80 -15.67 -22.79
CA SER E 292 24.08 -15.52 -22.11
C SER E 292 24.08 -16.26 -20.78
N MET E 293 22.95 -16.30 -20.09
CA MET E 293 22.84 -17.10 -18.87
C MET E 293 22.95 -18.59 -19.17
N ALA E 294 22.29 -19.05 -20.24
CA ALA E 294 22.46 -20.44 -20.67
C ALA E 294 23.93 -20.77 -20.91
N ASP E 295 24.62 -19.93 -21.70
CA ASP E 295 26.03 -20.16 -21.99
C ASP E 295 26.91 -19.75 -20.81
PA NAI F . 10.35 -10.00 13.81
O1A NAI F . 11.62 -9.23 13.89
O2A NAI F . 8.98 -9.51 14.15
O5B NAI F . 10.67 -11.24 14.96
C5B NAI F . 12.01 -11.55 14.88
C4B NAI F . 12.30 -12.30 16.18
O4B NAI F . 13.63 -12.88 16.18
C3B NAI F . 12.27 -11.27 17.35
O3B NAI F . 11.46 -11.83 18.33
C2B NAI F . 13.75 -11.24 17.79
O2B NAI F . 13.89 -11.02 19.15
C1B NAI F . 14.08 -12.73 17.50
N9A NAI F . 15.51 -12.99 17.56
C8A NAI F . 16.60 -12.13 17.24
N7A NAI F . 17.79 -12.73 17.44
C5A NAI F . 17.47 -14.01 17.93
C6A NAI F . 18.28 -15.09 18.32
N6A NAI F . 19.64 -15.01 18.28
N1A NAI F . 17.69 -16.26 18.77
C2A NAI F . 16.31 -16.30 18.79
N3A NAI F . 15.42 -15.34 18.44
C4A NAI F . 16.06 -14.19 17.99
O3 NAI F . 10.57 -10.69 12.35
PN NAI F . 9.24 -11.32 11.69
O1N NAI F . 8.37 -10.41 10.89
O2N NAI F . 8.74 -12.36 12.66
O5D NAI F . 9.84 -12.33 10.46
C5D NAI F . 10.79 -13.19 10.96
C4D NAI F . 11.17 -14.12 9.80
O4D NAI F . 9.98 -14.54 9.11
C3D NAI F . 12.05 -13.32 8.76
O3D NAI F . 13.01 -14.19 8.27
C2D NAI F . 11.06 -12.95 7.65
O2D NAI F . 11.66 -12.95 6.39
C1D NAI F . 10.07 -14.17 7.73
N1N NAI F . 8.70 -13.81 7.24
C2N NAI F . 7.96 -12.81 7.85
C3N NAI F . 6.67 -12.56 7.42
C7N NAI F . 6.02 -11.32 7.84
O7N NAI F . 5.19 -10.75 7.13
N7N NAI F . 6.31 -10.79 9.09
C4N NAI F . 6.05 -13.32 6.30
C5N NAI F . 6.87 -14.46 5.87
C6N NAI F . 8.18 -14.51 6.15
C02 UJP G . -21.09 0.72 -13.52
C04 UJP G . -21.80 0.64 -12.18
C06 UJP G . -20.63 0.23 -9.80
C07 UJP G . -21.48 -0.92 -10.27
C08 UJP G . -21.66 -0.81 -11.78
O01 UJP G . -21.79 0.47 -14.52
O03 UJP G . -19.89 1.02 -13.51
S05 UJP G . -21.00 1.63 -10.88
S SO4 H . -17.52 -19.02 -13.15
O1 SO4 H . -18.41 -19.09 -14.29
O2 SO4 H . -17.17 -17.61 -12.92
O3 SO4 H . -18.19 -19.55 -11.95
O4 SO4 H . -16.33 -19.84 -13.43
PA NAI I . -26.38 -6.00 -17.40
O1A NAI I . -26.40 -5.16 -18.64
O2A NAI I . -25.51 -7.18 -17.12
O5B NAI I . -28.00 -6.66 -17.40
C5B NAI I . -28.87 -5.65 -17.77
C4B NAI I . -30.21 -6.36 -18.04
O4B NAI I . -31.25 -5.40 -18.33
C3B NAI I . -30.03 -7.25 -19.32
O3B NAI I . -30.58 -8.51 -19.02
C2B NAI I . -30.90 -6.48 -20.34
O2B NAI I . -31.46 -7.31 -21.32
C1B NAI I . -32.00 -6.01 -19.35
N9A NAI I . -32.93 -5.04 -19.93
C8A NAI I . -32.73 -4.05 -20.92
N7A NAI I . -33.87 -3.37 -21.18
C5A NAI I . -34.83 -3.97 -20.34
C6A NAI I . -36.20 -3.71 -20.16
N6A NAI I . -36.83 -2.72 -20.87
N1A NAI I . -36.92 -4.46 -19.26
C2A NAI I . -36.24 -5.43 -18.57
N3A NAI I . -34.93 -5.78 -18.64
C4A NAI I . -34.25 -5.00 -19.56
O3 NAI I . -26.40 -4.82 -16.31
PN NAI I . -25.79 -5.23 -14.87
O1N NAI I . -24.31 -5.23 -14.74
O2N NAI I . -26.73 -6.27 -14.35
O5D NAI I . -26.24 -3.87 -13.91
C5D NAI I . -27.62 -3.65 -13.95
C4D NAI I . -27.93 -2.56 -12.91
O4D NAI I . -27.29 -2.93 -11.68
C3D NAI I . -27.28 -1.21 -13.37
O3D NAI I . -28.18 -0.18 -13.08
C2D NAI I . -25.99 -1.11 -12.51
O2D NAI I . -25.70 0.17 -12.10
C1D NAI I . -26.43 -1.89 -11.25
N1N NAI I . -25.25 -2.47 -10.56
C2N NAI I . -24.35 -3.33 -11.23
C3N NAI I . -23.37 -3.98 -10.54
C7N NAI I . -22.31 -4.70 -11.29
O7N NAI I . -21.14 -4.79 -10.89
N7N NAI I . -22.62 -5.32 -12.48
C4N NAI I . -23.06 -3.63 -9.12
C5N NAI I . -24.12 -2.81 -8.49
C6N NAI I . -25.04 -2.17 -9.21
C02 UJP J . 10.17 -8.73 4.91
C04 UJP J . 9.88 -10.20 4.60
C06 UJP J . 7.72 -10.97 3.20
C07 UJP J . 7.41 -10.34 4.53
C08 UJP J . 8.64 -10.47 5.41
O01 UJP J . 9.72 -7.87 4.14
O03 UJP J . 10.85 -8.54 5.94
S05 UJP J . 9.44 -10.54 2.84
S SO4 K . -6.24 -7.49 16.63
O1 SO4 K . -5.42 -7.37 15.43
O2 SO4 K . -7.06 -6.29 16.82
O3 SO4 K . -5.37 -7.69 17.79
O4 SO4 K . -7.13 -8.65 16.49
PA NAI L . 30.94 22.98 12.26
O1A NAI L . 31.77 23.03 11.00
O2A NAI L . 29.87 23.91 12.68
O5B NAI L . 32.15 23.25 13.43
C5B NAI L . 33.21 22.42 13.13
C4B NAI L . 34.29 22.86 14.11
O4B NAI L . 35.49 22.07 13.96
C3B NAI L . 34.65 24.33 13.72
O3B NAI L . 34.64 25.06 14.91
C2B NAI L . 36.07 24.15 13.14
O2B NAI L . 36.88 25.27 13.35
C1B NAI L . 36.54 23.02 14.08
N9A NAI L . 37.81 22.43 13.68
C8A NAI L . 38.35 22.21 12.39
N7A NAI L . 39.57 21.64 12.45
C5A NAI L . 39.83 21.50 13.82
C6A NAI L . 40.94 20.98 14.52
N6A NAI L . 42.02 20.50 13.84
N1A NAI L . 40.95 20.96 15.90
C2A NAI L . 39.83 21.46 16.52
N3A NAI L . 38.70 21.99 15.98
C4A NAI L . 38.74 21.98 14.60
O3 NAI L . 30.62 21.41 12.28
PN NAI L . 29.23 21.03 13.03
O1N NAI L . 27.97 21.27 12.28
O2N NAI L . 29.51 21.37 14.47
O5D NAI L . 29.24 19.32 13.15
C5D NAI L . 30.48 18.92 13.57
C4D NAI L . 30.40 17.41 13.79
O4D NAI L . 29.15 17.12 14.44
C3D NAI L . 30.39 16.71 12.39
O3D NAI L . 31.18 15.54 12.48
C2D NAI L . 28.91 16.39 12.16
O2D NAI L . 28.72 15.17 11.50
C1D NAI L . 28.41 16.21 13.63
N1N NAI L . 26.94 16.48 13.74
C2N NAI L . 26.39 17.70 13.32
C3N NAI L . 25.07 17.98 13.56
C7N NAI L . 24.46 19.18 12.96
O7N NAI L . 23.26 19.24 12.67
N7N NAI L . 25.24 20.30 12.70
C4N NAI L . 24.14 16.95 14.13
C5N NAI L . 24.83 15.72 14.60
C6N NAI L . 26.10 15.49 14.30
C02 UJP M . -11.53 19.05 8.08
C04 UJP M . -11.34 20.31 8.94
C06 UJP M . -9.29 21.90 9.55
C07 UJP M . -9.24 20.60 10.30
C08 UJP M . -10.54 19.81 10.12
O01 UJP M . -12.52 18.35 8.37
O03 UJP M . -10.71 18.84 7.20
S05 UJP M . -10.38 21.62 8.12
PA NAI N . -16.70 14.85 14.31
O1A NAI N . -17.59 14.47 13.17
O2A NAI N . -15.63 14.04 14.95
O5B NAI N . -17.91 14.98 15.55
C5B NAI N . -18.87 15.86 15.11
C4B NAI N . -19.99 15.80 16.16
O4B NAI N . -21.20 16.44 15.70
C3B NAI N . -20.34 14.28 16.37
O3B NAI N . -20.24 14.04 17.74
C2B NAI N . -21.80 14.23 15.87
O2B NAI N . -22.59 13.34 16.59
C1B NAI N . -22.23 15.66 16.25
N9A NAI N . -23.52 16.02 15.67
C8A NAI N . -24.06 15.75 14.38
N7A NAI N . -25.29 16.26 14.23
C5A NAI N . -25.57 16.88 15.45
C6A NAI N . -26.69 17.59 15.93
N6A NAI N . -27.79 17.78 15.14
N1A NAI N . -26.69 18.11 17.21
C2A NAI N . -25.56 17.89 17.96
N3A NAI N . -24.43 17.23 17.64
C4A NAI N . -24.46 16.74 16.35
O3 NAI N . -16.36 16.37 13.87
PN NAI N . -14.92 16.92 14.41
O1N NAI N . -13.70 16.39 13.74
O2N NAI N . -15.15 17.09 15.88
O5D NAI N . -14.90 18.58 13.94
C5D NAI N . -16.20 19.07 13.94
C4D NAI N . -16.11 20.54 13.60
O4D NAI N . -14.86 21.07 14.08
C3D NAI N . -16.11 20.69 12.03
O3D NAI N . -16.91 21.78 11.72
C2D NAI N . -14.62 20.94 11.68
O2D NAI N . -14.46 21.86 10.62
C1D NAI N . -14.11 21.62 13.00
N1N NAI N . -12.66 21.37 13.23
C2N NAI N . -12.12 20.07 13.30
C3N NAI N . -10.82 19.89 13.68
C7N NAI N . -10.23 18.53 13.63
O7N NAI N . -9.05 18.35 13.30
N7N NAI N . -10.99 17.43 13.98
C4N NAI N . -9.87 21.03 13.79
C5N NAI N . -10.55 22.34 13.82
C6N NAI N . -11.80 22.47 13.38
C02 UJP O . 25.78 16.55 7.72
C04 UJP O . 25.76 15.56 8.93
C06 UJP O . 23.40 15.03 10.10
C07 UJP O . 24.01 16.34 10.56
C08 UJP O . 25.51 16.39 10.18
O01 UJP O . 24.82 16.58 6.93
O03 UJP O . 26.82 17.23 7.64
S05 UJP O . 24.49 14.29 8.83
S SO4 P . 18.82 32.53 17.50
O1 SO4 P . 17.57 33.29 17.62
O2 SO4 P . 19.77 33.33 16.73
O3 SO4 P . 19.35 32.26 18.83
O4 SO4 P . 18.60 31.25 16.82
PA NAI Q . -11.55 12.64 -49.13
O1A NAI Q . -11.32 14.12 -48.93
O2A NAI Q . -10.55 11.61 -49.50
O5B NAI Q . -12.63 12.65 -50.49
C5B NAI Q . -13.56 13.65 -50.31
C4B NAI Q . -14.13 13.85 -51.71
O4B NAI Q . -15.24 14.76 -51.72
C3B NAI Q . -12.99 14.52 -52.58
O3B NAI Q . -12.90 13.75 -53.72
C2B NAI Q . -13.62 15.92 -52.88
O2B NAI Q . -13.26 16.42 -54.14
C1B NAI Q . -15.10 15.50 -52.91
N9A NAI Q . -15.97 16.66 -52.90
C8A NAI Q . -15.75 17.93 -52.31
N7A NAI Q . -16.79 18.77 -52.50
C5A NAI Q . -17.71 18.02 -53.27
C6A NAI Q . -18.97 18.34 -53.79
N6A NAI Q . -19.50 19.58 -53.58
N1A NAI Q . -19.68 17.42 -54.52
C2A NAI Q . -19.08 16.19 -54.68
N3A NAI Q . -17.88 15.75 -54.25
C4A NAI Q . -17.22 16.71 -53.51
O3 NAI Q . -12.46 12.34 -47.84
PN NAI Q . -12.47 10.79 -47.41
O1N NAI Q . -11.34 10.33 -46.54
O2N NAI Q . -12.98 10.09 -48.64
O5D NAI Q . -13.86 10.60 -46.37
C5D NAI Q . -14.94 11.33 -46.85
C4D NAI Q . -16.11 11.05 -45.91
O4D NAI Q . -16.00 9.69 -45.46
C3D NAI Q . -15.95 11.94 -44.62
O3D NAI Q . -17.22 12.30 -44.22
C2D NAI Q . -15.33 11.01 -43.60
O2D NAI Q . -15.82 11.27 -42.31
C1D NAI Q . -15.93 9.65 -44.04
N1N NAI Q . -15.07 8.51 -43.59
C2N NAI Q . -13.72 8.44 -43.93
C3N NAI Q . -13.01 7.28 -43.72
C7N NAI Q . -11.56 7.29 -43.99
O7N NAI Q . -10.76 6.70 -43.26
N7N NAI Q . -11.09 7.96 -45.09
C4N NAI Q . -13.56 6.17 -42.87
C5N NAI Q . -14.97 6.38 -42.52
C6N NAI Q . -15.65 7.50 -42.81
C02 UJP R . 8.33 -15.82 -24.14
C04 UJP R . 8.72 -16.17 -25.57
C06 UJP R . 8.48 -14.87 -27.91
C07 UJP R . 7.59 -16.09 -27.76
C08 UJP R . 7.42 -16.39 -26.28
O01 UJP R . 8.10 -14.63 -23.88
O03 UJP R . 8.29 -16.78 -23.34
S05 UJP R . 9.55 -14.78 -26.44
#